data_4A99
#
_entry.id   4A99
#
_cell.length_a   68.878
_cell.length_b   80.334
_cell.length_c   86.627
_cell.angle_alpha   110.82
_cell.angle_beta   90.27
_cell.angle_gamma   93.39
#
_symmetry.space_group_name_H-M   'P 1'
#
loop_
_entity.id
_entity.type
_entity.pdbx_description
1 polymer 'TETX2 PROTEIN'
2 non-polymer 'FLAVIN-ADENINE DINUCLEOTIDE'
3 non-polymer '(4S,4AS,5AR,12AS)-4,7-BIS(DIMETHYLAMINO)-3,10,12,12A-TETRAHYDROXY-1,11-DIOXO-1,4,4A,5,5A,6,11,12A-OCTAHYDROTETRACENE-2- CARBOXAMIDE'
4 non-polymer 'SULFATE ION'
5 water water
#
_entity_poly.entity_id   1
_entity_poly.type   'polypeptide(L)'
_entity_poly.pdbx_seq_one_letter_code
;MGSSHHHHHHSSGLVPRGSHMNLLSDKNVAIIGGGPVGLTMAKLLQQNGIDVSVYERDNDREARIFGGTLDLHKGSGQEA
MKKAGLLQTYYDLALPMGVNIADEKGNILSTKNVKPENRFDNPEINRNDLRAILLNSLENDTVIWDRKLVMLEPGKKKWT
LTFENKPSETADLVILANGGMSKVRKFVTDTEVEETGTFNIQADIHQPEINCPGFFQLCNGNRLMASHQGNLLFANPNNN
GALHFGISFKTPDEWKNQTQVDFQNRNSVVDFLLKEFSDWDERYKELIHTTLSFVGLATRIFPLEKPWKSKRPLPITMIG
DAAHLMPPFAGQGVNSGLVDALILSDNLADGKFNSIEEAVKNYEQQMFIYGKEAQEESTQNEIEMFKPDFTFQQLLNV
;
_entity_poly.pdbx_strand_id   A,B,C,D
#
loop_
_chem_comp.id
_chem_comp.type
_chem_comp.name
_chem_comp.formula
FAD non-polymer 'FLAVIN-ADENINE DINUCLEOTIDE' 'C27 H33 N9 O15 P2'
MIY non-polymer '(4S,4AS,5AR,12AS)-4,7-BIS(DIMETHYLAMINO)-3,10,12,12A-TETRAHYDROXY-1,11-DIOXO-1,4,4A,5,5A,6,11,12A-OCTAHYDROTETRACENE-2- CARBOXAMIDE' 'C23 H27 N3 O7'
SO4 non-polymer 'SULFATE ION' 'O4 S -2'
#
# COMPACT_ATOMS: atom_id res chain seq x y z
N ASN A 22 -31.96 -1.87 27.94
CA ASN A 22 -31.61 -2.67 26.74
C ASN A 22 -32.88 -3.17 26.01
N LEU A 23 -33.27 -2.49 24.93
CA LEU A 23 -34.36 -2.94 24.05
C LEU A 23 -34.30 -4.43 23.64
N LEU A 24 -33.11 -5.04 23.70
CA LEU A 24 -32.97 -6.42 23.25
C LEU A 24 -32.87 -7.46 24.36
N SER A 25 -33.25 -7.05 25.57
CA SER A 25 -33.00 -7.85 26.76
C SER A 25 -33.30 -9.34 26.67
N ASP A 26 -34.51 -9.73 26.29
CA ASP A 26 -34.72 -11.18 26.21
C ASP A 26 -34.83 -11.66 24.77
N LYS A 27 -34.07 -11.00 23.90
CA LYS A 27 -34.29 -11.14 22.47
C LYS A 27 -33.01 -11.43 21.69
N ASN A 28 -33.17 -11.89 20.47
CA ASN A 28 -31.99 -12.17 19.68
C ASN A 28 -31.99 -11.45 18.33
N VAL A 29 -30.81 -11.25 17.80
CA VAL A 29 -30.69 -10.48 16.53
C VAL A 29 -30.11 -11.46 15.51
N ALA A 30 -30.68 -11.56 14.31
CA ALA A 30 -30.05 -12.33 13.22
C ALA A 30 -29.50 -11.35 12.22
N ILE A 31 -28.17 -11.43 12.01
CA ILE A 31 -27.54 -10.59 11.01
C ILE A 31 -27.37 -11.47 9.84
N ILE A 32 -27.85 -10.99 8.69
CA ILE A 32 -27.73 -11.78 7.48
C ILE A 32 -26.52 -11.28 6.71
N GLY A 33 -25.52 -12.16 6.59
CA GLY A 33 -24.30 -11.83 5.81
C GLY A 33 -23.12 -11.49 6.74
N GLY A 34 -21.97 -12.13 6.51
CA GLY A 34 -20.80 -11.88 7.33
C GLY A 34 -19.73 -11.15 6.52
N GLY A 35 -20.14 -10.06 5.85
CA GLY A 35 -19.19 -9.24 5.15
C GLY A 35 -18.56 -8.34 6.21
N PRO A 36 -17.70 -7.43 5.78
CA PRO A 36 -17.08 -6.53 6.80
C PRO A 36 -18.15 -5.83 7.62
N VAL A 37 -19.31 -5.53 7.02
CA VAL A 37 -20.32 -4.73 7.67
C VAL A 37 -21.10 -5.57 8.63
N GLY A 38 -21.47 -6.80 8.20
CA GLY A 38 -22.27 -7.67 9.07
C GLY A 38 -21.43 -8.04 10.26
N LEU A 39 -20.16 -8.28 10.06
CA LEU A 39 -19.31 -8.77 11.18
C LEU A 39 -19.04 -7.65 12.17
N THR A 40 -18.89 -6.44 11.65
CA THR A 40 -18.69 -5.31 12.54
C THR A 40 -19.94 -5.07 13.41
N MET A 41 -21.09 -5.17 12.79
CA MET A 41 -22.33 -5.06 13.45
C MET A 41 -22.42 -6.10 14.59
N ALA A 42 -22.10 -7.35 14.29
CA ALA A 42 -22.17 -8.44 15.30
C ALA A 42 -21.28 -8.12 16.49
N LYS A 43 -20.06 -7.65 16.17
CA LYS A 43 -19.11 -7.28 17.19
C LYS A 43 -19.67 -6.19 18.10
N LEU A 44 -20.16 -5.10 17.51
CA LEU A 44 -20.69 -3.95 18.31
C LEU A 44 -21.89 -4.30 19.21
N LEU A 45 -22.79 -5.14 18.69
CA LEU A 45 -23.86 -5.74 19.48
C LEU A 45 -23.36 -6.67 20.55
N GLN A 46 -22.48 -7.57 20.18
CA GLN A 46 -22.02 -8.59 21.14
C GLN A 46 -21.29 -7.95 22.33
N GLN A 47 -20.51 -6.90 22.10
CA GLN A 47 -19.89 -6.23 23.28
C GLN A 47 -20.84 -5.51 24.25
N ASN A 48 -22.13 -5.41 23.90
CA ASN A 48 -23.10 -4.86 24.81
C ASN A 48 -23.98 -5.96 25.36
N GLY A 49 -23.58 -7.21 25.17
CA GLY A 49 -24.32 -8.36 25.79
C GLY A 49 -25.54 -8.84 25.02
N ILE A 50 -25.67 -8.35 23.80
CA ILE A 50 -26.80 -8.65 22.96
C ILE A 50 -26.52 -9.98 22.26
N ASP A 51 -27.56 -10.80 22.18
CA ASP A 51 -27.50 -12.13 21.67
C ASP A 51 -27.70 -12.01 20.17
N VAL A 52 -26.66 -12.30 19.38
CA VAL A 52 -26.70 -12.06 17.92
C VAL A 52 -26.07 -13.26 17.24
N SER A 53 -26.66 -13.74 16.15
CA SER A 53 -25.95 -14.68 15.27
C SER A 53 -25.74 -14.01 13.91
N VAL A 54 -24.66 -14.39 13.25
CA VAL A 54 -24.46 -13.98 11.90
C VAL A 54 -24.65 -15.22 11.02
N TYR A 55 -25.51 -15.11 10.02
CA TYR A 55 -25.73 -16.19 9.04
C TYR A 55 -25.01 -15.88 7.74
N GLU A 56 -24.08 -16.75 7.35
CA GLU A 56 -23.24 -16.42 6.25
C GLU A 56 -23.23 -17.52 5.25
N ARG A 57 -23.51 -17.15 4.01
CA ARG A 57 -23.53 -18.00 2.84
C ARG A 57 -22.24 -18.80 2.62
N ASP A 58 -21.07 -18.16 2.73
CA ASP A 58 -19.82 -18.86 2.56
C ASP A 58 -19.76 -20.14 3.38
N ASN A 59 -19.21 -21.15 2.74
CA ASN A 59 -19.02 -22.45 3.30
C ASN A 59 -18.27 -22.55 4.62
N ASP A 60 -17.23 -21.75 4.80
CA ASP A 60 -16.40 -21.84 6.01
C ASP A 60 -15.55 -20.59 6.01
N ARG A 61 -14.93 -20.31 7.16
CA ARG A 61 -14.20 -19.05 7.32
C ARG A 61 -12.99 -18.83 6.43
N GLU A 62 -12.50 -19.89 5.77
CA GLU A 62 -11.36 -19.79 4.88
C GLU A 62 -11.71 -19.60 3.38
N ALA A 63 -13.00 -19.52 3.01
CA ALA A 63 -13.37 -19.13 1.62
C ALA A 63 -12.64 -17.83 1.21
N ARG A 64 -11.99 -17.84 0.05
CA ARG A 64 -11.32 -16.63 -0.47
C ARG A 64 -12.34 -15.54 -0.80
N ILE A 65 -12.03 -14.29 -0.48
CA ILE A 65 -12.94 -13.18 -0.80
C ILE A 65 -12.36 -12.52 -2.04
N PHE A 66 -13.05 -12.62 -3.16
CA PHE A 66 -12.52 -11.98 -4.33
C PHE A 66 -12.67 -10.44 -4.20
N GLY A 67 -11.67 -9.73 -4.73
CA GLY A 67 -11.72 -8.26 -4.78
C GLY A 67 -10.40 -7.67 -4.27
N GLY A 68 -10.29 -6.35 -4.43
CA GLY A 68 -9.17 -5.60 -3.97
C GLY A 68 -9.11 -5.44 -2.46
N THR A 69 -8.28 -4.47 -2.01
CA THR A 69 -8.11 -4.16 -0.64
C THR A 69 -9.17 -3.12 -0.27
N LEU A 70 -9.37 -2.94 1.01
CA LEU A 70 -10.31 -1.96 1.55
C LEU A 70 -9.49 -0.94 2.33
N ASP A 71 -9.96 0.31 2.39
CA ASP A 71 -9.32 1.21 3.27
C ASP A 71 -10.34 1.89 4.16
N LEU A 72 -9.99 1.98 5.43
CA LEU A 72 -10.85 2.53 6.49
C LEU A 72 -10.47 3.98 6.84
N HIS A 73 -11.48 4.85 6.79
CA HIS A 73 -11.21 6.25 6.93
C HIS A 73 -11.38 6.71 8.37
N LYS A 74 -10.57 7.68 8.75
CA LYS A 74 -10.70 8.41 10.02
C LYS A 74 -12.05 9.12 10.00
N GLY A 75 -12.75 9.01 11.10
CA GLY A 75 -14.09 9.61 11.24
C GLY A 75 -15.21 8.68 10.80
N SER A 76 -14.89 7.55 10.18
CA SER A 76 -15.97 6.66 9.75
C SER A 76 -15.61 5.21 10.01
N GLY A 77 -15.00 4.53 9.05
CA GLY A 77 -14.64 3.15 9.27
C GLY A 77 -13.72 2.90 10.44
N GLN A 78 -12.77 3.81 10.66
CA GLN A 78 -11.83 3.62 11.77
C GLN A 78 -12.55 3.83 13.07
N GLU A 79 -13.56 4.71 13.09
CA GLU A 79 -14.38 4.92 14.32
C GLU A 79 -15.06 3.65 14.70
N ALA A 80 -15.62 2.93 13.70
CA ALA A 80 -16.26 1.66 14.02
C ALA A 80 -15.26 0.67 14.62
N MET A 81 -14.08 0.48 13.98
CA MET A 81 -13.00 -0.38 14.49
C MET A 81 -12.50 0.07 15.90
N LYS A 82 -12.26 1.35 16.09
CA LYS A 82 -11.99 1.91 17.41
C LYS A 82 -13.07 1.41 18.41
N LYS A 83 -14.36 1.59 18.12
CA LYS A 83 -15.42 1.21 19.08
C LYS A 83 -15.37 -0.30 19.37
N ALA A 84 -15.00 -1.07 18.34
CA ALA A 84 -14.85 -2.52 18.46
C ALA A 84 -13.59 -2.96 19.22
N GLY A 85 -12.70 -2.01 19.57
CA GLY A 85 -11.37 -2.35 20.13
C GLY A 85 -10.42 -3.00 19.09
N LEU A 86 -10.63 -2.77 17.78
CA LEU A 86 -9.92 -3.45 16.67
C LEU A 86 -9.07 -2.52 15.80
N LEU A 87 -8.98 -1.25 16.15
CA LEU A 87 -8.27 -0.29 15.30
C LEU A 87 -6.76 -0.60 15.14
N GLN A 88 -6.10 -0.90 16.23
CA GLN A 88 -4.69 -1.22 16.21
C GLN A 88 -4.48 -2.48 15.37
N THR A 89 -5.33 -3.47 15.58
CA THR A 89 -5.30 -4.65 14.73
C THR A 89 -5.49 -4.33 13.26
N TYR A 90 -6.42 -3.44 12.91
CA TYR A 90 -6.50 -2.99 11.49
C TYR A 90 -5.16 -2.33 11.07
N TYR A 91 -4.59 -1.48 11.91
CA TYR A 91 -3.32 -0.90 11.60
C TYR A 91 -2.21 -1.92 11.34
N ASP A 92 -2.15 -2.98 12.16
CA ASP A 92 -1.02 -3.92 12.15
C ASP A 92 -1.03 -4.68 10.82
N LEU A 93 -2.22 -4.92 10.28
CA LEU A 93 -2.36 -5.77 9.13
C LEU A 93 -2.43 -4.98 7.82
N ALA A 94 -2.67 -3.66 7.89
CA ALA A 94 -3.01 -2.89 6.77
C ALA A 94 -1.68 -2.35 6.24
N LEU A 95 -1.73 -1.75 5.09
CA LEU A 95 -0.48 -1.32 4.44
C LEU A 95 -0.84 0.05 3.82
N PRO A 96 -0.17 1.13 4.25
CA PRO A 96 -0.29 2.43 3.55
C PRO A 96 0.37 2.31 2.19
N MET A 97 -0.24 2.91 1.18
CA MET A 97 0.22 2.82 -0.15
C MET A 97 0.25 4.15 -0.86
N GLY A 98 1.31 4.33 -1.65
CA GLY A 98 1.46 5.51 -2.46
C GLY A 98 0.50 5.32 -3.61
N VAL A 99 0.41 6.31 -4.52
CA VAL A 99 -0.43 6.21 -5.70
C VAL A 99 0.35 6.83 -6.84
N ASN A 100 0.45 6.12 -7.96
CA ASN A 100 1.09 6.61 -9.14
C ASN A 100 -0.01 6.85 -10.15
N ILE A 101 0.04 7.99 -10.80
CA ILE A 101 -0.89 8.22 -11.89
C ILE A 101 -0.04 8.14 -13.16
N ALA A 102 -0.50 7.37 -14.15
CA ALA A 102 0.26 7.12 -15.37
C ALA A 102 -0.63 7.34 -16.57
N ASP A 103 0.00 7.56 -17.74
CA ASP A 103 -0.73 7.57 -18.98
C ASP A 103 -0.67 6.22 -19.66
N GLU A 104 -1.38 6.08 -20.78
CA GLU A 104 -1.42 4.84 -21.51
C GLU A 104 -0.08 4.47 -22.13
N LYS A 105 0.89 5.40 -22.12
CA LYS A 105 2.23 5.12 -22.63
C LYS A 105 3.14 4.68 -21.53
N GLY A 106 2.65 4.71 -20.29
CA GLY A 106 3.47 4.26 -19.17
C GLY A 106 4.36 5.34 -18.61
N ASN A 107 4.14 6.58 -19.04
CA ASN A 107 4.81 7.68 -18.37
C ASN A 107 4.17 7.84 -16.98
N ILE A 108 4.98 7.97 -15.93
CA ILE A 108 4.44 8.36 -14.62
C ILE A 108 4.14 9.87 -14.69
N LEU A 109 2.89 10.22 -14.51
CA LEU A 109 2.53 11.63 -14.53
C LEU A 109 2.63 12.23 -13.14
N SER A 110 2.47 11.39 -12.13
CA SER A 110 2.49 11.90 -10.78
C SER A 110 2.70 10.72 -9.88
N THR A 111 3.47 10.95 -8.82
CA THR A 111 3.76 9.95 -7.79
C THR A 111 3.44 10.57 -6.45
N LYS A 112 2.51 10.03 -5.67
CA LYS A 112 2.25 10.55 -4.33
C LYS A 112 2.59 9.48 -3.28
N ASN A 113 3.70 9.64 -2.57
CA ASN A 113 4.03 8.65 -1.54
C ASN A 113 3.33 8.91 -0.22
N VAL A 114 3.24 7.91 0.63
CA VAL A 114 2.61 8.12 1.92
C VAL A 114 3.67 8.78 2.82
N LYS A 115 3.35 9.96 3.35
CA LYS A 115 4.18 10.65 4.31
C LYS A 115 3.98 10.04 5.74
N PRO A 116 5.08 9.95 6.52
CA PRO A 116 4.99 9.26 7.79
C PRO A 116 3.73 9.69 8.54
N GLU A 117 3.44 10.98 8.56
CA GLU A 117 2.28 11.55 9.27
C GLU A 117 0.91 11.09 8.76
N ASN A 118 0.83 10.58 7.53
CA ASN A 118 -0.44 10.11 6.97
C ASN A 118 -0.55 8.61 6.91
N ARG A 119 0.41 7.87 7.46
CA ARG A 119 0.42 6.41 7.34
C ARG A 119 -0.86 5.74 7.90
N PHE A 120 -1.52 6.44 8.83
CA PHE A 120 -2.70 5.91 9.50
C PHE A 120 -4.02 6.46 8.93
N ASP A 121 -3.94 7.27 7.88
CA ASP A 121 -5.14 7.90 7.39
C ASP A 121 -6.11 6.87 6.80
N ASN A 122 -5.61 5.95 5.95
CA ASN A 122 -6.43 4.95 5.29
C ASN A 122 -5.56 3.81 4.65
N PRO A 123 -4.79 3.10 5.51
CA PRO A 123 -3.95 2.02 4.97
C PRO A 123 -4.81 0.91 4.37
N GLU A 124 -4.33 0.26 3.30
CA GLU A 124 -5.09 -0.73 2.56
C GLU A 124 -5.05 -2.06 3.33
N ILE A 125 -6.23 -2.69 3.47
CA ILE A 125 -6.29 -4.02 4.07
C ILE A 125 -6.95 -5.02 3.14
N ASN A 126 -6.35 -6.19 3.11
CA ASN A 126 -6.90 -7.33 2.39
C ASN A 126 -8.20 -7.75 3.06
N ARG A 127 -9.16 -8.24 2.26
CA ARG A 127 -10.53 -8.51 2.70
C ARG A 127 -10.64 -9.73 3.54
N ASN A 128 -9.83 -10.75 3.21
CA ASN A 128 -9.69 -11.87 4.16
C ASN A 128 -9.01 -11.51 5.45
N ASP A 129 -7.95 -10.68 5.39
CA ASP A 129 -7.34 -10.14 6.64
C ASP A 129 -8.39 -9.43 7.49
N LEU A 130 -9.22 -8.57 6.87
CA LEU A 130 -10.18 -7.79 7.62
C LEU A 130 -11.25 -8.73 8.25
N ARG A 131 -11.80 -9.65 7.43
CA ARG A 131 -12.66 -10.72 7.94
C ARG A 131 -12.09 -11.50 9.08
N ALA A 132 -10.86 -11.96 8.93
CA ALA A 132 -10.21 -12.65 10.06
C ALA A 132 -10.14 -11.80 11.35
N ILE A 133 -9.87 -10.50 11.26
CA ILE A 133 -9.81 -9.64 12.45
C ILE A 133 -11.18 -9.59 13.15
N LEU A 134 -12.20 -9.39 12.33
CA LEU A 134 -13.54 -9.34 12.81
C LEU A 134 -13.98 -10.67 13.38
N LEU A 135 -13.70 -11.77 12.70
CA LEU A 135 -14.19 -13.08 13.19
C LEU A 135 -13.59 -13.42 14.53
N ASN A 136 -12.29 -13.19 14.64
CA ASN A 136 -11.55 -13.45 15.84
C ASN A 136 -12.11 -12.64 17.09
N SER A 137 -12.74 -11.48 16.86
CA SER A 137 -13.18 -10.58 17.92
C SER A 137 -14.49 -11.05 18.54
N LEU A 138 -15.15 -11.97 17.85
CA LEU A 138 -16.46 -12.46 18.21
C LEU A 138 -16.40 -13.74 19.06
N GLU A 139 -17.39 -13.95 19.92
CA GLU A 139 -17.43 -15.23 20.64
C GLU A 139 -17.53 -16.37 19.66
N ASN A 140 -17.12 -17.56 20.08
CA ASN A 140 -17.19 -18.76 19.24
C ASN A 140 -18.64 -19.01 18.84
N ASP A 141 -18.84 -19.43 17.59
CA ASP A 141 -20.16 -19.74 17.06
C ASP A 141 -21.14 -18.59 16.99
N THR A 142 -20.66 -17.37 16.92
CA THR A 142 -21.51 -16.24 16.59
C THR A 142 -21.91 -16.37 15.14
N VAL A 143 -20.95 -16.67 14.26
CA VAL A 143 -21.19 -16.86 12.84
C VAL A 143 -21.56 -18.30 12.54
N ILE A 144 -22.64 -18.47 11.79
CA ILE A 144 -23.08 -19.79 11.33
C ILE A 144 -22.87 -19.86 9.82
N TRP A 145 -21.95 -20.73 9.42
CA TRP A 145 -21.48 -20.78 8.06
C TRP A 145 -22.40 -21.66 7.27
N ASP A 146 -22.30 -21.56 5.94
CA ASP A 146 -23.03 -22.37 5.02
C ASP A 146 -24.53 -22.19 5.23
N ARG A 147 -24.94 -20.93 5.40
CA ARG A 147 -26.30 -20.54 5.66
C ARG A 147 -26.68 -19.47 4.64
N LYS A 148 -27.34 -19.91 3.58
CA LYS A 148 -27.77 -18.98 2.58
C LYS A 148 -29.23 -18.64 2.86
N LEU A 149 -29.48 -17.49 3.47
CA LEU A 149 -30.87 -17.00 3.61
C LEU A 149 -31.60 -16.91 2.26
N VAL A 150 -32.68 -17.68 2.11
CA VAL A 150 -33.47 -17.61 0.86
C VAL A 150 -34.86 -16.93 1.08
N MET A 151 -35.30 -16.84 2.34
CA MET A 151 -36.64 -16.36 2.60
C MET A 151 -36.83 -15.94 4.04
N LEU A 152 -37.67 -14.94 4.23
CA LEU A 152 -37.93 -14.35 5.54
C LEU A 152 -39.42 -14.36 5.69
N GLU A 153 -39.92 -14.53 6.90
CA GLU A 153 -41.35 -14.61 7.07
C GLU A 153 -41.69 -14.15 8.47
N PRO A 154 -42.51 -13.09 8.60
CA PRO A 154 -42.87 -12.54 9.94
C PRO A 154 -43.91 -13.39 10.66
N GLY A 155 -43.57 -13.89 11.85
CA GLY A 155 -44.58 -14.52 12.66
C GLY A 155 -45.18 -13.50 13.59
N LYS A 156 -45.65 -13.99 14.72
CA LYS A 156 -46.34 -13.23 15.74
C LYS A 156 -45.39 -12.26 16.45
N LYS A 157 -44.27 -12.78 16.92
CA LYS A 157 -43.26 -12.01 17.66
C LYS A 157 -41.90 -12.15 16.98
N LYS A 158 -41.72 -13.26 16.28
CA LYS A 158 -40.41 -13.63 15.75
C LYS A 158 -40.46 -13.83 14.24
N TRP A 159 -39.36 -13.40 13.59
CA TRP A 159 -39.15 -13.74 12.20
C TRP A 159 -38.76 -15.15 12.08
N THR A 160 -39.34 -15.86 11.12
CA THR A 160 -38.78 -17.14 10.73
C THR A 160 -37.88 -16.95 9.49
N LEU A 161 -36.70 -17.57 9.55
CA LEU A 161 -35.66 -17.41 8.56
C LEU A 161 -35.37 -18.76 7.94
N THR A 162 -35.47 -18.82 6.62
CA THR A 162 -35.25 -20.02 5.84
C THR A 162 -33.87 -20.02 5.18
N PHE A 163 -33.13 -21.10 5.41
CA PHE A 163 -31.79 -21.23 4.88
C PHE A 163 -31.77 -22.41 3.93
N GLU A 164 -31.09 -22.24 2.78
CA GLU A 164 -31.14 -23.31 1.79
C GLU A 164 -30.56 -24.58 2.35
N ASN A 165 -31.36 -25.64 2.29
CA ASN A 165 -31.00 -26.97 2.76
C ASN A 165 -30.42 -26.99 4.21
N LYS A 166 -30.98 -26.17 5.10
CA LYS A 166 -30.50 -26.12 6.50
C LYS A 166 -31.63 -25.73 7.43
N PRO A 167 -31.47 -26.02 8.73
CA PRO A 167 -32.65 -25.82 9.58
C PRO A 167 -33.07 -24.36 9.60
N SER A 168 -34.34 -24.10 9.81
CA SER A 168 -34.83 -22.74 9.95
C SER A 168 -34.45 -22.22 11.31
N GLU A 169 -34.43 -20.89 11.45
CA GLU A 169 -34.11 -20.22 12.69
C GLU A 169 -35.11 -19.10 12.89
N THR A 170 -35.17 -18.56 14.11
CA THR A 170 -36.05 -17.43 14.38
C THR A 170 -35.25 -16.27 14.98
N ALA A 171 -35.75 -15.04 14.86
CA ALA A 171 -35.09 -13.92 15.53
C ALA A 171 -36.11 -12.83 15.78
N ASP A 172 -35.89 -11.98 16.77
CA ASP A 172 -36.76 -10.82 17.06
C ASP A 172 -36.40 -9.65 16.16
N LEU A 173 -35.15 -9.58 15.71
CA LEU A 173 -34.74 -8.50 14.82
C LEU A 173 -33.85 -9.08 13.72
N VAL A 174 -34.15 -8.73 12.46
CA VAL A 174 -33.28 -9.15 11.36
C VAL A 174 -32.56 -7.91 10.88
N ILE A 175 -31.24 -8.05 10.70
CA ILE A 175 -30.49 -7.01 10.08
C ILE A 175 -29.91 -7.57 8.82
N LEU A 176 -30.35 -7.03 7.68
CA LEU A 176 -29.82 -7.47 6.40
C LEU A 176 -28.46 -6.81 6.19
N ALA A 177 -27.39 -7.63 6.07
CA ALA A 177 -26.00 -7.12 5.81
C ALA A 177 -25.41 -7.95 4.67
N ASN A 178 -26.30 -8.38 3.78
CA ASN A 178 -25.96 -9.41 2.84
C ASN A 178 -25.62 -8.89 1.44
N GLY A 179 -25.14 -7.64 1.38
CA GLY A 179 -24.60 -7.14 0.10
C GLY A 179 -25.58 -6.54 -0.88
N GLY A 180 -25.05 -5.88 -1.91
CA GLY A 180 -25.87 -5.03 -2.76
C GLY A 180 -26.90 -5.78 -3.61
N MET A 181 -26.72 -7.09 -3.81
CA MET A 181 -27.71 -7.90 -4.60
C MET A 181 -28.66 -8.62 -3.69
N SER A 182 -28.81 -8.15 -2.45
CA SER A 182 -29.70 -8.85 -1.51
C SER A 182 -31.11 -9.06 -2.13
N LYS A 183 -31.68 -10.24 -1.98
CA LYS A 183 -32.93 -10.58 -2.66
C LYS A 183 -34.04 -10.58 -1.66
N VAL A 184 -33.73 -10.20 -0.42
CA VAL A 184 -34.65 -10.39 0.67
C VAL A 184 -35.01 -9.05 1.30
N ARG A 185 -35.08 -8.00 0.50
CA ARG A 185 -35.27 -6.62 0.97
C ARG A 185 -36.73 -6.15 1.04
N LYS A 186 -37.64 -6.88 0.36
CA LYS A 186 -39.03 -6.46 0.22
C LYS A 186 -39.74 -5.99 1.52
N PHE A 187 -39.47 -6.59 2.67
CA PHE A 187 -40.15 -6.12 3.91
C PHE A 187 -39.70 -4.71 4.36
N VAL A 188 -38.57 -4.25 3.84
CA VAL A 188 -38.03 -2.90 4.14
C VAL A 188 -38.36 -1.86 3.05
N THR A 189 -38.32 -2.29 1.80
CA THR A 189 -38.47 -1.40 0.67
C THR A 189 -38.62 -2.19 -0.63
N ASP A 190 -39.27 -1.55 -1.59
CA ASP A 190 -39.53 -2.06 -2.94
C ASP A 190 -38.51 -1.53 -3.93
N THR A 191 -37.65 -0.60 -3.51
CA THR A 191 -36.57 -0.05 -4.36
C THR A 191 -35.76 -1.23 -4.94
N GLU A 192 -35.37 -1.13 -6.20
CA GLU A 192 -34.48 -2.13 -6.80
C GLU A 192 -33.13 -1.54 -7.16
N VAL A 193 -32.16 -2.42 -7.25
CA VAL A 193 -30.86 -2.09 -7.68
C VAL A 193 -30.97 -1.58 -9.13
N GLU A 194 -30.16 -0.59 -9.51
CA GLU A 194 -30.13 -0.09 -10.92
C GLU A 194 -28.69 -0.11 -11.45
N GLU A 195 -28.54 -0.26 -12.75
CA GLU A 195 -27.23 -0.21 -13.41
C GLU A 195 -26.96 1.24 -13.71
N THR A 196 -25.76 1.70 -13.43
CA THR A 196 -25.50 3.11 -13.55
C THR A 196 -24.99 3.47 -14.95
N GLY A 197 -24.56 2.47 -15.72
CA GLY A 197 -24.00 2.71 -17.07
C GLY A 197 -22.49 2.43 -17.23
N THR A 198 -21.76 2.12 -16.17
CA THR A 198 -20.35 1.76 -16.33
C THR A 198 -20.21 0.28 -16.04
N PHE A 199 -19.09 -0.28 -16.48
CA PHE A 199 -18.82 -1.68 -16.36
C PHE A 199 -17.36 -1.85 -15.86
N ASN A 200 -17.15 -2.89 -15.01
CA ASN A 200 -15.86 -3.22 -14.35
C ASN A 200 -15.37 -4.65 -14.62
N ILE A 201 -14.11 -4.79 -15.03
CA ILE A 201 -13.52 -6.07 -15.16
C ILE A 201 -12.43 -6.07 -14.14
N GLN A 202 -12.41 -7.07 -13.28
CA GLN A 202 -11.46 -7.16 -12.19
C GLN A 202 -10.73 -8.47 -12.29
N ALA A 203 -9.46 -8.51 -11.84
CA ALA A 203 -8.69 -9.74 -11.88
C ALA A 203 -7.51 -9.67 -10.94
N ASP A 204 -6.98 -10.86 -10.62
CA ASP A 204 -5.75 -11.00 -9.86
C ASP A 204 -4.67 -11.60 -10.68
N ILE A 205 -3.43 -11.16 -10.43
CA ILE A 205 -2.25 -11.83 -10.99
C ILE A 205 -1.32 -12.19 -9.84
N HIS A 206 -1.04 -13.47 -9.69
CA HIS A 206 -0.12 -13.98 -8.70
C HIS A 206 1.29 -13.87 -9.22
N GLN A 207 2.25 -13.77 -8.29
CA GLN A 207 3.63 -13.45 -8.60
C GLN A 207 3.80 -12.37 -9.69
N PRO A 208 3.25 -11.18 -9.43
CA PRO A 208 3.24 -10.19 -10.50
C PRO A 208 4.65 -9.76 -10.91
N GLU A 209 5.59 -9.81 -9.95
CA GLU A 209 6.98 -9.52 -10.27
C GLU A 209 7.53 -10.42 -11.38
N ILE A 210 6.92 -11.60 -11.54
CA ILE A 210 7.35 -12.61 -12.52
C ILE A 210 6.41 -12.48 -13.71
N ASN A 211 5.11 -12.25 -13.47
CA ASN A 211 4.09 -12.51 -14.49
C ASN A 211 3.71 -11.26 -15.26
N CYS A 212 3.80 -10.10 -14.62
CA CYS A 212 3.71 -8.83 -15.31
C CYS A 212 4.83 -7.84 -14.86
N PRO A 213 6.10 -8.20 -15.20
CA PRO A 213 7.26 -7.53 -14.57
C PRO A 213 7.26 -6.04 -14.91
N GLY A 214 7.06 -5.72 -16.19
CA GLY A 214 6.99 -4.34 -16.68
C GLY A 214 5.95 -3.54 -15.87
N PHE A 215 4.72 -4.07 -15.79
CA PHE A 215 3.65 -3.37 -15.12
C PHE A 215 3.94 -3.27 -13.63
N PHE A 216 4.44 -4.35 -13.03
CA PHE A 216 4.75 -4.41 -11.59
C PHE A 216 5.77 -3.29 -11.27
N GLN A 217 6.76 -3.11 -12.14
CA GLN A 217 7.79 -2.09 -11.99
C GLN A 217 7.26 -0.71 -12.19
N LEU A 218 6.28 -0.57 -13.07
CA LEU A 218 5.59 0.69 -13.27
C LEU A 218 4.90 1.12 -11.96
N CYS A 219 4.22 0.21 -11.30
CA CYS A 219 3.54 0.52 -9.99
C CYS A 219 4.58 0.81 -8.93
N ASN A 220 5.73 0.10 -9.00
CA ASN A 220 6.88 0.38 -8.07
C ASN A 220 6.38 0.50 -6.62
N GLY A 221 5.58 -0.47 -6.17
CA GLY A 221 5.09 -0.52 -4.73
C GLY A 221 3.93 0.42 -4.46
N ASN A 222 3.61 1.29 -5.42
CA ASN A 222 2.40 2.11 -5.35
C ASN A 222 1.18 1.54 -6.04
N ARG A 223 0.01 2.01 -5.63
CA ARG A 223 -1.18 1.76 -6.43
C ARG A 223 -1.00 2.59 -7.68
N LEU A 224 -1.63 2.18 -8.76
CA LEU A 224 -1.50 2.85 -10.05
C LEU A 224 -2.89 3.08 -10.64
N MET A 225 -3.04 4.21 -11.33
CA MET A 225 -4.27 4.54 -12.04
C MET A 225 -3.89 5.21 -13.34
N ALA A 226 -4.54 4.79 -14.39
CA ALA A 226 -4.32 5.34 -15.73
C ALA A 226 -5.68 5.54 -16.38
N SER A 227 -5.78 6.52 -17.25
CA SER A 227 -7.03 6.85 -17.93
C SER A 227 -6.72 7.16 -19.38
N HIS A 228 -7.49 6.60 -20.31
CA HIS A 228 -7.27 6.94 -21.71
C HIS A 228 -8.46 6.58 -22.52
N GLN A 229 -9.03 7.61 -23.14
CA GLN A 229 -10.10 7.45 -24.13
C GLN A 229 -11.26 6.63 -23.61
N GLY A 230 -11.76 7.00 -22.44
CA GLY A 230 -12.91 6.33 -21.89
C GLY A 230 -12.57 5.03 -21.18
N ASN A 231 -11.33 4.56 -21.24
CA ASN A 231 -10.90 3.37 -20.43
C ASN A 231 -10.05 3.74 -19.22
N LEU A 232 -10.50 3.31 -18.05
CA LEU A 232 -9.77 3.49 -16.79
C LEU A 232 -9.13 2.19 -16.30
N LEU A 233 -7.90 2.27 -15.88
CA LEU A 233 -7.23 1.10 -15.32
C LEU A 233 -6.73 1.46 -13.96
N PHE A 234 -6.92 0.54 -13.00
CA PHE A 234 -6.58 0.72 -11.59
C PHE A 234 -5.87 -0.54 -11.13
N ALA A 235 -4.88 -0.41 -10.26
CA ALA A 235 -4.15 -1.54 -9.81
C ALA A 235 -3.61 -1.34 -8.46
N ASN A 236 -3.64 -2.41 -7.68
CA ASN A 236 -2.92 -2.47 -6.41
C ASN A 236 -1.95 -3.62 -6.55
N PRO A 237 -0.63 -3.31 -6.58
CA PRO A 237 0.32 -4.35 -6.90
C PRO A 237 0.59 -5.28 -5.74
N ASN A 238 0.06 -4.96 -4.56
CA ASN A 238 0.41 -5.75 -3.39
C ASN A 238 -0.75 -5.94 -2.45
N ASN A 239 -1.70 -6.77 -2.88
CA ASN A 239 -2.71 -7.36 -2.04
C ASN A 239 -2.25 -8.74 -1.51
N ASN A 240 -1.56 -8.73 -0.39
CA ASN A 240 -0.96 -9.91 0.18
C ASN A 240 -0.21 -10.64 -0.95
N GLY A 241 0.56 -9.89 -1.72
CA GLY A 241 1.45 -10.48 -2.69
C GLY A 241 0.87 -10.67 -4.09
N ALA A 242 -0.46 -10.52 -4.24
CA ALA A 242 -1.10 -10.65 -5.55
C ALA A 242 -1.31 -9.24 -6.10
N LEU A 243 -1.23 -9.10 -7.40
CA LEU A 243 -1.65 -7.81 -8.01
C LEU A 243 -3.17 -7.86 -8.36
N HIS A 244 -3.97 -6.91 -7.85
CA HIS A 244 -5.33 -6.82 -8.25
C HIS A 244 -5.55 -5.62 -9.13
N PHE A 245 -6.11 -5.82 -10.31
CA PHE A 245 -6.42 -4.68 -11.22
C PHE A 245 -7.85 -4.70 -11.62
N GLY A 246 -8.33 -3.52 -11.98
CA GLY A 246 -9.71 -3.22 -12.39
C GLY A 246 -9.63 -2.33 -13.62
N ILE A 247 -10.47 -2.62 -14.61
CA ILE A 247 -10.59 -1.86 -15.84
C ILE A 247 -12.06 -1.53 -15.92
N SER A 248 -12.33 -0.24 -16.06
CA SER A 248 -13.66 0.31 -15.99
C SER A 248 -13.93 1.18 -17.20
N PHE A 249 -15.15 1.10 -17.73
CA PHE A 249 -15.50 1.87 -18.94
C PHE A 249 -17.01 2.00 -18.99
N LYS A 250 -17.53 2.88 -19.87
CA LYS A 250 -18.96 2.99 -20.05
C LYS A 250 -19.42 1.70 -20.70
N THR A 251 -20.52 1.12 -20.21
CA THR A 251 -21.03 -0.13 -20.80
C THR A 251 -21.27 0.07 -22.30
N PRO A 252 -20.68 -0.79 -23.16
CA PRO A 252 -20.85 -0.61 -24.62
C PRO A 252 -22.29 -0.80 -25.09
N ASP A 253 -22.73 0.04 -26.01
CA ASP A 253 -24.09 -0.07 -26.53
C ASP A 253 -24.46 -1.48 -26.96
N GLU A 254 -23.55 -2.15 -27.67
CA GLU A 254 -23.71 -3.54 -28.14
C GLU A 254 -24.00 -4.61 -27.05
N TRP A 255 -24.00 -4.21 -25.78
CA TRP A 255 -24.21 -5.12 -24.65
C TRP A 255 -25.58 -4.97 -24.05
N THR A 259 -22.53 -8.59 -22.12
CA THR A 259 -23.27 -9.50 -22.98
C THR A 259 -22.43 -10.10 -24.14
N GLN A 260 -21.95 -9.28 -25.11
CA GLN A 260 -21.23 -9.80 -26.30
C GLN A 260 -19.84 -10.37 -25.99
N VAL A 261 -19.48 -10.27 -24.72
CA VAL A 261 -18.27 -10.87 -24.16
C VAL A 261 -18.75 -11.85 -23.09
N ASP A 262 -18.20 -13.07 -23.12
CA ASP A 262 -18.55 -14.09 -22.16
C ASP A 262 -17.43 -14.21 -21.09
N PHE A 263 -17.76 -13.96 -19.82
CA PHE A 263 -16.74 -13.86 -18.74
C PHE A 263 -16.20 -15.19 -18.24
N GLN A 264 -16.89 -16.27 -18.63
CA GLN A 264 -16.39 -17.65 -18.50
C GLN A 264 -15.33 -18.04 -19.55
N ASN A 265 -15.23 -17.27 -20.64
CA ASN A 265 -14.30 -17.53 -21.73
C ASN A 265 -13.19 -16.48 -21.77
N ARG A 266 -12.02 -16.79 -21.20
CA ARG A 266 -10.95 -15.80 -21.11
C ARG A 266 -10.58 -15.27 -22.49
N ASN A 267 -10.71 -16.10 -23.52
CA ASN A 267 -10.43 -15.68 -24.90
C ASN A 267 -11.28 -14.50 -25.36
N SER A 268 -12.57 -14.51 -25.08
CA SER A 268 -13.39 -13.39 -25.52
C SER A 268 -13.18 -12.14 -24.68
N VAL A 269 -12.89 -12.29 -23.38
CA VAL A 269 -12.47 -11.16 -22.58
C VAL A 269 -11.15 -10.54 -23.08
N VAL A 270 -10.13 -11.38 -23.26
CA VAL A 270 -8.86 -10.95 -23.81
C VAL A 270 -9.03 -10.22 -25.15
N ASP A 271 -9.84 -10.79 -26.05
CA ASP A 271 -10.08 -10.18 -27.37
C ASP A 271 -10.62 -8.77 -27.24
N PHE A 272 -11.63 -8.61 -26.41
CA PHE A 272 -12.28 -7.36 -26.17
C PHE A 272 -11.31 -6.34 -25.58
N LEU A 273 -10.60 -6.75 -24.53
CA LEU A 273 -9.65 -5.90 -23.81
C LEU A 273 -8.49 -5.46 -24.70
N LEU A 274 -7.85 -6.42 -25.39
CA LEU A 274 -6.79 -6.08 -26.35
C LEU A 274 -7.23 -5.06 -27.38
N LYS A 275 -8.48 -5.13 -27.85
CA LYS A 275 -8.97 -4.13 -28.82
C LYS A 275 -9.13 -2.79 -28.15
N GLU A 276 -9.68 -2.79 -26.93
CA GLU A 276 -9.92 -1.53 -26.22
C GLU A 276 -8.61 -0.86 -25.86
N PHE A 277 -7.65 -1.69 -25.43
CA PHE A 277 -6.29 -1.27 -25.04
C PHE A 277 -5.21 -1.32 -26.16
N SER A 278 -5.61 -1.30 -27.43
CA SER A 278 -4.65 -1.50 -28.55
C SER A 278 -3.63 -0.38 -28.57
N ASP A 279 -4.07 0.75 -28.07
CA ASP A 279 -3.38 2.02 -27.96
C ASP A 279 -2.35 2.08 -26.80
N TRP A 280 -2.49 1.19 -25.83
CA TRP A 280 -1.73 1.25 -24.58
C TRP A 280 -0.39 0.61 -24.70
N ASP A 281 0.56 1.08 -23.90
CA ASP A 281 1.88 0.46 -23.85
C ASP A 281 1.75 -1.07 -23.62
N GLU A 282 2.76 -1.80 -24.12
CA GLU A 282 2.85 -3.24 -24.03
C GLU A 282 2.78 -3.80 -22.58
N ARG A 283 3.33 -3.11 -21.60
CA ARG A 283 3.18 -3.56 -20.20
C ARG A 283 1.78 -3.66 -19.71
N TYR A 284 0.87 -2.77 -20.15
CA TYR A 284 -0.55 -2.95 -19.80
C TYR A 284 -1.16 -4.17 -20.51
N LYS A 285 -0.75 -4.40 -21.76
CA LYS A 285 -1.26 -5.55 -22.54
C LYS A 285 -0.82 -6.87 -21.88
N GLU A 286 0.39 -6.87 -21.33
CA GLU A 286 0.99 -8.08 -20.80
C GLU A 286 0.13 -8.43 -19.61
N LEU A 287 -0.37 -7.39 -18.96
CA LEU A 287 -1.27 -7.57 -17.86
C LEU A 287 -2.55 -8.32 -18.31
N ILE A 288 -3.12 -7.91 -19.45
CA ILE A 288 -4.31 -8.56 -19.95
C ILE A 288 -3.98 -10.00 -20.45
N HIS A 289 -2.86 -10.17 -21.16
CA HIS A 289 -2.44 -11.51 -21.65
C HIS A 289 -2.20 -12.52 -20.54
N THR A 290 -1.69 -12.07 -19.41
CA THR A 290 -1.18 -12.98 -18.45
C THR A 290 -2.29 -13.42 -17.47
N THR A 291 -3.40 -12.70 -17.43
CA THR A 291 -4.48 -12.95 -16.48
C THR A 291 -5.22 -14.26 -16.78
N LEU A 292 -5.42 -15.10 -15.78
CA LEU A 292 -6.02 -16.38 -16.01
C LEU A 292 -7.51 -16.27 -16.15
N SER A 293 -8.15 -15.46 -15.29
CA SER A 293 -9.58 -15.30 -15.33
C SER A 293 -10.01 -13.93 -14.87
N PHE A 294 -11.04 -13.41 -15.51
CA PHE A 294 -11.59 -12.06 -15.28
C PHE A 294 -12.98 -12.16 -14.70
N VAL A 295 -13.33 -11.24 -13.81
CA VAL A 295 -14.69 -11.09 -13.33
C VAL A 295 -15.29 -9.83 -13.93
N GLY A 296 -16.43 -9.98 -14.60
CA GLY A 296 -17.03 -8.82 -15.22
C GLY A 296 -18.19 -8.40 -14.34
N LEU A 297 -18.29 -7.13 -13.97
CA LEU A 297 -19.53 -6.73 -13.28
C LEU A 297 -20.03 -5.29 -13.58
N ALA A 298 -21.32 -5.19 -13.94
CA ALA A 298 -21.93 -3.88 -14.23
C ALA A 298 -21.96 -3.09 -12.93
N THR A 299 -21.55 -1.83 -12.96
CA THR A 299 -21.66 -1.01 -11.79
C THR A 299 -23.15 -0.84 -11.47
N ARG A 300 -23.45 -0.88 -10.18
CA ARG A 300 -24.80 -0.80 -9.70
C ARG A 300 -24.93 0.13 -8.53
N ILE A 301 -26.17 0.53 -8.28
CA ILE A 301 -26.49 1.44 -7.17
C ILE A 301 -27.87 0.96 -6.63
N PHE A 302 -28.02 0.96 -5.33
CA PHE A 302 -29.26 0.78 -4.64
C PHE A 302 -29.63 2.16 -4.12
N PRO A 303 -30.46 2.89 -4.88
CA PRO A 303 -30.50 4.31 -4.63
C PRO A 303 -31.37 4.63 -3.39
N LEU A 304 -30.91 5.54 -2.55
CA LEU A 304 -31.62 5.99 -1.40
C LEU A 304 -32.54 7.10 -1.89
N GLU A 305 -33.47 6.73 -2.77
CA GLU A 305 -34.30 7.69 -3.51
C GLU A 305 -35.54 8.01 -2.69
N LYS A 306 -36.32 7.00 -2.35
CA LYS A 306 -37.54 7.20 -1.60
C LYS A 306 -37.39 6.62 -0.20
N PRO A 307 -38.18 7.13 0.78
CA PRO A 307 -38.17 6.58 2.15
C PRO A 307 -38.49 5.05 2.17
N TRP A 308 -37.94 4.31 3.12
CA TRP A 308 -38.32 2.87 3.24
C TRP A 308 -39.70 2.66 3.85
N LYS A 309 -40.25 1.44 3.86
CA LYS A 309 -41.66 1.23 4.30
C LYS A 309 -41.75 1.53 5.74
N SER A 310 -42.68 2.39 6.10
CA SER A 310 -42.84 2.78 7.50
C SER A 310 -43.73 1.81 8.25
N LYS A 311 -44.45 0.93 7.54
CA LYS A 311 -45.20 -0.13 8.16
C LYS A 311 -44.41 -1.38 7.86
N ARG A 312 -43.96 -2.04 8.93
CA ARG A 312 -43.20 -3.29 8.84
C ARG A 312 -43.76 -4.29 9.88
N PRO A 313 -44.01 -5.53 9.47
CA PRO A 313 -44.73 -6.44 10.39
C PRO A 313 -43.91 -6.73 11.66
N LEU A 314 -42.58 -6.84 11.54
CA LEU A 314 -41.70 -6.97 12.70
C LEU A 314 -40.42 -6.14 12.50
N PRO A 315 -39.65 -5.90 13.58
CA PRO A 315 -38.45 -5.09 13.41
C PRO A 315 -37.43 -5.71 12.39
N ILE A 316 -37.13 -4.96 11.33
CA ILE A 316 -36.13 -5.34 10.32
C ILE A 316 -35.52 -4.09 9.69
N THR A 317 -34.22 -4.15 9.42
CA THR A 317 -33.52 -3.05 8.81
C THR A 317 -32.32 -3.59 7.94
N MET A 318 -31.56 -2.68 7.33
CA MET A 318 -30.44 -3.08 6.37
C MET A 318 -29.32 -2.10 6.61
N ILE A 319 -28.09 -2.63 6.49
CA ILE A 319 -26.85 -1.88 6.62
C ILE A 319 -25.85 -2.30 5.50
N GLY A 320 -24.78 -1.54 5.32
CA GLY A 320 -23.83 -1.76 4.30
C GLY A 320 -24.42 -1.69 2.91
N ASP A 321 -23.90 -2.51 2.00
CA ASP A 321 -24.29 -2.48 0.58
C ASP A 321 -25.76 -2.87 0.37
N ALA A 322 -26.30 -3.66 1.30
CA ALA A 322 -27.76 -4.00 1.25
C ALA A 322 -28.60 -2.72 1.30
N ALA A 323 -28.12 -1.72 2.04
CA ALA A 323 -28.90 -0.50 2.33
C ALA A 323 -28.67 0.58 1.26
N HIS A 324 -27.40 0.70 0.80
CA HIS A 324 -27.02 1.86 -0.04
C HIS A 324 -25.88 1.49 -1.00
N LEU A 325 -25.83 0.26 -1.50
CA LEU A 325 -24.88 -0.10 -2.61
C LEU A 325 -24.61 1.12 -3.49
N MET A 326 -23.36 1.41 -3.73
CA MET A 326 -23.06 2.54 -4.61
C MET A 326 -21.84 2.22 -5.50
N PRO A 327 -21.63 3.02 -6.59
CA PRO A 327 -20.46 2.79 -7.45
C PRO A 327 -19.16 2.88 -6.67
N PRO A 328 -18.17 1.97 -6.93
CA PRO A 328 -16.89 1.91 -6.24
C PRO A 328 -15.86 2.90 -6.78
N PHE A 329 -16.22 4.19 -6.77
CA PHE A 329 -15.36 5.19 -7.33
C PHE A 329 -15.10 6.33 -6.35
N ALA A 330 -15.46 6.16 -5.08
CA ALA A 330 -15.09 7.15 -4.06
C ALA A 330 -14.57 6.58 -2.72
N GLY A 331 -14.34 5.27 -2.61
CA GLY A 331 -13.95 4.66 -1.35
C GLY A 331 -14.97 4.81 -0.21
N GLN A 332 -16.21 5.12 -0.57
CA GLN A 332 -17.24 5.34 0.46
C GLN A 332 -17.98 4.03 0.80
N GLY A 333 -17.80 2.99 -0.03
CA GLY A 333 -18.49 1.73 0.13
C GLY A 333 -18.45 1.17 1.53
N VAL A 334 -17.30 0.62 1.93
CA VAL A 334 -17.17 0.00 3.25
C VAL A 334 -17.30 0.99 4.44
N ASN A 335 -16.85 2.22 4.24
CA ASN A 335 -16.84 3.20 5.31
C ASN A 335 -18.23 3.63 5.75
N SER A 336 -19.13 3.88 4.81
CA SER A 336 -20.47 4.28 5.21
C SER A 336 -21.14 3.04 5.83
N GLY A 337 -20.81 1.85 5.33
CA GLY A 337 -21.36 0.61 5.88
C GLY A 337 -20.89 0.41 7.30
N LEU A 338 -19.62 0.74 7.60
CA LEU A 338 -19.19 0.66 8.98
C LEU A 338 -19.83 1.70 9.89
N VAL A 339 -20.05 2.86 9.36
CA VAL A 339 -20.82 3.82 10.13
C VAL A 339 -22.24 3.31 10.47
N ASP A 340 -22.91 2.67 9.51
CA ASP A 340 -24.25 2.17 9.78
C ASP A 340 -24.18 1.32 10.99
N ALA A 341 -23.20 0.44 11.00
CA ALA A 341 -23.07 -0.52 12.05
C ALA A 341 -22.91 0.18 13.36
N LEU A 342 -22.07 1.22 13.39
CA LEU A 342 -21.79 1.95 14.59
C LEU A 342 -23.07 2.65 15.11
N ILE A 343 -23.84 3.27 14.19
CA ILE A 343 -25.02 4.09 14.53
C ILE A 343 -26.15 3.17 14.97
N LEU A 344 -26.32 2.05 14.26
CA LEU A 344 -27.36 1.12 14.65
C LEU A 344 -27.06 0.46 15.98
N SER A 345 -25.84 -0.01 16.18
CA SER A 345 -25.56 -0.70 17.45
C SER A 345 -25.64 0.25 18.64
N ASP A 346 -25.14 1.48 18.48
CA ASP A 346 -25.32 2.52 19.51
C ASP A 346 -26.80 2.67 19.86
N ASN A 347 -27.62 2.97 18.87
CA ASN A 347 -29.04 3.03 19.05
C ASN A 347 -29.65 1.80 19.76
N LEU A 348 -29.25 0.59 19.35
CA LEU A 348 -29.81 -0.65 19.89
C LEU A 348 -29.30 -0.99 21.31
N ALA A 349 -28.18 -0.38 21.73
CA ALA A 349 -27.60 -0.62 23.04
C ALA A 349 -28.17 0.27 24.15
N ASP A 350 -28.62 1.46 23.78
CA ASP A 350 -29.10 2.45 24.73
C ASP A 350 -30.61 2.47 24.89
N GLY A 351 -31.03 2.37 26.15
CA GLY A 351 -32.43 2.62 26.54
C GLY A 351 -32.83 4.05 26.22
N LYS A 352 -32.23 4.58 25.15
CA LYS A 352 -32.45 5.94 24.64
C LYS A 352 -33.78 6.06 23.85
N PHE A 353 -34.34 4.92 23.43
CA PHE A 353 -35.56 4.82 22.60
C PHE A 353 -36.58 3.94 23.30
N ASN A 354 -37.84 4.05 22.88
CA ASN A 354 -38.90 3.27 23.53
C ASN A 354 -39.03 1.88 22.95
N SER A 355 -38.61 1.70 21.70
CA SER A 355 -38.79 0.45 21.02
C SER A 355 -37.69 0.21 19.99
N ILE A 356 -37.46 -1.05 19.64
CA ILE A 356 -36.53 -1.42 18.63
C ILE A 356 -36.87 -0.66 17.34
N GLU A 357 -38.18 -0.54 17.05
CA GLU A 357 -38.70 0.14 15.87
C GLU A 357 -38.19 1.60 15.78
N GLU A 358 -38.23 2.28 16.93
CA GLU A 358 -37.72 3.62 17.04
C GLU A 358 -36.21 3.68 16.92
N ALA A 359 -35.51 2.71 17.51
CA ALA A 359 -34.07 2.69 17.44
C ALA A 359 -33.64 2.51 15.97
N VAL A 360 -34.29 1.57 15.27
CA VAL A 360 -34.06 1.30 13.82
C VAL A 360 -34.41 2.58 13.03
N LYS A 361 -35.54 3.19 13.33
CA LYS A 361 -36.01 4.35 12.53
C LYS A 361 -35.03 5.51 12.59
N ASN A 362 -34.52 5.76 13.79
CA ASN A 362 -33.58 6.84 13.99
C ASN A 362 -32.26 6.55 13.22
N TYR A 363 -31.75 5.35 13.39
CA TYR A 363 -30.63 4.92 12.53
C TYR A 363 -30.90 5.16 11.04
N GLU A 364 -32.07 4.72 10.55
CA GLU A 364 -32.34 4.82 9.12
C GLU A 364 -32.36 6.29 8.63
N GLN A 365 -32.89 7.18 9.47
CA GLN A 365 -32.93 8.60 9.18
C GLN A 365 -31.55 9.22 9.05
N GLN A 366 -30.63 8.85 9.93
CA GLN A 366 -29.26 9.35 9.84
C GLN A 366 -28.59 8.81 8.55
N MET A 367 -28.79 7.51 8.30
CA MET A 367 -28.11 6.83 7.22
C MET A 367 -28.59 7.42 5.89
N PHE A 368 -29.83 7.89 5.84
CA PHE A 368 -30.29 8.41 4.58
C PHE A 368 -29.47 9.64 4.20
N ILE A 369 -29.06 10.38 5.22
CA ILE A 369 -28.39 11.65 4.96
C ILE A 369 -26.94 11.43 4.54
N TYR A 370 -26.17 10.64 5.30
CA TYR A 370 -24.77 10.50 4.92
C TYR A 370 -24.63 9.47 3.80
N GLY A 371 -25.46 8.43 3.83
CA GLY A 371 -25.62 7.50 2.74
C GLY A 371 -25.84 8.20 1.41
N LYS A 372 -26.80 9.13 1.36
CA LYS A 372 -27.12 9.84 0.14
C LYS A 372 -25.99 10.77 -0.29
N GLU A 373 -25.31 11.37 0.69
CA GLU A 373 -24.08 12.14 0.40
C GLU A 373 -22.95 11.26 -0.22
N ALA A 374 -22.73 10.07 0.33
CA ALA A 374 -21.80 9.15 -0.22
C ALA A 374 -22.22 8.71 -1.63
N GLN A 375 -23.51 8.46 -1.84
CA GLN A 375 -23.93 7.99 -3.16
C GLN A 375 -23.68 9.09 -4.20
N GLU A 376 -23.86 10.34 -3.83
CA GLU A 376 -23.80 11.42 -4.76
C GLU A 376 -22.33 11.65 -5.10
N GLU A 377 -21.44 11.42 -4.14
CA GLU A 377 -20.04 11.60 -4.41
C GLU A 377 -19.56 10.46 -5.38
N SER A 378 -19.99 9.22 -5.11
CA SER A 378 -19.71 8.07 -5.99
C SER A 378 -20.18 8.24 -7.44
N THR A 379 -21.45 8.61 -7.59
CA THR A 379 -22.09 8.94 -8.85
C THR A 379 -21.38 10.07 -9.60
N GLN A 380 -20.99 11.09 -8.86
CA GLN A 380 -20.44 12.30 -9.47
C GLN A 380 -19.04 11.94 -9.94
N ASN A 381 -18.32 11.14 -9.15
CA ASN A 381 -16.98 10.74 -9.50
C ASN A 381 -16.97 9.84 -10.73
N GLU A 382 -17.92 8.89 -10.72
CA GLU A 382 -18.18 8.01 -11.84
C GLU A 382 -18.43 8.80 -13.13
N ILE A 383 -19.25 9.84 -13.09
CA ILE A 383 -19.56 10.69 -14.28
C ILE A 383 -18.28 11.43 -14.69
N GLU A 384 -17.61 12.02 -13.69
CA GLU A 384 -16.44 12.87 -13.89
C GLU A 384 -15.28 12.13 -14.53
N MET A 385 -15.16 10.86 -14.16
CA MET A 385 -14.09 10.00 -14.63
C MET A 385 -14.23 9.60 -16.10
N PHE A 386 -15.49 9.48 -16.54
CA PHE A 386 -15.81 8.88 -17.82
C PHE A 386 -16.17 9.93 -18.84
N LYS A 387 -15.88 11.20 -18.53
CA LYS A 387 -16.05 12.28 -19.51
C LYS A 387 -14.77 12.32 -20.34
N PRO A 388 -14.88 12.76 -21.62
CA PRO A 388 -13.83 12.91 -22.64
C PRO A 388 -12.43 13.28 -22.14
N ASP A 389 -12.27 14.42 -21.46
CA ASP A 389 -10.99 14.71 -20.82
C ASP A 389 -11.04 14.55 -19.32
N PHE A 390 -10.82 13.33 -18.86
CA PHE A 390 -10.54 13.16 -17.45
C PHE A 390 -9.04 13.09 -17.14
N THR A 391 -8.65 13.73 -16.03
CA THR A 391 -7.27 13.80 -15.53
C THR A 391 -7.34 13.71 -13.99
N PHE A 392 -6.77 12.64 -13.42
CA PHE A 392 -7.11 12.17 -12.03
C PHE A 392 -6.98 13.23 -10.95
N ASN B 22 -15.29 34.56 -1.77
CA ASN B 22 -14.02 33.94 -2.25
C ASN B 22 -12.84 34.43 -1.41
N LEU B 23 -11.74 33.68 -1.48
CA LEU B 23 -10.34 34.11 -1.21
C LEU B 23 -9.90 35.48 -1.77
N LEU B 24 -10.64 36.01 -2.76
CA LEU B 24 -10.24 37.26 -3.38
C LEU B 24 -11.11 38.47 -3.02
N SER B 25 -11.88 38.34 -1.94
CA SER B 25 -12.89 39.31 -1.57
C SER B 25 -12.50 40.79 -1.58
N ASP B 26 -11.41 41.19 -0.98
CA ASP B 26 -11.10 42.63 -1.08
C ASP B 26 -9.83 42.87 -1.87
N LYS B 27 -9.64 42.05 -2.90
CA LYS B 27 -8.34 41.89 -3.55
C LYS B 27 -8.47 41.91 -5.06
N ASN B 28 -7.35 42.13 -5.74
CA ASN B 28 -7.46 42.16 -7.20
C ASN B 28 -6.45 41.25 -7.84
N VAL B 29 -6.68 40.90 -9.10
CA VAL B 29 -5.87 39.88 -9.75
C VAL B 29 -5.36 40.61 -10.99
N ALA B 30 -4.07 40.47 -11.29
CA ALA B 30 -3.50 41.01 -12.50
C ALA B 30 -3.12 39.82 -13.34
N ILE B 31 -3.74 39.74 -14.51
CA ILE B 31 -3.39 38.68 -15.45
C ILE B 31 -2.45 39.33 -16.45
N ILE B 32 -1.29 38.72 -16.64
CA ILE B 32 -0.34 39.26 -17.57
C ILE B 32 -0.49 38.55 -18.91
N GLY B 33 -0.98 39.29 -19.90
CA GLY B 33 -1.12 38.78 -21.27
C GLY B 33 -2.58 38.43 -21.60
N GLY B 34 -3.02 38.90 -22.76
CA GLY B 34 -4.36 38.61 -23.20
C GLY B 34 -4.39 37.74 -24.44
N GLY B 35 -3.67 36.62 -24.40
CA GLY B 35 -3.88 35.63 -25.39
C GLY B 35 -5.18 34.92 -25.05
N PRO B 36 -5.48 33.84 -25.79
CA PRO B 36 -6.68 33.09 -25.52
C PRO B 36 -6.78 32.64 -24.05
N VAL B 37 -5.65 32.32 -23.45
CA VAL B 37 -5.67 31.68 -22.14
C VAL B 37 -5.85 32.77 -21.11
N GLY B 38 -5.09 33.87 -21.21
CA GLY B 38 -5.29 34.94 -20.27
C GLY B 38 -6.66 35.55 -20.35
N LEU B 39 -7.22 35.64 -21.55
CA LEU B 39 -8.59 36.26 -21.60
C LEU B 39 -9.59 35.29 -21.08
N THR B 40 -9.39 34.01 -21.33
CA THR B 40 -10.38 33.09 -20.72
C THR B 40 -10.30 33.15 -19.20
N MET B 41 -9.07 33.29 -18.69
CA MET B 41 -8.85 33.32 -17.25
C MET B 41 -9.62 34.51 -16.68
N ALA B 42 -9.50 35.66 -17.33
CA ALA B 42 -10.21 36.90 -16.95
C ALA B 42 -11.73 36.73 -16.88
N LYS B 43 -12.28 36.14 -17.96
CA LYS B 43 -13.64 35.86 -18.03
C LYS B 43 -14.10 34.97 -16.83
N LEU B 44 -13.41 33.86 -16.58
CA LEU B 44 -13.92 32.92 -15.55
C LEU B 44 -13.90 33.53 -14.15
N LEU B 45 -12.87 34.36 -13.86
CA LEU B 45 -12.77 35.11 -12.63
C LEU B 45 -13.83 36.17 -12.56
N GLN B 46 -13.95 36.95 -13.61
CA GLN B 46 -14.89 38.07 -13.58
C GLN B 46 -16.31 37.62 -13.36
N GLN B 47 -16.71 36.46 -13.89
CA GLN B 47 -18.11 36.01 -13.68
C GLN B 47 -18.41 35.55 -12.24
N ASN B 48 -17.36 35.42 -11.42
CA ASN B 48 -17.53 35.13 -10.01
C ASN B 48 -17.33 36.37 -9.18
N GLY B 49 -17.41 37.56 -9.80
CA GLY B 49 -17.33 38.81 -9.06
C GLY B 49 -15.92 39.19 -8.61
N ILE B 50 -14.91 38.55 -9.19
CA ILE B 50 -13.55 38.84 -8.80
C ILE B 50 -13.03 39.99 -9.65
N ASP B 51 -12.25 40.86 -9.02
CA ASP B 51 -11.73 42.07 -9.61
C ASP B 51 -10.44 41.79 -10.31
N VAL B 52 -10.44 41.76 -11.63
CA VAL B 52 -9.29 41.27 -12.39
C VAL B 52 -8.98 42.25 -13.48
N SER B 53 -7.71 42.54 -13.72
CA SER B 53 -7.38 43.29 -14.98
C SER B 53 -6.47 42.40 -15.80
N VAL B 54 -6.55 42.59 -17.13
CA VAL B 54 -5.66 41.92 -18.03
C VAL B 54 -4.73 43.00 -18.59
N TYR B 55 -3.41 42.82 -18.42
CA TYR B 55 -2.37 43.70 -19.02
C TYR B 55 -1.78 43.14 -20.28
N GLU B 56 -2.03 43.82 -21.40
CA GLU B 56 -1.69 43.25 -22.68
C GLU B 56 -0.78 44.14 -23.46
N ARG B 57 0.31 43.54 -23.93
CA ARG B 57 1.37 44.19 -24.69
C ARG B 57 0.85 44.88 -25.97
N ASP B 58 0.03 44.16 -26.74
CA ASP B 58 -0.54 44.70 -27.98
C ASP B 58 -1.11 46.11 -27.76
N ASN B 59 -0.85 46.92 -28.78
CA ASN B 59 -1.29 48.27 -28.84
C ASN B 59 -2.79 48.51 -28.70
N ASP B 60 -3.61 47.70 -29.35
CA ASP B 60 -5.07 47.85 -29.29
C ASP B 60 -5.74 46.54 -29.74
N ARG B 61 -7.01 46.40 -29.44
CA ARG B 61 -7.72 45.15 -29.72
C ARG B 61 -7.74 44.70 -31.18
N GLU B 62 -7.42 45.61 -32.11
CA GLU B 62 -7.39 45.27 -33.54
C GLU B 62 -6.01 44.84 -34.11
N ALA B 63 -4.96 44.81 -33.29
CA ALA B 63 -3.68 44.17 -33.70
C ALA B 63 -3.91 42.75 -34.33
N ARG B 64 -3.37 42.49 -35.51
CA ARG B 64 -3.45 41.17 -36.14
C ARG B 64 -2.61 40.14 -35.35
N ILE B 65 -3.18 38.96 -35.10
CA ILE B 65 -2.49 37.87 -34.41
C ILE B 65 -1.98 36.92 -35.51
N PHE B 66 -0.68 36.81 -35.62
CA PHE B 66 -0.12 35.99 -36.64
C PHE B 66 -0.20 34.53 -36.16
N GLY B 67 -0.52 33.65 -37.10
CA GLY B 67 -0.55 32.23 -36.79
C GLY B 67 -1.75 31.62 -37.51
N GLY B 68 -1.84 30.30 -37.44
CA GLY B 68 -2.99 29.55 -37.97
C GLY B 68 -4.23 29.63 -37.07
N THR B 69 -5.17 28.70 -37.28
CA THR B 69 -6.38 28.62 -36.52
C THR B 69 -6.16 27.76 -35.30
N LEU B 70 -7.05 27.84 -34.35
CA LEU B 70 -6.97 27.03 -33.13
C LEU B 70 -8.18 26.14 -33.19
N ASP B 71 -8.09 24.94 -32.61
CA ASP B 71 -9.25 24.13 -32.41
C ASP B 71 -9.39 23.72 -30.93
N LEU B 72 -10.62 23.81 -30.45
CA LEU B 72 -10.94 23.58 -29.06
C LEU B 72 -11.56 22.20 -28.90
N HIS B 73 -11.07 21.43 -27.95
CA HIS B 73 -11.46 20.05 -27.85
C HIS B 73 -12.58 19.90 -26.82
N LYS B 74 -13.50 19.00 -27.13
CA LYS B 74 -14.44 18.45 -26.14
C LYS B 74 -13.68 17.92 -24.94
N GLY B 75 -14.12 18.34 -23.77
CA GLY B 75 -13.51 17.81 -22.54
C GLY B 75 -12.39 18.69 -22.01
N SER B 76 -11.99 19.68 -22.79
CA SER B 76 -10.90 20.55 -22.39
C SER B 76 -11.15 22.01 -22.82
N GLY B 77 -10.60 22.44 -23.94
CA GLY B 77 -10.91 23.78 -24.47
C GLY B 77 -12.39 24.16 -24.49
N GLN B 78 -13.24 23.28 -25.01
CA GLN B 78 -14.68 23.55 -25.11
C GLN B 78 -15.34 23.65 -23.73
N GLU B 79 -14.90 22.84 -22.75
CA GLU B 79 -15.35 22.99 -21.33
C GLU B 79 -15.11 24.38 -20.79
N ALA B 80 -13.92 24.94 -21.05
CA ALA B 80 -13.64 26.28 -20.63
C ALA B 80 -14.59 27.28 -21.28
N MET B 81 -14.81 27.15 -22.59
CA MET B 81 -15.79 28.04 -23.27
C MET B 81 -17.21 27.84 -22.70
N LYS B 82 -17.60 26.58 -22.49
CA LYS B 82 -18.91 26.28 -21.94
C LYS B 82 -19.05 26.99 -20.59
N LYS B 83 -18.06 26.86 -19.71
CA LYS B 83 -18.16 27.51 -18.38
C LYS B 83 -18.30 29.03 -18.53
N ALA B 84 -17.60 29.59 -19.50
CA ALA B 84 -17.66 31.02 -19.80
C ALA B 84 -18.98 31.49 -20.47
N GLY B 85 -19.88 30.58 -20.81
CA GLY B 85 -21.06 30.90 -21.63
C GLY B 85 -20.77 31.23 -23.10
N LEU B 86 -19.65 30.74 -23.66
CA LEU B 86 -19.18 31.13 -24.96
C LEU B 86 -19.04 30.01 -25.99
N LEU B 87 -19.44 28.79 -25.61
CA LEU B 87 -19.30 27.65 -26.47
C LEU B 87 -20.04 27.82 -27.80
N GLN B 88 -21.29 28.26 -27.71
CA GLN B 88 -22.09 28.41 -28.93
C GLN B 88 -21.44 29.48 -29.87
N THR B 89 -20.91 30.53 -29.26
CA THR B 89 -20.26 31.59 -30.00
C THR B 89 -19.00 31.07 -30.68
N TYR B 90 -18.21 30.26 -29.99
CA TYR B 90 -17.11 29.57 -30.63
C TYR B 90 -17.61 28.71 -31.83
N TYR B 91 -18.62 27.90 -31.64
CA TYR B 91 -19.20 27.16 -32.76
C TYR B 91 -19.66 28.03 -33.95
N ASP B 92 -20.32 29.16 -33.67
CA ASP B 92 -20.86 30.02 -34.74
C ASP B 92 -19.72 30.51 -35.65
N LEU B 93 -18.54 30.77 -35.06
CA LEU B 93 -17.46 31.40 -35.75
C LEU B 93 -16.43 30.43 -36.29
N ALA B 94 -16.44 29.18 -35.77
CA ALA B 94 -15.44 28.20 -36.05
C ALA B 94 -15.88 27.42 -37.32
N LEU B 95 -14.98 26.62 -37.89
CA LEU B 95 -15.24 25.99 -39.17
C LEU B 95 -14.64 24.58 -39.04
N PRO B 96 -15.49 23.57 -39.15
CA PRO B 96 -15.00 22.23 -39.15
C PRO B 96 -14.33 22.01 -40.49
N MET B 97 -13.23 21.28 -40.48
CA MET B 97 -12.41 21.11 -41.67
C MET B 97 -11.97 19.70 -41.83
N GLY B 98 -12.02 19.25 -43.09
CA GLY B 98 -11.48 17.97 -43.45
C GLY B 98 -9.98 18.06 -43.43
N VAL B 99 -9.33 16.94 -43.76
CA VAL B 99 -7.91 16.83 -43.82
C VAL B 99 -7.52 15.96 -44.98
N ASN B 100 -6.67 16.51 -45.85
CA ASN B 100 -6.08 15.76 -46.95
C ASN B 100 -4.62 15.47 -46.59
N ILE B 101 -4.23 14.24 -46.77
CA ILE B 101 -2.83 13.87 -46.64
C ILE B 101 -2.33 13.65 -48.06
N ALA B 102 -1.23 14.31 -48.43
CA ALA B 102 -0.69 14.21 -49.79
C ALA B 102 0.78 13.83 -49.78
N ASP B 103 1.31 13.34 -50.90
CA ASP B 103 2.75 13.21 -51.00
C ASP B 103 3.39 14.44 -51.69
N GLU B 104 4.72 14.40 -51.83
CA GLU B 104 5.44 15.49 -52.46
C GLU B 104 5.16 15.57 -53.96
N LYS B 105 4.44 14.61 -54.49
CA LYS B 105 4.06 14.69 -55.88
C LYS B 105 2.69 15.22 -56.07
N GLY B 106 2.00 15.57 -54.99
CA GLY B 106 0.63 16.05 -55.06
C GLY B 106 -0.43 14.97 -55.30
N ASN B 107 -0.03 13.71 -55.21
CA ASN B 107 -1.04 12.69 -55.05
C ASN B 107 -1.77 12.88 -53.69
N ILE B 108 -3.10 12.85 -53.70
CA ILE B 108 -3.85 12.75 -52.44
C ILE B 108 -3.77 11.30 -51.96
N LEU B 109 -3.12 11.06 -50.84
CA LEU B 109 -3.07 9.71 -50.29
C LEU B 109 -4.32 9.39 -49.45
N SER B 110 -4.94 10.39 -48.90
CA SER B 110 -6.03 10.12 -47.99
C SER B 110 -6.75 11.42 -47.79
N THR B 111 -8.08 11.33 -47.80
CA THR B 111 -9.03 12.44 -47.63
C THR B 111 -9.96 12.08 -46.47
N LYS B 112 -10.03 12.89 -45.41
CA LYS B 112 -10.95 12.61 -44.30
C LYS B 112 -11.88 13.80 -44.11
N ASN B 113 -13.13 13.70 -44.55
CA ASN B 113 -14.04 14.81 -44.44
C ASN B 113 -14.73 14.88 -43.11
N VAL B 114 -15.27 16.03 -42.76
CA VAL B 114 -15.94 16.12 -41.47
C VAL B 114 -17.32 15.48 -41.64
N LYS B 115 -17.64 14.46 -40.84
CA LYS B 115 -18.96 13.85 -40.85
C LYS B 115 -19.91 14.73 -39.99
N PRO B 116 -21.19 14.84 -40.41
CA PRO B 116 -22.06 15.78 -39.72
C PRO B 116 -21.93 15.65 -38.18
N GLU B 117 -21.88 14.42 -37.70
CA GLU B 117 -21.84 14.07 -36.29
C GLU B 117 -20.58 14.53 -35.56
N ASN B 118 -19.51 14.78 -36.30
CA ASN B 118 -18.24 15.25 -35.74
C ASN B 118 -18.04 16.73 -35.91
N ARG B 119 -18.98 17.44 -36.52
CA ARG B 119 -18.73 18.88 -36.84
C ARG B 119 -18.34 19.70 -35.62
N PHE B 120 -18.75 19.27 -34.43
CA PHE B 120 -18.54 20.08 -33.23
C PHE B 120 -17.38 19.52 -32.39
N ASP B 121 -16.69 18.51 -32.88
CA ASP B 121 -15.57 17.95 -32.11
C ASP B 121 -14.42 18.95 -31.90
N ASN B 122 -14.00 19.62 -32.96
CA ASN B 122 -12.92 20.59 -32.85
C ASN B 122 -12.84 21.51 -34.08
N PRO B 123 -13.90 22.31 -34.28
CA PRO B 123 -13.88 23.20 -35.45
C PRO B 123 -12.80 24.27 -35.34
N GLU B 124 -12.20 24.64 -36.48
CA GLU B 124 -11.07 25.55 -36.50
C GLU B 124 -11.59 26.98 -36.32
N ILE B 125 -10.99 27.73 -35.38
CA ILE B 125 -11.29 29.13 -35.26
C ILE B 125 -10.08 29.98 -35.45
N ASN B 126 -10.28 31.09 -36.13
CA ASN B 126 -9.27 32.12 -36.32
C ASN B 126 -8.92 32.81 -35.01
N ARG B 127 -7.66 33.17 -34.84
CA ARG B 127 -7.18 33.70 -33.54
C ARG B 127 -7.69 35.03 -33.16
N ASN B 128 -7.96 35.85 -34.14
CA ASN B 128 -8.54 37.16 -33.87
C ASN B 128 -10.02 37.00 -33.57
N ASP B 129 -10.70 36.11 -34.33
CA ASP B 129 -12.07 35.74 -33.99
C ASP B 129 -12.18 35.28 -32.53
N LEU B 130 -11.33 34.34 -32.13
CA LEU B 130 -11.39 33.86 -30.77
C LEU B 130 -11.20 35.01 -29.76
N ARG B 131 -10.24 35.90 -30.06
CA ARG B 131 -9.91 37.00 -29.18
C ARG B 131 -11.12 37.94 -29.10
N ALA B 132 -11.71 38.24 -30.24
CA ALA B 132 -12.91 39.04 -30.24
C ALA B 132 -14.04 38.47 -29.38
N ILE B 133 -14.22 37.15 -29.40
CA ILE B 133 -15.29 36.50 -28.59
C ILE B 133 -14.98 36.70 -27.08
N LEU B 134 -13.73 36.46 -26.77
CA LEU B 134 -13.32 36.59 -25.37
C LEU B 134 -13.38 38.01 -24.90
N LEU B 135 -12.85 38.96 -25.69
CA LEU B 135 -12.85 40.36 -25.25
C LEU B 135 -14.25 40.91 -25.02
N ASN B 136 -15.19 40.57 -25.90
CA ASN B 136 -16.57 41.02 -25.85
C ASN B 136 -17.31 40.44 -24.59
N SER B 137 -16.86 39.32 -24.07
CA SER B 137 -17.49 38.65 -22.93
C SER B 137 -17.17 39.35 -21.63
N LEU B 138 -16.14 40.19 -21.65
CA LEU B 138 -15.61 40.83 -20.45
C LEU B 138 -16.20 42.25 -20.22
N GLU B 139 -16.19 42.68 -18.98
CA GLU B 139 -16.67 44.06 -18.73
C GLU B 139 -15.71 45.03 -19.40
N ASN B 140 -16.22 46.22 -19.74
CA ASN B 140 -15.40 47.27 -20.35
C ASN B 140 -14.20 47.59 -19.50
N ASP B 141 -13.04 47.78 -20.15
CA ASP B 141 -11.79 48.12 -19.45
C ASP B 141 -11.23 47.07 -18.50
N THR B 142 -11.61 45.82 -18.68
CA THR B 142 -10.94 44.73 -18.03
C THR B 142 -9.51 44.66 -18.61
N VAL B 143 -9.39 44.73 -19.94
CA VAL B 143 -8.12 44.63 -20.63
C VAL B 143 -7.50 45.99 -20.76
N ILE B 144 -6.25 46.14 -20.29
CA ILE B 144 -5.53 47.42 -20.46
C ILE B 144 -4.47 47.20 -21.54
N TRP B 145 -4.63 47.88 -22.67
CA TRP B 145 -3.80 47.67 -23.84
C TRP B 145 -2.51 48.47 -23.69
N ASP B 146 -1.52 48.13 -24.53
CA ASP B 146 -0.26 48.83 -24.59
C ASP B 146 0.45 48.79 -23.23
N ARG B 147 0.38 47.64 -22.58
CA ARG B 147 0.97 47.43 -21.28
C ARG B 147 1.89 46.22 -21.36
N LYS B 148 3.17 46.50 -21.51
CA LYS B 148 4.18 45.47 -21.65
C LYS B 148 4.86 45.32 -20.31
N LEU B 149 4.49 44.23 -19.62
CA LEU B 149 5.05 43.97 -18.33
C LEU B 149 6.53 43.73 -18.53
N VAL B 150 7.38 44.50 -17.82
CA VAL B 150 8.84 44.29 -17.89
C VAL B 150 9.41 43.81 -16.54
N MET B 151 8.66 44.00 -15.46
CA MET B 151 9.20 43.71 -14.16
C MET B 151 8.14 43.54 -13.10
N LEU B 152 8.42 42.62 -12.17
CA LEU B 152 7.55 42.32 -11.01
C LEU B 152 8.33 42.52 -9.72
N GLU B 153 7.66 42.95 -8.67
CA GLU B 153 8.38 43.19 -7.46
C GLU B 153 7.44 43.00 -6.34
N PRO B 154 7.76 42.08 -5.42
CA PRO B 154 6.84 41.80 -4.31
C PRO B 154 6.95 42.85 -3.16
N GLY B 155 5.86 43.52 -2.83
CA GLY B 155 5.88 44.40 -1.70
C GLY B 155 5.41 43.61 -0.49
N LYS B 156 4.86 44.35 0.46
CA LYS B 156 4.37 43.82 1.73
C LYS B 156 3.15 42.90 1.55
N LYS B 157 2.12 43.37 0.86
CA LYS B 157 0.88 42.64 0.61
C LYS B 157 0.61 42.54 -0.91
N LYS B 158 1.21 43.47 -1.65
CA LYS B 158 0.84 43.63 -3.04
C LYS B 158 2.08 43.55 -3.91
N TRP B 159 1.90 42.94 -5.08
CA TRP B 159 2.90 43.04 -6.15
C TRP B 159 2.86 44.39 -6.74
N THR B 160 4.02 44.92 -7.08
CA THR B 160 4.11 46.09 -7.89
C THR B 160 4.56 45.61 -9.24
N LEU B 161 3.81 46.04 -10.26
CA LEU B 161 3.99 45.68 -11.62
C LEU B 161 4.45 46.87 -12.42
N THR B 162 5.55 46.70 -13.16
CA THR B 162 6.17 47.74 -13.98
C THR B 162 5.88 47.51 -15.47
N PHE B 163 5.33 48.53 -16.12
CA PHE B 163 4.99 48.43 -17.55
C PHE B 163 5.84 49.42 -18.31
N GLU B 164 6.38 49.01 -19.48
CA GLU B 164 7.28 49.88 -20.23
C GLU B 164 6.57 51.16 -20.60
N ASN B 165 7.19 52.27 -20.15
CA ASN B 165 6.72 53.65 -20.39
C ASN B 165 5.26 53.91 -19.99
N LYS B 166 4.77 53.22 -18.96
CA LYS B 166 3.36 53.43 -18.51
C LYS B 166 3.30 53.38 -17.02
N PRO B 167 2.19 53.85 -16.41
CA PRO B 167 2.09 53.83 -14.95
C PRO B 167 2.22 52.44 -14.34
N SER B 168 2.77 52.36 -13.14
CA SER B 168 2.85 51.10 -12.43
C SER B 168 1.51 50.77 -11.82
N GLU B 169 1.29 49.50 -11.52
CA GLU B 169 0.04 49.04 -10.96
C GLU B 169 0.39 48.06 -9.87
N THR B 170 -0.58 47.74 -9.03
CA THR B 170 -0.33 46.77 -7.98
C THR B 170 -1.41 45.68 -8.06
N ALA B 171 -1.14 44.50 -7.54
CA ALA B 171 -2.16 43.47 -7.45
C ALA B 171 -1.86 42.55 -6.29
N ASP B 172 -2.87 41.87 -5.75
CA ASP B 172 -2.67 40.84 -4.68
C ASP B 172 -2.21 39.51 -5.27
N LEU B 173 -2.65 39.23 -6.50
CA LEU B 173 -2.28 37.97 -7.21
C LEU B 173 -1.91 38.24 -8.67
N VAL B 174 -0.74 37.75 -9.08
CA VAL B 174 -0.30 37.90 -10.46
C VAL B 174 -0.48 36.53 -11.08
N ILE B 175 -1.13 36.51 -12.25
CA ILE B 175 -1.23 35.30 -13.06
C ILE B 175 -0.51 35.56 -14.34
N LEU B 176 0.55 34.80 -14.57
CA LEU B 176 1.33 34.98 -15.80
C LEU B 176 0.62 34.24 -16.89
N ALA B 177 0.12 34.91 -17.92
CA ALA B 177 -0.50 34.24 -19.10
C ALA B 177 0.11 34.83 -20.38
N ASN B 178 1.38 35.19 -20.29
CA ASN B 178 2.04 36.01 -21.30
C ASN B 178 2.94 35.18 -22.22
N GLY B 179 2.61 33.88 -22.39
CA GLY B 179 3.14 33.15 -23.52
C GLY B 179 4.47 32.44 -23.24
N GLY B 180 5.00 31.73 -24.24
CA GLY B 180 6.06 30.73 -23.97
C GLY B 180 7.40 31.39 -23.70
N MET B 181 7.58 32.62 -24.20
CA MET B 181 8.86 33.33 -23.98
C MET B 181 8.82 34.28 -22.82
N SER B 182 7.86 34.12 -21.90
CA SER B 182 7.73 34.99 -20.74
C SER B 182 9.07 35.20 -19.99
N LYS B 183 9.42 36.46 -19.69
CA LYS B 183 10.74 36.79 -19.15
C LYS B 183 10.62 37.07 -17.65
N VAL B 184 9.47 36.81 -17.07
CA VAL B 184 9.13 37.33 -15.75
C VAL B 184 8.68 36.17 -14.89
N ARG B 185 9.29 34.99 -15.08
CA ARG B 185 8.86 33.72 -14.44
C ARG B 185 9.65 33.38 -13.17
N LYS B 186 10.75 34.09 -12.96
CA LYS B 186 11.70 33.74 -11.95
C LYS B 186 11.04 33.54 -10.55
N PHE B 187 10.06 34.35 -10.16
CA PHE B 187 9.44 34.19 -8.82
C PHE B 187 8.71 32.83 -8.66
N VAL B 188 8.33 32.21 -9.78
CA VAL B 188 7.65 30.91 -9.81
C VAL B 188 8.63 29.74 -10.01
N THR B 189 9.63 29.92 -10.87
CA THR B 189 10.55 28.87 -11.22
C THR B 189 11.75 29.40 -11.99
N ASP B 190 12.87 28.67 -11.87
CA ASP B 190 14.13 28.89 -12.59
C ASP B 190 14.28 28.08 -13.89
N THR B 191 13.35 27.18 -14.15
CA THR B 191 13.35 26.45 -15.40
C THR B 191 13.38 27.42 -16.57
N GLU B 192 14.15 27.11 -17.61
CA GLU B 192 14.16 27.95 -18.80
C GLU B 192 13.63 27.19 -19.99
N VAL B 193 13.23 27.91 -21.01
CA VAL B 193 12.70 27.38 -22.23
C VAL B 193 13.88 26.70 -22.94
N GLU B 194 13.64 25.57 -23.58
CA GLU B 194 14.68 24.86 -24.35
C GLU B 194 14.17 24.70 -25.80
N GLU B 195 15.12 24.61 -26.73
CA GLU B 195 14.85 24.28 -28.13
C GLU B 195 14.83 22.79 -28.28
N THR B 196 13.86 22.25 -29.01
CA THR B 196 13.68 20.82 -28.99
C THR B 196 14.46 20.16 -30.15
N GLY B 197 14.98 20.97 -31.06
CA GLY B 197 15.68 20.46 -32.23
C GLY B 197 14.95 20.56 -33.55
N THR B 198 13.70 21.04 -33.58
CA THR B 198 12.99 21.20 -34.87
C THR B 198 12.78 22.67 -35.10
N PHE B 199 12.43 23.04 -36.33
CA PHE B 199 12.33 24.37 -36.76
C PHE B 199 11.08 24.57 -37.66
N ASN B 200 10.35 25.70 -37.49
CA ASN B 200 9.10 26.01 -38.23
C ASN B 200 9.16 27.32 -39.00
N ILE B 201 8.71 27.29 -40.25
CA ILE B 201 8.58 28.48 -41.04
C ILE B 201 7.12 28.57 -41.41
N GLN B 202 6.53 29.71 -41.13
CA GLN B 202 5.09 29.90 -41.22
C GLN B 202 4.85 31.09 -42.09
N ALA B 203 3.74 31.08 -42.81
CA ALA B 203 3.41 32.22 -43.68
C ALA B 203 1.99 32.16 -44.07
N ASP B 204 1.48 33.31 -44.53
CA ASP B 204 0.12 33.46 -45.04
C ASP B 204 0.15 33.82 -46.50
N ILE B 205 -0.83 33.34 -47.24
CA ILE B 205 -1.03 33.76 -48.61
C ILE B 205 -2.45 34.27 -48.78
N HIS B 206 -2.59 35.51 -49.18
CA HIS B 206 -3.90 36.08 -49.36
C HIS B 206 -4.34 35.71 -50.78
N GLN B 207 -5.64 35.82 -51.04
CA GLN B 207 -6.28 35.29 -52.27
C GLN B 207 -5.67 33.99 -52.83
N PRO B 208 -5.64 32.92 -52.01
CA PRO B 208 -4.87 31.78 -52.44
C PRO B 208 -5.45 31.12 -53.71
N GLU B 209 -6.77 31.26 -53.87
CA GLU B 209 -7.39 30.82 -55.12
C GLU B 209 -6.76 31.47 -56.36
N ILE B 210 -6.16 32.64 -56.17
CA ILE B 210 -5.52 33.40 -57.26
C ILE B 210 -4.02 33.11 -57.18
N ASN B 211 -3.44 33.06 -55.98
CA ASN B 211 -1.98 33.21 -55.86
C ASN B 211 -1.24 31.89 -55.78
N CYS B 212 -1.92 30.85 -55.29
CA CYS B 212 -1.41 29.51 -55.35
C CYS B 212 -2.51 28.52 -55.83
N PRO B 213 -3.03 28.75 -57.07
CA PRO B 213 -4.24 28.05 -57.52
C PRO B 213 -4.08 26.53 -57.40
N GLY B 214 -3.00 25.98 -57.96
CA GLY B 214 -2.70 24.56 -57.93
C GLY B 214 -2.70 24.05 -56.46
N PHE B 215 -1.94 24.70 -55.58
CA PHE B 215 -1.95 24.25 -54.20
C PHE B 215 -3.33 24.35 -53.56
N PHE B 216 -4.02 25.48 -53.79
CA PHE B 216 -5.37 25.71 -53.22
C PHE B 216 -6.32 24.58 -53.66
N GLN B 217 -6.23 24.21 -54.92
CA GLN B 217 -7.09 23.14 -55.46
C GLN B 217 -6.74 21.77 -54.89
N LEU B 218 -5.47 21.54 -54.60
CA LEU B 218 -5.02 20.29 -53.93
C LEU B 218 -5.68 20.19 -52.52
N CYS B 219 -5.71 21.27 -51.79
CA CYS B 219 -6.39 21.32 -50.45
C CYS B 219 -7.87 21.06 -50.65
N ASN B 220 -8.45 21.70 -51.66
CA ASN B 220 -9.85 21.46 -52.03
C ASN B 220 -10.70 21.58 -50.75
N GLY B 221 -10.54 22.67 -50.02
CA GLY B 221 -11.45 23.02 -48.86
C GLY B 221 -10.99 22.32 -47.58
N ASN B 222 -10.08 21.36 -47.72
CA ASN B 222 -9.46 20.69 -46.55
C ASN B 222 -8.11 21.22 -46.09
N ARG B 223 -7.79 20.96 -44.82
CA ARG B 223 -6.44 21.15 -44.34
C ARG B 223 -5.57 20.15 -45.07
N LEU B 224 -4.30 20.45 -45.27
CA LEU B 224 -3.42 19.54 -46.03
C LEU B 224 -2.15 19.29 -45.24
N MET B 225 -1.70 18.02 -45.23
CA MET B 225 -0.41 17.66 -44.66
C MET B 225 0.37 16.77 -45.64
N ALA B 226 1.67 17.05 -45.74
CA ALA B 226 2.55 16.29 -46.62
C ALA B 226 3.85 16.17 -45.93
N SER B 227 4.51 15.04 -46.18
CA SER B 227 5.74 14.67 -45.52
C SER B 227 6.73 14.05 -46.55
N HIS B 228 7.96 14.53 -46.61
CA HIS B 228 8.93 13.92 -47.52
C HIS B 228 10.34 14.25 -47.10
N GLN B 229 11.09 13.20 -46.84
CA GLN B 229 12.54 13.27 -46.55
C GLN B 229 12.89 14.27 -45.45
N GLY B 230 12.22 14.13 -44.32
CA GLY B 230 12.41 15.01 -43.19
C GLY B 230 11.84 16.41 -43.32
N ASN B 231 11.17 16.76 -44.43
CA ASN B 231 10.39 18.03 -44.50
C ASN B 231 8.90 17.83 -44.40
N LEU B 232 8.27 18.48 -43.45
CA LEU B 232 6.81 18.40 -43.27
C LEU B 232 6.16 19.71 -43.73
N LEU B 233 5.08 19.62 -44.53
CA LEU B 233 4.30 20.76 -44.92
C LEU B 233 2.86 20.60 -44.43
N PHE B 234 2.33 21.67 -43.81
CA PHE B 234 0.97 21.73 -43.25
C PHE B 234 0.30 23.00 -43.80
N ALA B 235 -0.98 22.93 -44.10
CA ALA B 235 -1.68 24.09 -44.63
C ALA B 235 -3.10 24.07 -44.21
N ASN B 236 -3.61 25.26 -43.88
CA ASN B 236 -5.01 25.46 -43.78
C ASN B 236 -5.39 26.53 -44.82
N PRO B 237 -6.17 26.13 -45.83
CA PRO B 237 -6.45 27.02 -46.99
C PRO B 237 -7.47 28.11 -46.71
N ASN B 238 -8.10 28.09 -45.53
CA ASN B 238 -9.20 28.98 -45.23
C ASN B 238 -9.19 29.45 -43.79
N ASN B 239 -8.18 30.25 -43.44
CA ASN B 239 -8.16 31.04 -42.25
C ASN B 239 -8.77 32.45 -42.55
N ASN B 240 -10.07 32.55 -42.38
CA ASN B 240 -10.81 33.75 -42.80
C ASN B 240 -10.29 34.16 -44.21
N GLY B 241 -10.19 33.18 -45.12
CA GLY B 241 -9.94 33.50 -46.51
C GLY B 241 -8.48 33.61 -46.87
N ALA B 242 -7.60 33.44 -45.87
CA ALA B 242 -6.17 33.39 -46.17
C ALA B 242 -5.71 31.96 -46.06
N LEU B 243 -4.71 31.64 -46.85
CA LEU B 243 -4.05 30.32 -46.66
C LEU B 243 -2.88 30.43 -45.68
N HIS B 244 -2.86 29.64 -44.64
CA HIS B 244 -1.75 29.63 -43.74
C HIS B 244 -1.02 28.34 -43.86
N PHE B 245 0.27 28.41 -44.18
CA PHE B 245 1.09 27.15 -44.19
C PHE B 245 2.26 27.17 -43.25
N GLY B 246 2.65 25.98 -42.83
CA GLY B 246 3.80 25.70 -41.99
C GLY B 246 4.73 24.71 -42.65
N ILE B 247 6.04 24.97 -42.60
CA ILE B 247 7.03 24.00 -43.06
C ILE B 247 7.93 23.73 -41.87
N SER B 248 8.11 22.46 -41.54
CA SER B 248 8.77 22.07 -40.30
C SER B 248 9.84 21.04 -40.65
N PHE B 249 10.99 21.09 -39.99
CA PHE B 249 12.12 20.17 -40.30
C PHE B 249 13.05 20.18 -39.10
N LYS B 250 13.95 19.18 -39.01
CA LYS B 250 14.98 19.16 -37.95
C LYS B 250 15.90 20.33 -38.19
N THR B 251 16.19 21.11 -37.16
CA THR B 251 17.06 22.28 -37.32
C THR B 251 18.39 21.82 -37.96
N PRO B 252 18.77 22.44 -39.10
CA PRO B 252 20.01 22.06 -39.77
C PRO B 252 21.23 22.30 -38.88
N ASP B 253 22.21 21.38 -38.95
CA ASP B 253 23.45 21.49 -38.19
C ASP B 253 24.12 22.86 -38.40
N GLU B 254 24.19 23.30 -39.66
CA GLU B 254 24.78 24.59 -40.05
C GLU B 254 24.18 25.85 -39.38
N TRP B 255 23.12 25.69 -38.60
CA TRP B 255 22.48 26.81 -37.92
C TRP B 255 22.81 26.85 -36.46
N THR B 259 19.34 30.88 -38.85
CA THR B 259 20.68 31.36 -38.53
C THR B 259 21.59 31.60 -39.77
N GLN B 260 21.71 30.63 -40.69
CA GLN B 260 22.38 30.86 -42.00
C GLN B 260 21.36 31.29 -43.04
N VAL B 261 20.09 31.29 -42.65
CA VAL B 261 19.08 32.02 -43.39
C VAL B 261 18.53 33.18 -42.54
N ASP B 262 18.28 34.30 -43.21
CA ASP B 262 17.84 35.52 -42.55
C ASP B 262 16.36 35.76 -42.85
N PHE B 263 15.53 35.72 -41.80
CA PHE B 263 14.05 35.72 -41.97
C PHE B 263 13.44 37.06 -42.37
N GLN B 264 14.26 38.10 -42.24
CA GLN B 264 13.98 39.45 -42.78
C GLN B 264 14.23 39.55 -44.29
N ASN B 265 14.97 38.60 -44.85
CA ASN B 265 15.31 38.59 -46.28
C ASN B 265 14.58 37.45 -47.00
N ARG B 266 13.45 37.76 -47.64
CA ARG B 266 12.66 36.70 -48.26
C ARG B 266 13.49 35.88 -49.26
N ASN B 267 14.44 36.53 -49.94
CA ASN B 267 15.31 35.83 -50.89
C ASN B 267 16.09 34.69 -50.26
N SER B 268 16.64 34.90 -49.07
CA SER B 268 17.40 33.82 -48.48
C SER B 268 16.49 32.71 -47.96
N VAL B 269 15.27 33.04 -47.54
CA VAL B 269 14.29 32.02 -47.14
C VAL B 269 13.86 31.21 -48.36
N VAL B 270 13.45 31.87 -49.42
CA VAL B 270 13.08 31.26 -50.68
C VAL B 270 14.16 30.33 -51.22
N ASP B 271 15.43 30.80 -51.21
CA ASP B 271 16.59 29.97 -51.63
C ASP B 271 16.69 28.66 -50.87
N PHE B 272 16.63 28.75 -49.56
CA PHE B 272 16.71 27.60 -48.67
C PHE B 272 15.53 26.63 -48.88
N LEU B 273 14.32 27.15 -48.89
CA LEU B 273 13.12 26.35 -49.13
C LEU B 273 13.09 25.70 -50.51
N LEU B 274 13.35 26.48 -51.55
CA LEU B 274 13.46 25.87 -52.90
C LEU B 274 14.47 24.73 -52.99
N LYS B 275 15.62 24.85 -52.31
CA LYS B 275 16.58 23.71 -52.21
C LYS B 275 15.99 22.51 -51.48
N GLU B 276 15.38 22.75 -50.32
CA GLU B 276 14.80 21.69 -49.49
C GLU B 276 13.65 20.98 -50.21
N PHE B 277 12.83 21.79 -50.90
CA PHE B 277 11.69 21.35 -51.71
C PHE B 277 11.95 21.11 -53.23
N SER B 278 13.21 21.03 -53.62
CA SER B 278 13.55 20.83 -55.06
C SER B 278 12.83 19.62 -55.67
N ASP B 279 12.67 18.60 -54.83
CA ASP B 279 12.03 17.32 -55.10
C ASP B 279 10.49 17.41 -55.21
N TRP B 280 9.87 18.47 -54.67
CA TRP B 280 8.41 18.59 -54.58
C TRP B 280 7.77 19.06 -55.87
N ASP B 281 6.54 18.63 -56.11
CA ASP B 281 5.73 19.08 -57.21
C ASP B 281 5.72 20.61 -57.25
N GLU B 282 5.59 21.17 -58.47
CA GLU B 282 5.60 22.61 -58.74
C GLU B 282 4.50 23.42 -57.98
N ARG B 283 3.34 22.83 -57.68
CA ARG B 283 2.34 23.50 -56.81
C ARG B 283 2.78 23.84 -55.38
N TYR B 284 3.62 23.00 -54.76
CA TYR B 284 4.21 23.39 -53.47
C TYR B 284 5.26 24.55 -53.63
N LYS B 285 5.99 24.52 -54.72
CA LYS B 285 7.03 25.49 -55.00
C LYS B 285 6.41 26.84 -55.27
N GLU B 286 5.27 26.82 -55.94
CA GLU B 286 4.51 28.02 -56.24
C GLU B 286 4.13 28.65 -54.91
N LEU B 287 3.80 27.82 -53.95
CA LEU B 287 3.50 28.27 -52.64
C LEU B 287 4.69 29.06 -52.01
N ILE B 288 5.90 28.53 -52.13
CA ILE B 288 7.09 29.23 -51.62
C ILE B 288 7.41 30.50 -52.45
N HIS B 289 7.34 30.43 -53.77
CA HIS B 289 7.57 31.60 -54.64
C HIS B 289 6.59 32.75 -54.38
N THR B 290 5.35 32.43 -54.02
CA THR B 290 4.32 33.42 -53.98
C THR B 290 4.25 34.14 -52.65
N THR B 291 4.86 33.58 -51.62
CA THR B 291 4.76 34.14 -50.28
C THR B 291 5.54 35.45 -50.20
N LEU B 292 4.94 36.44 -49.56
CA LEU B 292 5.63 37.69 -49.36
C LEU B 292 6.67 37.64 -48.23
N SER B 293 6.29 37.11 -47.08
CA SER B 293 7.15 37.07 -45.89
C SER B 293 6.92 35.81 -45.08
N PHE B 294 8.00 35.34 -44.49
CA PHE B 294 8.02 34.10 -43.71
C PHE B 294 8.38 34.42 -42.30
N VAL B 295 7.82 33.68 -41.35
CA VAL B 295 8.21 33.77 -39.96
C VAL B 295 8.92 32.48 -39.62
N GLY B 296 10.13 32.60 -39.07
CA GLY B 296 10.96 31.46 -38.79
C GLY B 296 10.92 31.29 -37.29
N LEU B 297 10.60 30.11 -36.79
CA LEU B 297 10.81 29.90 -35.36
C LEU B 297 11.16 28.49 -34.92
N ALA B 298 12.16 28.42 -34.04
CA ALA B 298 12.65 27.19 -33.51
C ALA B 298 11.56 26.66 -32.60
N THR B 299 11.21 25.38 -32.74
CA THR B 299 10.39 24.77 -31.75
C THR B 299 11.04 24.82 -30.31
N ARG B 300 10.21 25.20 -29.35
CA ARG B 300 10.61 25.25 -27.95
C ARG B 300 9.63 24.56 -27.01
N ILE B 301 10.12 24.28 -25.83
CA ILE B 301 9.35 23.63 -24.77
C ILE B 301 9.74 24.34 -23.46
N PHE B 302 8.79 24.58 -22.57
CA PHE B 302 9.07 25.00 -21.24
C PHE B 302 8.78 23.78 -20.40
N PRO B 303 9.81 22.96 -20.10
CA PRO B 303 9.51 21.62 -19.64
C PRO B 303 9.03 21.59 -18.17
N LEU B 304 7.99 20.81 -17.91
CA LEU B 304 7.45 20.63 -16.56
C LEU B 304 8.30 19.56 -15.85
N GLU B 305 9.60 19.85 -15.73
CA GLU B 305 10.60 18.84 -15.35
C GLU B 305 10.69 18.77 -13.84
N LYS B 306 11.00 19.89 -13.20
CA LYS B 306 11.09 19.96 -11.75
C LYS B 306 9.93 20.74 -11.15
N PRO B 307 9.57 20.46 -9.89
CA PRO B 307 8.50 21.24 -9.23
C PRO B 307 8.82 22.76 -9.22
N TRP B 308 7.79 23.60 -9.14
CA TRP B 308 8.04 25.06 -9.06
C TRP B 308 8.43 25.50 -7.66
N LYS B 309 8.90 26.73 -7.48
CA LYS B 309 9.39 27.16 -6.15
C LYS B 309 8.23 27.09 -5.20
N SER B 310 8.45 26.44 -4.09
CA SER B 310 7.43 26.31 -3.09
C SER B 310 7.45 27.51 -2.11
N LYS B 311 8.54 28.28 -2.11
CA LYS B 311 8.60 29.52 -1.31
C LYS B 311 8.47 30.68 -2.28
N ARG B 312 7.37 31.43 -2.15
CA ARG B 312 7.08 32.60 -3.00
C ARG B 312 6.69 33.83 -2.15
N PRO B 313 7.28 34.99 -2.43
CA PRO B 313 7.05 36.11 -1.49
C PRO B 313 5.60 36.54 -1.42
N LEU B 314 4.86 36.41 -2.54
CA LEU B 314 3.42 36.71 -2.61
C LEU B 314 2.74 35.72 -3.61
N PRO B 315 1.41 35.52 -3.51
CA PRO B 315 0.76 34.64 -4.46
C PRO B 315 1.04 35.01 -5.96
N ILE B 316 1.56 34.04 -6.72
CA ILE B 316 1.84 34.16 -8.17
C ILE B 316 1.85 32.77 -8.82
N THR B 317 1.29 32.68 -10.01
CA THR B 317 1.26 31.43 -10.74
C THR B 317 1.29 31.69 -12.28
N MET B 318 1.23 30.61 -13.04
CA MET B 318 1.33 30.69 -14.54
C MET B 318 0.38 29.73 -15.16
N ILE B 319 -0.19 30.15 -16.29
CA ILE B 319 -1.11 29.36 -17.06
C ILE B 319 -0.80 29.43 -18.59
N GLY B 320 -1.30 28.47 -19.35
CA GLY B 320 -1.13 28.53 -20.80
C GLY B 320 0.33 28.27 -21.17
N ASP B 321 0.83 28.94 -22.22
CA ASP B 321 2.18 28.64 -22.71
C ASP B 321 3.25 29.09 -21.70
N ALA B 322 2.92 30.06 -20.84
CA ALA B 322 3.87 30.56 -19.80
C ALA B 322 4.16 29.42 -18.88
N ALA B 323 3.17 28.56 -18.65
CA ALA B 323 3.33 27.42 -17.75
C ALA B 323 3.99 26.18 -18.37
N HIS B 324 3.61 25.84 -19.61
CA HIS B 324 3.98 24.54 -20.17
C HIS B 324 4.07 24.57 -21.69
N LEU B 325 4.52 25.70 -22.29
CA LEU B 325 4.84 25.75 -23.71
C LEU B 325 5.30 24.40 -24.22
N MET B 326 4.74 23.96 -25.32
CA MET B 326 5.15 22.69 -25.84
C MET B 326 5.13 22.70 -27.39
N PRO B 327 5.90 21.80 -28.04
CA PRO B 327 5.93 21.77 -29.49
C PRO B 327 4.49 21.69 -30.05
N PRO B 328 4.19 22.42 -31.16
CA PRO B 328 2.84 22.49 -31.76
C PRO B 328 2.53 21.34 -32.73
N PHE B 329 2.68 20.12 -32.23
CA PHE B 329 2.52 18.93 -33.06
C PHE B 329 1.44 17.94 -32.55
N ALA B 330 0.63 18.35 -31.57
CA ALA B 330 -0.45 17.48 -31.08
C ALA B 330 -1.76 18.20 -30.79
N GLY B 331 -1.86 19.49 -31.15
CA GLY B 331 -3.00 20.35 -30.82
C GLY B 331 -3.31 20.47 -29.33
N GLN B 332 -2.31 20.29 -28.49
CA GLN B 332 -2.55 20.34 -27.04
C GLN B 332 -2.32 21.76 -26.49
N GLY B 333 -1.65 22.60 -27.30
CA GLY B 333 -1.25 23.86 -26.83
C GLY B 333 -2.30 24.68 -26.14
N VAL B 334 -3.30 25.19 -26.90
CA VAL B 334 -4.33 26.05 -26.33
C VAL B 334 -5.30 25.28 -25.41
N ASN B 335 -5.58 24.01 -25.72
CA ASN B 335 -6.52 23.28 -24.89
C ASN B 335 -6.02 23.10 -23.43
N SER B 336 -4.74 22.82 -23.21
CA SER B 336 -4.27 22.56 -21.84
C SER B 336 -4.24 23.90 -21.13
N GLY B 337 -3.95 24.95 -21.88
CA GLY B 337 -4.00 26.25 -21.27
C GLY B 337 -5.40 26.72 -20.90
N LEU B 338 -6.44 26.35 -21.67
CA LEU B 338 -7.78 26.62 -21.27
C LEU B 338 -8.21 25.80 -20.08
N VAL B 339 -7.74 24.56 -20.00
CA VAL B 339 -8.01 23.79 -18.81
C VAL B 339 -7.40 24.49 -17.56
N ASP B 340 -6.19 25.04 -17.69
CA ASP B 340 -5.50 25.69 -16.57
C ASP B 340 -6.40 26.78 -16.09
N ALA B 341 -6.93 27.54 -17.03
CA ALA B 341 -7.78 28.65 -16.67
C ALA B 341 -9.00 28.13 -15.87
N LEU B 342 -9.60 27.03 -16.35
CA LEU B 342 -10.79 26.51 -15.78
C LEU B 342 -10.54 25.98 -14.34
N ILE B 343 -9.46 25.21 -14.15
CA ILE B 343 -9.05 24.71 -12.83
C ILE B 343 -8.58 25.81 -11.89
N LEU B 344 -7.80 26.79 -12.39
CA LEU B 344 -7.37 27.86 -11.47
C LEU B 344 -8.56 28.73 -11.06
N SER B 345 -9.48 29.04 -11.99
CA SER B 345 -10.59 29.96 -11.59
C SER B 345 -11.54 29.26 -10.65
N ASP B 346 -11.80 27.97 -10.90
CA ASP B 346 -12.62 27.18 -9.97
C ASP B 346 -11.99 27.23 -8.60
N ASN B 347 -10.72 26.88 -8.50
CA ASN B 347 -9.99 26.96 -7.23
C ASN B 347 -10.09 28.32 -6.56
N LEU B 348 -9.97 29.39 -7.32
CA LEU B 348 -9.96 30.73 -6.76
C LEU B 348 -11.37 31.24 -6.38
N ALA B 349 -12.43 30.63 -6.91
CA ALA B 349 -13.79 31.07 -6.71
C ALA B 349 -14.43 30.43 -5.49
N ASP B 350 -13.95 29.26 -5.10
CA ASP B 350 -14.52 28.48 -3.99
C ASP B 350 -13.75 28.65 -2.69
N GLY B 351 -14.49 29.00 -1.64
CA GLY B 351 -13.96 28.96 -0.27
C GLY B 351 -13.57 27.54 0.10
N LYS B 352 -13.14 26.78 -0.91
CA LYS B 352 -12.73 25.37 -0.78
C LYS B 352 -11.30 25.23 -0.18
N PHE B 353 -10.55 26.35 -0.15
CA PHE B 353 -9.16 26.38 0.34
C PHE B 353 -9.04 27.47 1.37
N ASN B 354 -7.99 27.37 2.19
CA ASN B 354 -7.76 28.35 3.27
C ASN B 354 -7.09 29.63 2.77
N SER B 355 -6.32 29.53 1.67
CA SER B 355 -5.59 30.69 1.19
C SER B 355 -5.43 30.64 -0.31
N ILE B 356 -5.14 31.82 -0.89
CA ILE B 356 -4.86 31.91 -2.31
C ILE B 356 -3.74 30.93 -2.63
N GLU B 357 -2.69 30.94 -1.79
CA GLU B 357 -1.52 30.06 -1.91
C GLU B 357 -1.89 28.60 -2.14
N GLU B 358 -2.83 28.09 -1.31
CA GLU B 358 -3.35 26.74 -1.43
C GLU B 358 -4.20 26.52 -2.69
N ALA B 359 -4.99 27.51 -3.08
CA ALA B 359 -5.77 27.40 -4.31
C ALA B 359 -4.80 27.26 -5.50
N VAL B 360 -3.79 28.14 -5.55
CA VAL B 360 -2.76 28.18 -6.60
C VAL B 360 -2.04 26.84 -6.58
N LYS B 361 -1.62 26.35 -5.40
CA LYS B 361 -0.82 25.12 -5.33
C LYS B 361 -1.63 23.96 -5.84
N ASN B 362 -2.86 23.85 -5.39
CA ASN B 362 -3.67 22.71 -5.84
C ASN B 362 -3.80 22.70 -7.38
N TYR B 363 -4.00 23.88 -7.95
CA TYR B 363 -4.11 24.02 -9.40
C TYR B 363 -2.82 23.52 -10.05
N GLU B 364 -1.66 23.97 -9.53
CA GLU B 364 -0.37 23.62 -10.10
C GLU B 364 -0.16 22.10 -10.07
N GLN B 365 -0.57 21.43 -8.99
CA GLN B 365 -0.44 19.98 -8.85
C GLN B 365 -1.25 19.23 -9.88
N GLN B 366 -2.44 19.72 -10.19
CA GLN B 366 -3.22 19.15 -11.30
C GLN B 366 -2.56 19.41 -12.65
N MET B 367 -2.17 20.65 -12.89
CA MET B 367 -1.65 21.02 -14.21
C MET B 367 -0.35 20.27 -14.51
N PHE B 368 0.45 19.93 -13.49
CA PHE B 368 1.68 19.19 -13.76
C PHE B 368 1.37 17.84 -14.38
N ILE B 369 0.25 17.25 -13.95
CA ILE B 369 -0.11 15.92 -14.42
C ILE B 369 -0.63 15.94 -15.87
N TYR B 370 -1.71 16.68 -16.17
CA TYR B 370 -2.19 16.68 -17.54
C TYR B 370 -1.26 17.55 -18.47
N GLY B 371 -0.58 18.53 -17.90
CA GLY B 371 0.39 19.33 -18.66
C GLY B 371 1.56 18.46 -19.13
N LYS B 372 2.08 17.65 -18.24
CA LYS B 372 3.16 16.76 -18.58
C LYS B 372 2.68 15.70 -19.59
N GLU B 373 1.47 15.19 -19.42
CA GLU B 373 0.91 14.28 -20.43
C GLU B 373 0.81 14.91 -21.83
N ALA B 374 0.31 16.14 -21.90
CA ALA B 374 0.31 16.90 -23.14
C ALA B 374 1.73 17.08 -23.66
N GLN B 375 2.71 17.46 -22.80
CA GLN B 375 4.07 17.66 -23.30
C GLN B 375 4.66 16.34 -23.84
N GLU B 376 4.35 15.25 -23.20
CA GLU B 376 4.91 14.00 -23.66
C GLU B 376 4.30 13.66 -25.00
N GLU B 377 3.02 13.92 -25.17
CA GLU B 377 2.40 13.61 -26.47
C GLU B 377 3.04 14.46 -27.58
N SER B 378 3.16 15.78 -27.34
CA SER B 378 3.76 16.70 -28.29
C SER B 378 5.18 16.35 -28.72
N THR B 379 6.02 16.03 -27.73
CA THR B 379 7.38 15.57 -27.89
C THR B 379 7.48 14.27 -28.68
N GLN B 380 6.59 13.36 -28.36
CA GLN B 380 6.63 12.05 -28.97
C GLN B 380 6.22 12.24 -30.45
N ASN B 381 5.20 13.06 -30.69
CA ASN B 381 4.74 13.25 -32.05
C ASN B 381 5.87 13.90 -32.88
N GLU B 382 6.42 14.98 -32.35
CA GLU B 382 7.58 15.63 -32.89
C GLU B 382 8.76 14.66 -33.23
N ILE B 383 9.08 13.72 -32.36
CA ILE B 383 10.10 12.71 -32.70
C ILE B 383 9.62 11.81 -33.85
N GLU B 384 8.39 11.32 -33.74
CA GLU B 384 7.78 10.33 -34.64
C GLU B 384 7.69 10.90 -36.04
N MET B 385 7.39 12.19 -36.11
CA MET B 385 7.14 12.83 -37.38
C MET B 385 8.40 13.05 -38.17
N PHE B 386 9.48 13.19 -37.41
CA PHE B 386 10.74 13.54 -38.00
C PHE B 386 11.68 12.39 -38.16
N LYS B 387 11.14 11.17 -38.08
CA LYS B 387 11.93 9.95 -38.32
C LYS B 387 11.81 9.63 -39.80
N PRO B 388 12.87 8.99 -40.39
CA PRO B 388 13.03 8.55 -41.77
C PRO B 388 11.76 8.16 -42.53
N ASP B 389 11.03 7.16 -42.04
CA ASP B 389 9.78 6.74 -42.68
C ASP B 389 8.56 7.16 -41.86
N PHE B 390 8.22 8.46 -41.90
CA PHE B 390 6.96 8.89 -41.33
C PHE B 390 5.81 8.86 -42.36
N THR B 391 4.66 8.36 -41.90
CA THR B 391 3.41 8.25 -42.67
C THR B 391 2.24 8.65 -41.73
N PHE B 392 1.56 9.76 -42.06
CA PHE B 392 0.67 10.50 -41.12
C PHE B 392 -0.36 9.65 -40.37
N ASN C 22 24.77 3.00 4.04
CA ASN C 22 24.57 3.32 5.47
C ASN C 22 25.36 4.57 5.89
N LEU C 23 24.64 5.64 6.23
CA LEU C 23 25.20 6.90 6.73
C LEU C 23 26.21 6.80 7.87
N LEU C 24 26.23 5.67 8.59
CA LEU C 24 27.18 5.52 9.72
C LEU C 24 28.32 4.54 9.44
N SER C 25 28.59 4.29 8.16
CA SER C 25 29.51 3.23 7.76
C SER C 25 30.87 3.20 8.46
N ASP C 26 31.60 4.30 8.51
CA ASP C 26 32.90 4.21 9.21
C ASP C 26 32.89 4.98 10.51
N LYS C 27 31.73 5.01 11.17
CA LYS C 27 31.46 6.00 12.20
C LYS C 27 30.89 5.36 13.44
N ASN C 28 30.92 6.06 14.56
CA ASN C 28 30.31 5.51 15.78
C ASN C 28 29.29 6.43 16.40
N VAL C 29 28.38 5.85 17.16
CA VAL C 29 27.30 6.60 17.77
C VAL C 29 27.50 6.50 19.29
N ALA C 30 27.43 7.63 19.98
CA ALA C 30 27.43 7.58 21.43
C ALA C 30 26.02 7.89 21.88
N ILE C 31 25.41 6.95 22.60
CA ILE C 31 24.14 7.19 23.25
C ILE C 31 24.42 7.56 24.70
N ILE C 32 23.85 8.65 25.17
CA ILE C 32 24.10 9.05 26.53
C ILE C 32 22.86 8.62 27.32
N GLY C 33 23.06 7.67 28.22
CA GLY C 33 21.94 7.24 29.06
C GLY C 33 21.40 5.91 28.64
N GLY C 34 21.38 4.96 29.60
CA GLY C 34 20.89 3.62 29.37
C GLY C 34 19.57 3.40 30.06
N GLY C 35 18.64 4.32 29.87
CA GLY C 35 17.31 4.08 30.36
C GLY C 35 16.62 3.19 29.31
N PRO C 36 15.30 3.01 29.45
CA PRO C 36 14.59 2.18 28.46
C PRO C 36 14.75 2.67 27.01
N VAL C 37 14.74 3.98 26.85
CA VAL C 37 14.85 4.56 25.55
C VAL C 37 16.26 4.51 24.93
N GLY C 38 17.28 4.87 25.70
CA GLY C 38 18.65 4.72 25.28
C GLY C 38 19.02 3.27 24.98
N LEU C 39 18.60 2.33 25.81
CA LEU C 39 18.93 0.92 25.51
C LEU C 39 18.18 0.42 24.27
N THR C 40 16.92 0.82 24.10
CA THR C 40 16.21 0.40 22.88
C THR C 40 16.88 1.02 21.64
N MET C 41 17.33 2.28 21.75
CA MET C 41 18.06 2.93 20.65
C MET C 41 19.31 2.12 20.28
N ALA C 42 20.17 1.79 21.25
CA ALA C 42 21.36 0.96 21.04
C ALA C 42 21.03 -0.34 20.33
N LYS C 43 19.99 -1.03 20.79
CA LYS C 43 19.59 -2.31 20.17
C LYS C 43 19.22 -2.16 18.68
N LEU C 44 18.34 -1.21 18.37
CA LEU C 44 17.89 -1.01 17.00
C LEU C 44 19.04 -0.56 16.05
N LEU C 45 19.99 0.24 16.55
CA LEU C 45 21.19 0.52 15.81
C LEU C 45 22.09 -0.67 15.64
N GLN C 46 22.29 -1.41 16.71
CA GLN C 46 23.28 -2.49 16.69
C GLN C 46 22.84 -3.60 15.73
N GLN C 47 21.54 -3.84 15.66
CA GLN C 47 21.06 -4.88 14.74
C GLN C 47 21.20 -4.55 13.25
N ASN C 48 21.55 -3.29 12.96
CA ASN C 48 21.89 -2.88 11.60
C ASN C 48 23.38 -2.74 11.42
N GLY C 49 24.17 -3.33 12.32
CA GLY C 49 25.63 -3.30 12.21
C GLY C 49 26.29 -1.93 12.47
N ILE C 50 25.56 -1.01 13.07
CA ILE C 50 26.09 0.26 13.46
C ILE C 50 26.84 0.14 14.79
N ASP C 51 27.96 0.85 14.86
CA ASP C 51 28.87 0.83 15.97
C ASP C 51 28.37 1.85 16.98
N VAL C 52 27.91 1.38 18.13
CA VAL C 52 27.24 2.26 19.09
C VAL C 52 27.69 1.89 20.49
N SER C 53 27.96 2.88 21.32
CA SER C 53 28.15 2.65 22.77
C SER C 53 27.06 3.37 23.52
N VAL C 54 26.68 2.81 24.65
CA VAL C 54 25.78 3.51 25.57
C VAL C 54 26.63 3.87 26.78
N TYR C 55 26.59 5.13 27.17
CA TYR C 55 27.32 5.63 28.38
C TYR C 55 26.33 5.84 29.49
N GLU C 56 26.48 5.06 30.56
CA GLU C 56 25.44 5.11 31.61
C GLU C 56 25.98 5.45 32.96
N ARG C 57 25.42 6.50 33.58
CA ARG C 57 25.76 7.02 34.90
C ARG C 57 25.77 5.90 36.02
N ASP C 58 24.77 5.02 36.01
CA ASP C 58 24.67 3.99 37.04
C ASP C 58 25.93 3.19 37.11
N ASN C 59 26.26 2.82 38.33
CA ASN C 59 27.52 2.22 38.62
C ASN C 59 27.70 0.83 38.01
N ASP C 60 26.62 0.05 37.96
CA ASP C 60 26.69 -1.28 37.35
C ASP C 60 25.25 -1.71 37.01
N ARG C 61 25.13 -2.75 36.20
CA ARG C 61 23.84 -3.19 35.73
C ARG C 61 22.87 -3.65 36.80
N GLU C 62 23.33 -3.88 38.04
CA GLU C 62 22.39 -4.23 39.11
C GLU C 62 21.87 -3.08 39.97
N ALA C 63 22.27 -1.83 39.70
CA ALA C 63 21.70 -0.65 40.46
C ALA C 63 20.16 -0.71 40.40
N ARG C 64 19.50 -0.49 41.52
CA ARG C 64 18.04 -0.51 41.54
C ARG C 64 17.57 0.77 40.84
N ILE C 65 16.53 0.69 40.00
CA ILE C 65 15.86 1.84 39.33
C ILE C 65 14.59 2.13 40.12
N PHE C 66 14.54 3.29 40.76
CA PHE C 66 13.35 3.62 41.52
C PHE C 66 12.25 4.05 40.56
N GLY C 67 11.00 3.76 40.93
CA GLY C 67 9.87 4.08 40.10
C GLY C 67 8.92 2.88 40.11
N GLY C 68 7.70 3.12 39.67
CA GLY C 68 6.75 2.05 39.40
C GLY C 68 7.09 1.26 38.15
N THR C 69 6.08 0.55 37.66
CA THR C 69 6.22 -0.26 36.48
C THR C 69 5.96 0.56 35.21
N LEU C 70 6.27 0.01 34.06
CA LEU C 70 6.03 0.71 32.79
C LEU C 70 5.09 -0.17 32.04
N ASP C 71 4.23 0.43 31.20
CA ASP C 71 3.50 -0.39 30.26
C ASP C 71 3.66 0.09 28.83
N LEU C 72 3.98 -0.83 27.95
CA LEU C 72 4.25 -0.57 26.59
C LEU C 72 2.96 -0.80 25.80
N HIS C 73 2.65 0.15 24.92
CA HIS C 73 1.38 0.15 24.19
C HIS C 73 1.55 -0.40 22.80
N LYS C 74 0.52 -1.07 22.33
CA LYS C 74 0.41 -1.52 20.96
C LYS C 74 0.38 -0.28 20.06
N GLY C 75 1.08 -0.36 18.94
CA GLY C 75 1.20 0.80 18.02
C GLY C 75 2.34 1.74 18.40
N SER C 76 2.91 1.58 19.61
CA SER C 76 4.05 2.43 19.98
C SER C 76 5.20 1.69 20.67
N GLY C 77 5.20 1.68 22.00
CA GLY C 77 6.18 0.95 22.76
C GLY C 77 6.42 -0.48 22.26
N GLN C 78 5.32 -1.22 22.03
CA GLN C 78 5.43 -2.61 21.63
C GLN C 78 6.01 -2.75 20.22
N GLU C 79 5.75 -1.78 19.33
CA GLU C 79 6.41 -1.75 18.01
C GLU C 79 7.90 -1.71 18.12
N ALA C 80 8.42 -0.86 19.01
CA ALA C 80 9.85 -0.85 19.25
C ALA C 80 10.40 -2.22 19.69
N MET C 81 9.70 -2.83 20.65
CA MET C 81 10.09 -4.17 21.15
C MET C 81 10.00 -5.24 20.03
N LYS C 82 8.90 -5.22 19.25
CA LYS C 82 8.75 -6.09 18.07
C LYS C 82 9.95 -5.86 17.13
N LYS C 83 10.28 -4.62 16.80
CA LYS C 83 11.45 -4.40 15.88
C LYS C 83 12.74 -5.00 16.46
N ALA C 84 12.94 -4.79 17.76
CA ALA C 84 14.11 -5.32 18.46
C ALA C 84 14.11 -6.85 18.62
N GLY C 85 13.02 -7.54 18.23
CA GLY C 85 12.90 -8.98 18.51
C GLY C 85 12.63 -9.36 19.96
N LEU C 86 12.15 -8.41 20.78
CA LEU C 86 12.03 -8.54 22.25
C LEU C 86 10.59 -8.57 22.79
N LEU C 87 9.61 -8.53 21.88
CA LEU C 87 8.22 -8.39 22.29
C LEU C 87 7.77 -9.57 23.15
N GLN C 88 8.18 -10.78 22.77
CA GLN C 88 7.71 -11.95 23.53
C GLN C 88 8.37 -11.97 24.90
N THR C 89 9.62 -11.52 24.97
CA THR C 89 10.32 -11.44 26.24
C THR C 89 9.65 -10.39 27.15
N TYR C 90 9.27 -9.24 26.58
CA TYR C 90 8.47 -8.26 27.33
C TYR C 90 7.23 -8.94 27.87
N TYR C 91 6.50 -9.63 27.00
CA TYR C 91 5.32 -10.33 27.44
C TYR C 91 5.57 -11.35 28.62
N ASP C 92 6.62 -12.17 28.53
CA ASP C 92 6.94 -13.18 29.51
C ASP C 92 7.16 -12.60 30.88
N LEU C 93 7.70 -11.36 30.95
CA LEU C 93 8.12 -10.76 32.19
C LEU C 93 7.14 -9.77 32.75
N ALA C 94 6.23 -9.29 31.90
CA ALA C 94 5.29 -8.26 32.27
C ALA C 94 4.07 -8.93 32.93
N LEU C 95 3.23 -8.15 33.60
CA LEU C 95 2.08 -8.67 34.27
C LEU C 95 0.90 -7.78 33.93
N PRO C 96 -0.15 -8.32 33.30
CA PRO C 96 -1.33 -7.49 33.06
C PRO C 96 -2.01 -7.26 34.42
N MET C 97 -2.63 -6.10 34.62
CA MET C 97 -3.21 -5.78 35.89
C MET C 97 -4.53 -5.13 35.75
N GLY C 98 -5.42 -5.46 36.69
CA GLY C 98 -6.72 -4.84 36.74
C GLY C 98 -6.48 -3.48 37.30
N VAL C 99 -7.53 -2.66 37.33
CA VAL C 99 -7.56 -1.37 37.99
C VAL C 99 -8.78 -1.25 38.87
N ASN C 100 -8.60 -0.87 40.13
CA ASN C 100 -9.71 -0.55 41.00
C ASN C 100 -9.73 0.92 41.22
N ILE C 101 -10.89 1.54 41.05
CA ILE C 101 -11.07 2.93 41.44
C ILE C 101 -11.77 2.94 42.79
N ALA C 102 -11.23 3.67 43.76
CA ALA C 102 -11.78 3.68 45.13
C ALA C 102 -11.95 5.12 45.60
N ASP C 103 -12.78 5.32 46.61
CA ASP C 103 -12.90 6.65 47.20
C ASP C 103 -12.01 6.74 48.44
N GLU C 104 -11.99 7.91 49.07
CA GLU C 104 -11.18 8.12 50.26
C GLU C 104 -11.70 7.29 51.43
N LYS C 105 -12.86 6.70 51.30
CA LYS C 105 -13.43 5.88 52.37
C LYS C 105 -13.05 4.42 52.20
N GLY C 106 -12.44 4.07 51.07
CA GLY C 106 -12.12 2.66 50.85
C GLY C 106 -13.22 1.89 50.15
N ASN C 107 -14.25 2.59 49.70
CA ASN C 107 -15.25 1.92 48.87
C ASN C 107 -14.62 1.66 47.51
N ILE C 108 -14.80 0.46 46.99
CA ILE C 108 -14.47 0.26 45.59
C ILE C 108 -15.59 0.79 44.69
N LEU C 109 -15.34 1.89 43.98
CA LEU C 109 -16.32 2.48 43.09
C LEU C 109 -16.41 1.74 41.77
N SER C 110 -15.30 1.11 41.36
CA SER C 110 -15.25 0.48 40.04
C SER C 110 -14.06 -0.45 39.95
N THR C 111 -14.26 -1.59 39.30
CA THR C 111 -13.26 -2.63 39.18
C THR C 111 -13.19 -3.01 37.72
N LYS C 112 -12.04 -2.89 37.11
CA LYS C 112 -11.88 -3.33 35.73
C LYS C 112 -10.82 -4.38 35.66
N ASN C 113 -11.22 -5.62 35.41
CA ASN C 113 -10.25 -6.69 35.35
C ASN C 113 -9.70 -6.86 33.96
N VAL C 114 -8.56 -7.51 33.84
CA VAL C 114 -8.04 -7.77 32.51
C VAL C 114 -8.85 -8.94 31.90
N LYS C 115 -9.44 -8.70 30.75
CA LYS C 115 -10.09 -9.76 30.00
C LYS C 115 -8.99 -10.52 29.23
N PRO C 116 -9.18 -11.84 29.03
CA PRO C 116 -8.16 -12.67 28.35
C PRO C 116 -7.67 -12.01 27.05
N GLU C 117 -8.59 -11.43 26.30
CA GLU C 117 -8.34 -10.81 25.01
C GLU C 117 -7.50 -9.52 25.06
N ASN C 118 -7.43 -8.89 26.22
CA ASN C 118 -6.70 -7.63 26.40
C ASN C 118 -5.39 -7.80 27.14
N ARG C 119 -5.03 -9.04 27.46
CA ARG C 119 -3.88 -9.35 28.33
C ARG C 119 -2.59 -8.78 27.83
N PHE C 120 -2.50 -8.63 26.51
CA PHE C 120 -1.30 -8.22 25.82
C PHE C 120 -1.35 -6.75 25.49
N ASP C 121 -2.40 -6.05 25.89
CA ASP C 121 -2.55 -4.65 25.45
C ASP C 121 -1.48 -3.73 26.07
N ASN C 122 -1.22 -3.92 27.35
CA ASN C 122 -0.21 -3.10 28.06
C ASN C 122 0.11 -3.69 29.42
N PRO C 123 0.73 -4.87 29.42
CA PRO C 123 1.05 -5.46 30.70
C PRO C 123 2.18 -4.70 31.43
N GLU C 124 2.06 -4.57 32.75
CA GLU C 124 3.05 -3.75 33.50
C GLU C 124 4.40 -4.47 33.65
N ILE C 125 5.52 -3.77 33.34
CA ILE C 125 6.82 -4.38 33.57
C ILE C 125 7.64 -3.59 34.54
N ASN C 126 8.33 -4.32 35.40
CA ASN C 126 9.30 -3.72 36.30
C ASN C 126 10.46 -3.10 35.55
N ARG C 127 10.95 -1.96 36.04
CA ARG C 127 11.94 -1.22 35.24
C ARG C 127 13.28 -1.92 35.18
N ASN C 128 13.65 -2.66 36.23
CA ASN C 128 14.89 -3.42 36.21
C ASN C 128 14.74 -4.60 35.27
N ASP C 129 13.58 -5.26 35.37
CA ASP C 129 13.18 -6.25 34.39
C ASP C 129 13.33 -5.77 32.95
N LEU C 130 12.75 -4.62 32.63
CA LEU C 130 12.84 -4.14 31.25
C LEU C 130 14.32 -3.91 30.88
N ARG C 131 15.07 -3.22 31.75
CA ARG C 131 16.50 -3.00 31.54
C ARG C 131 17.24 -4.31 31.28
N ALA C 132 16.99 -5.33 32.10
CA ALA C 132 17.67 -6.60 31.92
C ALA C 132 17.38 -7.19 30.53
N ILE C 133 16.12 -7.09 30.07
CA ILE C 133 15.74 -7.60 28.73
C ILE C 133 16.56 -6.86 27.64
N LEU C 134 16.64 -5.57 27.80
CA LEU C 134 17.35 -4.74 26.84
C LEU C 134 18.85 -4.96 26.92
N LEU C 135 19.43 -5.00 28.12
CA LEU C 135 20.84 -5.28 28.23
C LEU C 135 21.20 -6.60 27.57
N ASN C 136 20.39 -7.62 27.83
CA ASN C 136 20.71 -8.96 27.37
C ASN C 136 20.70 -9.04 25.80
N SER C 137 19.94 -8.17 25.13
CA SER C 137 19.77 -8.17 23.69
C SER C 137 20.94 -7.55 22.96
N LEU C 138 21.82 -6.84 23.70
CA LEU C 138 22.93 -6.07 23.15
C LEU C 138 24.24 -6.91 23.16
N GLU C 139 25.19 -6.60 22.29
CA GLU C 139 26.51 -7.27 22.35
C GLU C 139 27.24 -6.89 23.64
N ASN C 140 28.17 -7.73 24.08
CA ASN C 140 28.93 -7.45 25.29
C ASN C 140 29.62 -6.10 25.17
N ASP C 141 29.61 -5.32 26.25
CA ASP C 141 30.34 -4.06 26.33
C ASP C 141 29.82 -2.99 25.39
N THR C 142 28.54 -3.08 25.04
CA THR C 142 27.84 -1.99 24.38
C THR C 142 27.65 -0.93 25.41
N VAL C 143 27.14 -1.29 26.59
CA VAL C 143 26.93 -0.29 27.64
C VAL C 143 28.20 -0.17 28.47
N ILE C 144 28.62 1.08 28.69
CA ILE C 144 29.78 1.39 29.53
C ILE C 144 29.24 2.05 30.82
N TRP C 145 29.42 1.36 31.91
CA TRP C 145 28.81 1.75 33.16
C TRP C 145 29.70 2.72 33.86
N ASP C 146 29.16 3.38 34.90
CA ASP C 146 29.86 4.37 35.70
C ASP C 146 30.44 5.47 34.84
N ARG C 147 29.66 5.93 33.86
CA ARG C 147 30.05 7.00 32.95
C ARG C 147 29.00 8.10 33.01
N LYS C 148 29.26 9.11 33.85
CA LYS C 148 28.40 10.25 33.98
C LYS C 148 28.87 11.39 33.03
N LEU C 149 28.18 11.57 31.89
CA LEU C 149 28.54 12.62 30.94
C LEU C 149 28.34 13.95 31.63
N VAL C 150 29.42 14.74 31.76
CA VAL C 150 29.30 16.08 32.30
C VAL C 150 29.42 17.17 31.23
N MET C 151 30.00 16.85 30.06
CA MET C 151 30.31 17.92 29.05
C MET C 151 30.50 17.31 27.70
N LEU C 152 30.15 18.08 26.69
CA LEU C 152 30.21 17.72 25.28
C LEU C 152 30.95 18.85 24.58
N GLU C 153 31.75 18.51 23.57
CA GLU C 153 32.53 19.54 22.88
C GLU C 153 32.75 19.17 21.41
N PRO C 154 32.30 20.01 20.47
CA PRO C 154 32.44 19.61 19.07
C PRO C 154 33.87 19.80 18.57
N GLY C 155 34.47 18.76 18.01
CA GLY C 155 35.74 18.91 17.33
C GLY C 155 35.47 19.12 15.86
N LYS C 156 36.47 18.77 15.05
CA LYS C 156 36.46 18.91 13.58
C LYS C 156 35.46 17.93 12.92
N LYS C 157 35.55 16.65 13.28
CA LYS C 157 34.70 15.60 12.74
C LYS C 157 34.00 14.83 13.87
N LYS C 158 34.55 14.96 15.08
CA LYS C 158 34.11 14.14 16.18
C LYS C 158 33.78 14.98 17.40
N TRP C 159 32.72 14.57 18.08
CA TRP C 159 32.43 15.09 19.43
C TRP C 159 33.41 14.53 20.38
N THR C 160 33.86 15.38 21.30
CA THR C 160 34.58 14.88 22.47
C THR C 160 33.63 14.87 23.67
N LEU C 161 33.58 13.73 24.31
CA LEU C 161 32.71 13.49 25.44
C LEU C 161 33.49 13.37 26.75
N THR C 162 33.11 14.19 27.72
CA THR C 162 33.75 14.22 29.02
C THR C 162 32.91 13.48 30.05
N PHE C 163 33.51 12.49 30.72
CA PHE C 163 32.85 11.72 31.75
C PHE C 163 33.54 11.94 33.09
N GLU C 164 32.76 12.05 34.17
CA GLU C 164 33.30 12.41 35.45
C GLU C 164 34.27 11.37 35.96
N ASN C 165 35.47 11.83 36.27
CA ASN C 165 36.54 10.99 36.70
C ASN C 165 36.76 9.74 35.79
N LYS C 166 36.58 9.86 34.47
CA LYS C 166 36.88 8.74 33.59
C LYS C 166 37.47 9.23 32.27
N PRO C 167 38.09 8.34 31.51
CA PRO C 167 38.65 8.80 30.23
C PRO C 167 37.59 9.41 29.32
N SER C 168 38.00 10.38 28.52
CA SER C 168 37.18 10.97 27.51
C SER C 168 37.01 10.00 26.35
N GLU C 169 35.95 10.20 25.56
CA GLU C 169 35.70 9.36 24.39
C GLU C 169 35.25 10.29 23.33
N THR C 170 35.23 9.80 22.10
CA THR C 170 34.79 10.59 20.95
C THR C 170 33.68 9.82 20.21
N ALA C 171 32.83 10.53 19.45
CA ALA C 171 31.80 9.91 18.61
C ALA C 171 31.41 10.82 17.44
N ASP C 172 30.97 10.23 16.33
CA ASP C 172 30.51 11.03 15.14
C ASP C 172 29.10 11.55 15.37
N LEU C 173 28.33 10.82 16.19
CA LEU C 173 26.94 11.19 16.48
C LEU C 173 26.67 10.97 17.96
N VAL C 174 26.18 12.02 18.61
CA VAL C 174 25.72 11.90 19.99
C VAL C 174 24.19 11.81 19.99
N ILE C 175 23.65 10.77 20.66
CA ILE C 175 22.23 10.74 20.92
C ILE C 175 22.01 10.94 22.42
N LEU C 176 21.32 12.01 22.79
CA LEU C 176 21.06 12.25 24.23
C LEU C 176 19.83 11.45 24.61
N ALA C 177 19.99 10.51 25.53
CA ALA C 177 18.86 9.70 26.02
C ALA C 177 18.98 9.66 27.55
N ASN C 178 19.43 10.79 28.10
CA ASN C 178 19.80 10.77 29.52
C ASN C 178 18.77 11.47 30.39
N GLY C 179 17.54 11.50 29.93
CA GLY C 179 16.46 11.78 30.87
C GLY C 179 16.00 13.21 30.89
N GLY C 180 14.91 13.49 31.63
CA GLY C 180 14.25 14.83 31.59
C GLY C 180 15.03 15.99 32.15
N MET C 181 16.06 15.67 32.96
CA MET C 181 16.87 16.71 33.61
C MET C 181 18.21 16.85 32.92
N SER C 182 18.34 16.35 31.69
CA SER C 182 19.62 16.41 31.00
C SER C 182 20.22 17.80 31.05
N LYS C 183 21.52 17.87 31.30
CA LYS C 183 22.19 19.18 31.48
C LYS C 183 23.04 19.53 30.27
N VAL C 184 22.95 18.73 29.24
CA VAL C 184 23.89 18.80 28.17
C VAL C 184 23.12 19.00 26.88
N ARG C 185 22.00 19.73 26.95
CA ARG C 185 21.11 19.90 25.79
C ARG C 185 21.41 21.11 24.91
N LYS C 186 22.30 22.00 25.39
CA LYS C 186 22.47 23.32 24.79
C LYS C 186 22.79 23.29 23.31
N PHE C 187 23.59 22.33 22.82
CA PHE C 187 23.87 22.27 21.37
C PHE C 187 22.64 21.98 20.49
N VAL C 188 21.62 21.37 21.12
CA VAL C 188 20.38 21.05 20.42
C VAL C 188 19.35 22.17 20.57
N THR C 189 19.25 22.72 21.79
CA THR C 189 18.19 23.68 22.05
C THR C 189 18.46 24.39 23.36
N ASP C 190 17.92 25.60 23.47
CA ASP C 190 17.97 26.46 24.68
C ASP C 190 16.76 26.33 25.58
N THR C 191 15.72 25.65 25.10
CA THR C 191 14.53 25.42 25.90
C THR C 191 14.93 24.81 27.27
N GLU C 192 14.20 25.16 28.32
CA GLU C 192 14.48 24.61 29.62
C GLU C 192 13.26 23.89 30.14
N VAL C 193 13.51 23.02 31.10
CA VAL C 193 12.49 22.28 31.78
C VAL C 193 11.66 23.31 32.58
N GLU C 194 10.36 23.07 32.66
CA GLU C 194 9.45 23.89 33.45
C GLU C 194 8.68 23.02 34.42
N GLU C 195 8.30 23.63 35.54
CA GLU C 195 7.44 22.98 36.53
C GLU C 195 6.02 23.25 36.11
N THR C 196 5.14 22.25 36.18
CA THR C 196 3.81 22.43 35.61
C THR C 196 2.83 22.91 36.68
N GLY C 197 3.23 22.84 37.95
CA GLY C 197 2.32 23.17 39.05
C GLY C 197 1.78 21.99 39.85
N THR C 198 2.06 20.74 39.45
CA THR C 198 1.72 19.61 40.34
C THR C 198 2.96 19.01 40.96
N PHE C 199 2.78 18.20 41.99
CA PHE C 199 3.87 17.62 42.76
C PHE C 199 3.52 16.15 43.12
N ASN C 200 4.50 15.25 43.05
CA ASN C 200 4.33 13.80 43.27
C ASN C 200 5.23 13.30 44.41
N ILE C 201 4.65 12.52 45.30
CA ILE C 201 5.39 11.82 46.31
C ILE C 201 5.26 10.35 46.00
N GLN C 202 6.38 9.66 45.82
CA GLN C 202 6.34 8.26 45.45
C GLN C 202 7.09 7.46 46.50
N ALA C 203 6.70 6.21 46.73
CA ALA C 203 7.44 5.33 47.69
C ALA C 203 7.11 3.87 47.41
N ASP C 204 7.95 2.99 47.93
CA ASP C 204 7.75 1.55 47.88
C ASP C 204 7.51 1.03 49.28
N ILE C 205 6.67 0.03 49.39
CA ILE C 205 6.51 -0.72 50.61
C ILE C 205 6.82 -2.18 50.26
N HIS C 206 7.80 -2.75 50.96
CA HIS C 206 8.11 -4.18 50.82
C HIS C 206 7.20 -4.96 51.73
N GLN C 207 7.03 -6.25 51.42
CA GLN C 207 5.96 -7.12 51.98
C GLN C 207 4.67 -6.37 52.34
N PRO C 208 4.01 -5.83 51.31
CA PRO C 208 2.86 -5.01 51.58
C PRO C 208 1.76 -5.83 52.28
N GLU C 209 1.65 -7.11 51.96
CA GLU C 209 0.63 -7.97 52.59
C GLU C 209 0.79 -8.01 54.13
N ILE C 210 2.03 -7.83 54.60
CA ILE C 210 2.36 -7.74 56.03
C ILE C 210 2.27 -6.28 56.50
N ASN C 211 2.85 -5.35 55.73
CA ASN C 211 3.09 -4.00 56.22
C ASN C 211 1.95 -2.96 56.01
N CYS C 212 1.15 -3.17 54.98
CA CYS C 212 -0.08 -2.42 54.78
C CYS C 212 -1.22 -3.36 54.37
N PRO C 213 -1.63 -4.26 55.30
CA PRO C 213 -2.51 -5.38 54.93
C PRO C 213 -3.81 -4.85 54.42
N GLY C 214 -4.39 -3.88 55.15
CA GLY C 214 -5.67 -3.28 54.77
C GLY C 214 -5.57 -2.73 53.35
N PHE C 215 -4.55 -1.91 53.12
CA PHE C 215 -4.42 -1.28 51.81
C PHE C 215 -4.17 -2.31 50.73
N PHE C 216 -3.21 -3.22 50.97
CA PHE C 216 -2.95 -4.34 50.08
C PHE C 216 -4.24 -5.11 49.68
N GLN C 217 -5.14 -5.36 50.65
CA GLN C 217 -6.40 -6.09 50.37
C GLN C 217 -7.41 -5.24 49.60
N LEU C 218 -7.40 -3.95 49.83
CA LEU C 218 -8.21 -3.03 49.04
C LEU C 218 -7.82 -3.13 47.55
N CYS C 219 -6.52 -3.20 47.25
CA CYS C 219 -6.04 -3.35 45.83
C CYS C 219 -6.48 -4.69 45.28
N ASN C 220 -6.40 -5.71 46.15
CA ASN C 220 -6.86 -7.04 45.82
C ASN C 220 -6.31 -7.45 44.46
N GLY C 221 -5.01 -7.26 44.27
CA GLY C 221 -4.33 -7.73 43.06
C GLY C 221 -4.37 -6.78 41.89
N ASN C 222 -5.21 -5.76 41.98
CA ASN C 222 -5.29 -4.71 40.95
C ASN C 222 -4.52 -3.45 41.34
N ARG C 223 -4.21 -2.61 40.36
CA ARG C 223 -3.71 -1.30 40.63
C ARG C 223 -4.90 -0.59 41.27
N LEU C 224 -4.65 0.49 42.00
CA LEU C 224 -5.70 1.27 42.63
C LEU C 224 -5.46 2.76 42.39
N MET C 225 -6.55 3.49 42.16
CA MET C 225 -6.55 4.95 42.05
C MET C 225 -7.68 5.53 42.90
N ALA C 226 -7.35 6.54 43.69
CA ALA C 226 -8.36 7.26 44.47
C ALA C 226 -8.10 8.74 44.36
N SER C 227 -9.17 9.50 44.46
CA SER C 227 -9.18 10.93 44.27
C SER C 227 -10.07 11.60 45.32
N HIS C 228 -9.55 12.57 46.06
CA HIS C 228 -10.38 13.29 47.02
C HIS C 228 -9.78 14.61 47.32
N GLN C 229 -10.57 15.66 47.06
CA GLN C 229 -10.28 17.04 47.46
C GLN C 229 -8.91 17.55 47.04
N GLY C 230 -8.60 17.33 45.75
CA GLY C 230 -7.33 17.75 45.17
C GLY C 230 -6.16 16.81 45.42
N ASN C 231 -6.34 15.77 46.23
CA ASN C 231 -5.28 14.76 46.46
C ASN C 231 -5.60 13.50 45.69
N LEU C 232 -4.69 13.11 44.79
CA LEU C 232 -4.75 11.81 44.09
C LEU C 232 -3.80 10.75 44.68
N LEU C 233 -4.29 9.53 44.87
CA LEU C 233 -3.45 8.40 45.26
C LEU C 233 -3.47 7.33 44.19
N PHE C 234 -2.29 6.80 43.88
CA PHE C 234 -2.10 5.74 42.88
C PHE C 234 -1.27 4.60 43.47
N ALA C 235 -1.58 3.37 43.10
CA ALA C 235 -0.79 2.27 43.67
C ALA C 235 -0.69 1.10 42.77
N ASN C 236 0.46 0.45 42.79
CA ASN C 236 0.56 -0.82 42.10
C ASN C 236 1.03 -1.77 43.16
N PRO C 237 0.21 -2.74 43.53
CA PRO C 237 0.50 -3.53 44.72
C PRO C 237 1.50 -4.64 44.42
N ASN C 238 1.91 -4.79 43.16
CA ASN C 238 2.77 -5.93 42.83
C ASN C 238 3.81 -5.56 41.75
N ASN C 239 4.73 -4.64 42.11
CA ASN C 239 5.95 -4.41 41.39
C ASN C 239 7.04 -5.40 41.84
N ASN C 240 7.12 -6.55 41.19
CA ASN C 240 7.97 -7.65 41.69
C ASN C 240 7.82 -7.77 43.19
N GLY C 241 6.57 -7.82 43.69
CA GLY C 241 6.34 -8.11 45.11
C GLY C 241 6.38 -6.92 46.09
N ALA C 242 6.70 -5.75 45.56
CA ALA C 242 6.65 -4.51 46.34
C ALA C 242 5.49 -3.63 45.94
N LEU C 243 4.95 -2.93 46.91
CA LEU C 243 3.93 -1.96 46.57
C LEU C 243 4.54 -0.62 46.22
N HIS C 244 4.18 -0.04 45.08
CA HIS C 244 4.63 1.29 44.76
C HIS C 244 3.46 2.24 44.69
N PHE C 245 3.47 3.28 45.52
CA PHE C 245 2.37 4.26 45.50
C PHE C 245 2.81 5.66 45.19
N GLY C 246 1.89 6.41 44.58
CA GLY C 246 2.14 7.82 44.21
C GLY C 246 1.03 8.69 44.81
N ILE C 247 1.41 9.85 45.36
CA ILE C 247 0.43 10.79 45.85
C ILE C 247 0.71 12.07 45.15
N SER C 248 -0.29 12.58 44.44
CA SER C 248 -0.07 13.78 43.57
C SER C 248 -1.09 14.82 43.94
N PHE C 249 -0.70 16.09 43.84
CA PHE C 249 -1.52 17.23 44.31
C PHE C 249 -0.94 18.46 43.64
N LYS C 250 -1.68 19.58 43.67
CA LYS C 250 -1.20 20.86 43.17
C LYS C 250 -0.15 21.36 44.15
N THR C 251 0.98 21.83 43.64
CA THR C 251 2.07 22.23 44.52
C THR C 251 1.51 23.32 45.44
N PRO C 252 1.64 23.13 46.77
CA PRO C 252 1.11 24.13 47.73
C PRO C 252 1.82 25.48 47.57
N ASP C 253 1.05 26.55 47.67
CA ASP C 253 1.62 27.90 47.59
C ASP C 253 2.79 28.18 48.54
N GLU C 254 2.71 27.67 49.77
CA GLU C 254 3.78 27.81 50.78
C GLU C 254 5.15 27.20 50.37
N TRP C 255 5.22 26.52 49.24
CA TRP C 255 6.45 25.86 48.76
C TRP C 255 7.11 26.66 47.69
N GLN C 260 8.67 23.45 52.24
CA GLN C 260 8.44 23.47 53.68
C GLN C 260 8.38 22.05 54.26
N VAL C 261 8.52 21.06 53.37
CA VAL C 261 8.65 19.65 53.73
C VAL C 261 10.03 19.17 53.26
N ASP C 262 10.78 18.51 54.14
CA ASP C 262 12.11 18.02 53.81
C ASP C 262 12.04 16.51 53.51
N PHE C 263 12.34 16.13 52.26
CA PHE C 263 12.17 14.74 51.81
C PHE C 263 13.18 13.73 52.36
N GLN C 264 14.27 14.24 52.91
CA GLN C 264 15.26 13.48 53.70
C GLN C 264 14.79 13.14 55.13
N ASN C 265 13.79 13.87 55.62
CA ASN C 265 13.19 13.67 56.94
C ASN C 265 11.81 13.01 56.79
N ARG C 266 11.72 11.69 57.00
CA ARG C 266 10.43 11.03 56.85
C ARG C 266 9.35 11.66 57.75
N ASN C 267 9.74 12.13 58.93
CA ASN C 267 8.82 12.77 59.87
C ASN C 267 8.10 13.94 59.25
N SER C 268 8.81 14.79 58.52
CA SER C 268 8.13 15.97 57.99
C SER C 268 7.22 15.64 56.81
N VAL C 269 7.55 14.55 56.09
CA VAL C 269 6.72 14.06 54.98
C VAL C 269 5.45 13.42 55.52
N VAL C 270 5.59 12.46 56.43
CA VAL C 270 4.49 11.88 57.21
C VAL C 270 3.54 12.93 57.81
N ASP C 271 4.09 13.97 58.48
CA ASP C 271 3.25 15.03 59.07
C ASP C 271 2.35 15.69 58.03
N PHE C 272 2.98 16.11 56.94
CA PHE C 272 2.29 16.76 55.85
C PHE C 272 1.22 15.87 55.22
N LEU C 273 1.55 14.59 54.96
CA LEU C 273 0.63 13.69 54.29
C LEU C 273 -0.53 13.33 55.23
N LEU C 274 -0.24 13.03 56.49
CA LEU C 274 -1.32 12.78 57.46
C LEU C 274 -2.28 13.97 57.59
N LYS C 275 -1.79 15.20 57.48
CA LYS C 275 -2.73 16.35 57.47
C LYS C 275 -3.54 16.35 56.15
N GLU C 276 -2.88 16.21 55.01
CA GLU C 276 -3.58 16.16 53.72
C GLU C 276 -4.62 15.04 53.65
N PHE C 277 -4.22 13.87 54.15
CA PHE C 277 -5.03 12.67 54.20
C PHE C 277 -5.84 12.41 55.48
N SER C 278 -6.03 13.44 56.32
CA SER C 278 -6.76 13.25 57.65
C SER C 278 -8.17 12.71 57.41
N ASP C 279 -8.65 13.03 56.22
CA ASP C 279 -9.99 12.74 55.78
C ASP C 279 -10.15 11.29 55.31
N TRP C 280 -9.04 10.64 54.98
CA TRP C 280 -9.05 9.30 54.36
C TRP C 280 -9.15 8.18 55.34
N ASP C 281 -9.71 7.07 54.90
CA ASP C 281 -9.80 5.84 55.68
C ASP C 281 -8.42 5.46 56.22
N GLU C 282 -8.42 4.80 57.38
CA GLU C 282 -7.23 4.37 58.12
C GLU C 282 -6.27 3.50 57.29
N ARG C 283 -6.77 2.75 56.31
CA ARG C 283 -5.90 1.93 55.46
C ARG C 283 -4.98 2.74 54.57
N TYR C 284 -5.45 3.87 54.05
CA TYR C 284 -4.53 4.80 53.35
C TYR C 284 -3.47 5.47 54.30
N LYS C 285 -3.87 5.75 55.51
CA LYS C 285 -2.98 6.31 56.52
C LYS C 285 -1.91 5.31 56.93
N GLU C 286 -2.30 4.05 56.99
CA GLU C 286 -1.40 3.01 57.43
C GLU C 286 -0.33 2.90 56.36
N LEU C 287 -0.72 3.24 55.13
CA LEU C 287 0.21 3.23 54.01
C LEU C 287 1.27 4.33 54.19
N ILE C 288 0.86 5.50 54.63
CA ILE C 288 1.79 6.58 54.91
C ILE C 288 2.65 6.30 56.16
N HIS C 289 2.04 5.75 57.21
CA HIS C 289 2.75 5.45 58.45
C HIS C 289 3.83 4.45 58.26
N THR C 290 3.58 3.46 57.40
CA THR C 290 4.47 2.34 57.30
C THR C 290 5.65 2.62 56.34
N THR C 291 5.57 3.65 55.51
CA THR C 291 6.58 3.93 54.49
C THR C 291 7.90 4.39 55.12
N LEU C 292 9.01 3.84 54.64
CA LEU C 292 10.29 4.08 55.32
C LEU C 292 10.83 5.36 54.76
N SER C 293 10.71 5.56 53.43
CA SER C 293 11.22 6.77 52.77
C SER C 293 10.43 7.15 51.52
N PHE C 294 10.29 8.46 51.33
CA PHE C 294 9.49 9.05 50.25
C PHE C 294 10.38 9.82 49.28
N VAL C 295 10.01 9.81 48.01
CA VAL C 295 10.70 10.62 47.02
C VAL C 295 9.75 11.74 46.59
N GLY C 296 10.16 12.99 46.79
CA GLY C 296 9.29 14.10 46.41
C GLY C 296 9.77 14.65 45.10
N LEU C 297 8.90 14.79 44.10
CA LEU C 297 9.31 15.42 42.86
C LEU C 297 8.22 16.22 42.08
N ALA C 298 8.54 17.50 41.87
CA ALA C 298 7.70 18.38 41.10
C ALA C 298 7.50 17.81 39.71
N THR C 299 6.26 17.79 39.24
CA THR C 299 6.00 17.48 37.84
C THR C 299 6.61 18.55 36.91
N ARG C 300 7.21 18.05 35.83
CA ARG C 300 7.95 18.86 34.89
C ARG C 300 7.66 18.48 33.47
N ILE C 301 7.90 19.41 32.59
CA ILE C 301 7.70 19.21 31.17
C ILE C 301 8.88 19.88 30.46
N PHE C 302 9.39 19.25 29.41
CA PHE C 302 10.40 19.89 28.55
C PHE C 302 9.63 20.19 27.29
N PRO C 303 9.14 21.47 27.14
CA PRO C 303 8.05 21.66 26.22
C PRO C 303 8.52 21.72 24.75
N LEU C 304 7.81 21.03 23.87
CA LEU C 304 8.16 21.01 22.46
C LEU C 304 7.53 22.28 21.86
N GLU C 305 7.92 23.42 22.41
CA GLU C 305 7.33 24.72 22.12
C GLU C 305 7.91 25.28 20.84
N LYS C 306 9.21 25.55 20.82
CA LYS C 306 9.86 26.17 19.68
C LYS C 306 10.78 25.17 18.99
N PRO C 307 11.04 25.34 17.68
CA PRO C 307 11.91 24.40 16.95
C PRO C 307 13.27 24.30 17.61
N TRP C 308 13.97 23.19 17.45
CA TRP C 308 15.34 23.12 17.94
C TRP C 308 16.30 23.86 17.03
N LYS C 309 17.57 24.04 17.46
CA LYS C 309 18.54 24.78 16.69
C LYS C 309 18.80 24.09 15.37
N SER C 310 18.71 24.84 14.29
CA SER C 310 18.91 24.27 12.97
C SER C 310 20.39 24.32 12.58
N LYS C 311 21.18 25.13 13.30
CA LYS C 311 22.61 25.15 13.07
C LYS C 311 23.26 24.43 14.25
N ARG C 312 23.88 23.29 13.98
CA ARG C 312 24.55 22.48 14.99
C ARG C 312 25.94 22.12 14.47
N PRO C 313 26.98 22.28 15.30
CA PRO C 313 28.36 22.12 14.80
C PRO C 313 28.66 20.68 14.33
N LEU C 314 28.09 19.69 14.99
CA LEU C 314 28.19 18.28 14.55
C LEU C 314 26.86 17.57 14.77
N PRO C 315 26.66 16.38 14.16
CA PRO C 315 25.34 15.71 14.33
C PRO C 315 25.05 15.37 15.78
N ILE C 316 23.90 15.84 16.28
CA ILE C 316 23.46 15.55 17.65
C ILE C 316 21.94 15.66 17.77
N THR C 317 21.32 14.74 18.52
CA THR C 317 19.88 14.81 18.68
C THR C 317 19.49 14.23 20.04
N MET C 318 18.20 14.21 20.36
CA MET C 318 17.68 13.75 21.64
C MET C 318 16.45 12.89 21.44
N ILE C 319 16.29 11.91 22.33
CA ILE C 319 15.18 10.98 22.29
C ILE C 319 14.67 10.76 23.71
N GLY C 320 13.42 10.32 23.85
CA GLY C 320 12.94 9.97 25.18
C GLY C 320 12.68 11.17 26.03
N ASP C 321 12.88 11.06 27.34
CA ASP C 321 12.54 12.20 28.21
C ASP C 321 13.42 13.42 27.94
N ALA C 322 14.63 13.21 27.41
CA ALA C 322 15.57 14.33 27.17
C ALA C 322 14.94 15.21 26.09
N ALA C 323 14.13 14.62 25.21
CA ALA C 323 13.53 15.36 24.10
C ALA C 323 12.20 16.00 24.50
N HIS C 324 11.41 15.32 25.34
CA HIS C 324 10.02 15.77 25.47
C HIS C 324 9.39 15.33 26.78
N LEU C 325 10.18 15.27 27.83
CA LEU C 325 9.72 15.05 29.22
C LEU C 325 8.33 15.63 29.39
N MET C 326 7.43 14.80 29.90
CA MET C 326 6.05 15.25 30.07
C MET C 326 5.49 14.76 31.41
N PRO C 327 4.40 15.40 31.91
CA PRO C 327 3.79 14.93 33.13
C PRO C 327 3.36 13.42 33.04
N PRO C 328 3.61 12.63 34.10
CA PRO C 328 3.34 11.17 34.13
C PRO C 328 1.87 10.85 34.44
N PHE C 329 0.99 11.39 33.60
CA PHE C 329 -0.46 11.28 33.81
C PHE C 329 -1.23 10.70 32.63
N ALA C 330 -0.51 10.19 31.63
CA ALA C 330 -1.18 9.57 30.46
C ALA C 330 -0.50 8.34 29.92
N GLY C 331 0.52 7.85 30.60
CA GLY C 331 1.23 6.66 30.13
C GLY C 331 1.96 6.83 28.81
N GLN C 332 2.27 8.07 28.44
CA GLN C 332 2.87 8.38 27.15
C GLN C 332 4.40 8.50 27.21
N GLY C 333 4.96 8.62 28.42
CA GLY C 333 6.35 8.89 28.54
C GLY C 333 7.28 7.87 27.88
N VAL C 334 7.32 6.64 28.36
CA VAL C 334 8.21 5.64 27.75
C VAL C 334 7.77 5.25 26.32
N ASN C 335 6.48 5.26 26.03
CA ASN C 335 5.98 4.86 24.72
C ASN C 335 6.44 5.86 23.59
N SER C 336 6.32 7.18 23.82
CA SER C 336 6.77 8.12 22.81
C SER C 336 8.30 8.08 22.66
N GLY C 337 8.99 7.91 23.79
CA GLY C 337 10.42 7.68 23.76
C GLY C 337 10.85 6.47 22.98
N LEU C 338 10.08 5.37 23.09
CA LEU C 338 10.39 4.18 22.33
C LEU C 338 10.17 4.39 20.86
N VAL C 339 9.11 5.09 20.53
CA VAL C 339 8.85 5.46 19.13
C VAL C 339 10.01 6.32 18.55
N ASP C 340 10.54 7.26 19.35
CA ASP C 340 11.70 8.08 18.95
C ASP C 340 12.84 7.19 18.52
N ALA C 341 13.17 6.24 19.38
CA ALA C 341 14.19 5.23 19.07
C ALA C 341 13.91 4.56 17.70
N LEU C 342 12.67 4.06 17.51
CA LEU C 342 12.29 3.39 16.28
C LEU C 342 12.49 4.26 15.01
N ILE C 343 11.96 5.49 15.05
CA ILE C 343 12.01 6.40 13.93
C ILE C 343 13.40 6.89 13.64
N LEU C 344 14.16 7.26 14.68
CA LEU C 344 15.57 7.56 14.53
C LEU C 344 16.44 6.41 13.98
N SER C 345 16.37 5.22 14.56
CA SER C 345 17.16 4.12 14.02
C SER C 345 16.78 3.75 12.60
N ASP C 346 15.49 3.78 12.27
CA ASP C 346 15.06 3.53 10.88
C ASP C 346 15.73 4.57 9.96
N ASN C 347 15.58 5.84 10.28
CA ASN C 347 16.22 6.89 9.53
C ASN C 347 17.73 6.70 9.40
N LEU C 348 18.38 6.27 10.47
CA LEU C 348 19.85 6.13 10.49
C LEU C 348 20.37 4.87 9.76
N ALA C 349 19.49 3.89 9.54
CA ALA C 349 19.89 2.62 8.95
C ALA C 349 19.78 2.64 7.43
N ASP C 350 18.86 3.46 6.92
CA ASP C 350 18.53 3.50 5.51
C ASP C 350 19.26 4.60 4.79
N GLY C 351 19.96 4.22 3.72
CA GLY C 351 20.53 5.18 2.77
C GLY C 351 19.42 5.96 2.09
N LYS C 352 18.35 6.22 2.85
CA LYS C 352 17.16 6.97 2.44
C LYS C 352 17.42 8.51 2.45
N PHE C 353 18.48 8.95 3.14
CA PHE C 353 18.86 10.37 3.29
C PHE C 353 20.28 10.60 2.82
N ASN C 354 20.63 11.85 2.56
CA ASN C 354 21.97 12.21 2.09
C ASN C 354 23.02 12.36 3.17
N SER C 355 22.59 12.77 4.37
CA SER C 355 23.52 12.96 5.47
C SER C 355 22.88 12.63 6.84
N ILE C 356 23.71 12.41 7.87
CA ILE C 356 23.23 12.07 9.19
C ILE C 356 22.31 13.18 9.63
N GLU C 357 22.72 14.41 9.31
CA GLU C 357 21.98 15.66 9.60
C GLU C 357 20.53 15.59 9.10
N GLU C 358 20.35 15.18 7.84
CA GLU C 358 19.00 14.99 7.28
C GLU C 358 18.22 13.86 7.99
N ALA C 359 18.85 12.74 8.30
CA ALA C 359 18.19 11.64 8.97
C ALA C 359 17.67 12.13 10.37
N VAL C 360 18.55 12.86 11.08
CA VAL C 360 18.23 13.45 12.37
C VAL C 360 17.09 14.47 12.20
N LYS C 361 17.20 15.34 11.20
CA LYS C 361 16.19 16.40 11.07
C LYS C 361 14.81 15.80 10.76
N ASN C 362 14.79 14.81 9.87
CA ASN C 362 13.53 14.12 9.51
C ASN C 362 12.89 13.42 10.72
N TYR C 363 13.71 12.70 11.50
CA TYR C 363 13.27 12.19 12.78
C TYR C 363 12.64 13.27 13.64
N GLU C 364 13.32 14.41 13.81
CA GLU C 364 12.89 15.45 14.75
C GLU C 364 11.58 16.09 14.34
N GLN C 365 11.43 16.27 13.03
CA GLN C 365 10.16 16.71 12.47
C GLN C 365 8.98 15.83 12.81
N GLN C 366 9.15 14.50 12.71
CA GLN C 366 8.06 13.57 13.07
C GLN C 366 7.81 13.66 14.57
N MET C 367 8.90 13.63 15.36
CA MET C 367 8.80 13.57 16.84
C MET C 367 8.12 14.81 17.40
N PHE C 368 8.32 15.95 16.77
CA PHE C 368 7.62 17.16 17.21
C PHE C 368 6.09 17.03 17.16
N ILE C 369 5.60 16.37 16.12
CA ILE C 369 4.17 16.20 15.98
C ILE C 369 3.60 15.20 16.95
N TYR C 370 4.04 13.94 16.94
CA TYR C 370 3.43 12.98 17.87
C TYR C 370 3.81 13.27 19.33
N GLY C 371 5.04 13.76 19.52
CA GLY C 371 5.54 14.23 20.82
C GLY C 371 4.65 15.27 21.49
N LYS C 372 4.34 16.31 20.74
CA LYS C 372 3.47 17.37 21.16
C LYS C 372 2.08 16.87 21.47
N GLU C 373 1.54 15.98 20.62
CA GLU C 373 0.27 15.30 20.91
C GLU C 373 0.30 14.53 22.24
N ALA C 374 1.40 13.82 22.51
CA ALA C 374 1.50 13.11 23.79
C ALA C 374 1.61 14.14 24.90
N GLN C 375 2.39 15.21 24.68
CA GLN C 375 2.47 16.27 25.71
C GLN C 375 1.10 16.88 26.04
N GLU C 376 0.31 17.11 25.01
CA GLU C 376 -0.94 17.77 25.21
C GLU C 376 -1.82 16.87 26.01
N GLU C 377 -1.72 15.57 25.79
CA GLU C 377 -2.62 14.65 26.50
C GLU C 377 -2.24 14.55 27.99
N SER C 378 -0.94 14.51 28.24
CA SER C 378 -0.41 14.59 29.57
C SER C 378 -0.85 15.80 30.40
N THR C 379 -0.63 16.97 29.81
CA THR C 379 -1.01 18.25 30.38
C THR C 379 -2.52 18.31 30.60
N GLN C 380 -3.26 17.80 29.64
CA GLN C 380 -4.70 17.95 29.69
C GLN C 380 -5.25 17.04 30.77
N ASN C 381 -4.68 15.83 30.86
CA ASN C 381 -5.06 14.94 31.92
C ASN C 381 -4.72 15.54 33.27
N GLU C 382 -3.49 16.08 33.36
CA GLU C 382 -3.01 16.74 34.56
C GLU C 382 -3.95 17.87 34.99
N ILE C 383 -4.39 18.68 34.05
CA ILE C 383 -5.37 19.76 34.41
C ILE C 383 -6.69 19.17 34.90
N GLU C 384 -7.18 18.18 34.17
CA GLU C 384 -8.48 17.56 34.38
C GLU C 384 -8.53 16.89 35.76
N MET C 385 -7.43 16.22 36.11
CA MET C 385 -7.38 15.43 37.32
C MET C 385 -7.38 16.27 38.57
N PHE C 386 -6.90 17.50 38.43
CA PHE C 386 -6.72 18.37 39.57
C PHE C 386 -7.77 19.40 39.72
N LYS C 387 -8.84 19.26 38.96
CA LYS C 387 -9.99 20.17 39.07
C LYS C 387 -10.91 19.65 40.18
N PRO C 388 -11.60 20.57 40.91
CA PRO C 388 -12.51 20.34 42.02
C PRO C 388 -13.29 19.02 42.00
N ASP C 389 -14.06 18.76 40.94
CA ASP C 389 -14.78 17.49 40.83
C ASP C 389 -14.16 16.58 39.78
N PHE C 390 -13.05 15.94 40.14
CA PHE C 390 -12.56 14.87 39.30
C PHE C 390 -13.08 13.48 39.73
N THR C 391 -13.44 12.68 38.73
CA THR C 391 -14.00 11.32 38.86
C THR C 391 -13.36 10.50 37.73
N PHE C 392 -12.54 9.51 38.09
CA PHE C 392 -11.60 8.88 37.15
C PHE C 392 -12.17 8.40 35.80
N ASN D 22 20.41 -33.73 -31.46
CA ASN D 22 21.09 -34.90 -30.87
C ASN D 22 20.23 -36.17 -30.95
N LEU D 23 20.39 -37.08 -29.97
CA LEU D 23 19.56 -38.26 -29.83
C LEU D 23 18.03 -38.01 -29.99
N LEU D 24 17.56 -36.77 -29.77
CA LEU D 24 16.12 -36.48 -29.89
C LEU D 24 15.75 -35.67 -31.13
N SER D 25 16.60 -35.69 -32.14
CA SER D 25 16.45 -34.80 -33.30
C SER D 25 15.09 -34.75 -33.99
N ASP D 26 14.50 -35.88 -34.34
CA ASP D 26 13.17 -35.78 -34.95
C ASP D 26 12.10 -36.33 -34.04
N LYS D 27 12.27 -36.10 -32.75
CA LYS D 27 11.54 -36.85 -31.74
C LYS D 27 10.94 -35.96 -30.65
N ASN D 28 10.01 -36.51 -29.88
CA ASN D 28 9.42 -35.70 -28.81
C ASN D 28 9.44 -36.43 -27.49
N VAL D 29 9.46 -35.66 -26.43
CA VAL D 29 9.55 -36.17 -25.07
C VAL D 29 8.24 -35.78 -24.37
N ALA D 30 7.63 -36.72 -23.69
CA ALA D 30 6.48 -36.39 -22.87
C ALA D 30 6.96 -36.50 -21.43
N ILE D 31 6.77 -35.41 -20.67
CA ILE D 31 7.03 -35.44 -19.26
C ILE D 31 5.72 -35.58 -18.56
N ILE D 32 5.61 -36.58 -17.71
CA ILE D 32 4.36 -36.79 -17.00
C ILE D 32 4.50 -36.10 -15.64
N GLY D 33 3.77 -34.99 -15.46
CA GLY D 33 3.75 -34.33 -14.19
C GLY D 33 4.52 -33.03 -14.24
N GLY D 34 3.87 -31.95 -13.75
CA GLY D 34 4.42 -30.62 -13.78
C GLY D 34 4.72 -30.10 -12.41
N GLY D 35 5.39 -30.93 -11.62
CA GLY D 35 5.84 -30.59 -10.29
C GLY D 35 7.15 -29.79 -10.50
N PRO D 36 7.85 -29.46 -9.40
CA PRO D 36 9.15 -28.75 -9.55
C PRO D 36 10.13 -29.52 -10.42
N VAL D 37 10.13 -30.84 -10.30
CA VAL D 37 11.08 -31.64 -11.01
C VAL D 37 10.71 -31.79 -12.48
N GLY D 38 9.44 -32.06 -12.79
CA GLY D 38 9.04 -32.19 -14.15
C GLY D 38 9.13 -30.87 -14.90
N LEU D 39 8.81 -29.76 -14.23
CA LEU D 39 8.95 -28.47 -14.95
C LEU D 39 10.44 -28.10 -15.17
N THR D 40 11.29 -28.41 -14.21
CA THR D 40 12.73 -28.13 -14.39
C THR D 40 13.29 -29.03 -15.51
N MET D 41 12.86 -30.28 -15.56
CA MET D 41 13.21 -31.19 -16.68
C MET D 41 12.79 -30.62 -18.03
N ALA D 42 11.57 -30.09 -18.13
CA ALA D 42 11.08 -29.49 -19.39
C ALA D 42 11.96 -28.33 -19.82
N LYS D 43 12.27 -27.48 -18.86
CA LYS D 43 13.09 -26.27 -19.16
C LYS D 43 14.49 -26.64 -19.72
N LEU D 44 15.18 -27.54 -19.02
CA LEU D 44 16.51 -27.98 -19.44
C LEU D 44 16.54 -28.70 -20.78
N LEU D 45 15.48 -29.47 -21.11
CA LEU D 45 15.30 -30.02 -22.43
C LEU D 45 15.00 -28.98 -23.47
N GLN D 46 14.08 -28.09 -23.15
CA GLN D 46 13.65 -27.09 -24.10
C GLN D 46 14.79 -26.12 -24.51
N GLN D 47 15.66 -25.79 -23.57
CA GLN D 47 16.76 -24.87 -23.93
C GLN D 47 17.88 -25.50 -24.84
N ASN D 48 17.80 -26.79 -25.12
CA ASN D 48 18.62 -27.45 -26.12
C ASN D 48 17.81 -27.77 -27.38
N GLY D 49 16.68 -27.09 -27.53
CA GLY D 49 15.83 -27.28 -28.71
C GLY D 49 15.13 -28.64 -28.86
N ILE D 50 15.00 -29.35 -27.76
CA ILE D 50 14.23 -30.57 -27.75
C ILE D 50 12.73 -30.26 -27.59
N ASP D 51 11.93 -31.05 -28.28
CA ASP D 51 10.52 -30.90 -28.36
C ASP D 51 9.91 -31.70 -27.21
N VAL D 52 9.43 -31.00 -26.20
CA VAL D 52 8.94 -31.62 -24.98
C VAL D 52 7.60 -31.02 -24.67
N SER D 53 6.70 -31.85 -24.16
CA SER D 53 5.45 -31.42 -23.54
C SER D 53 5.43 -31.93 -22.09
N VAL D 54 4.81 -31.16 -21.21
CA VAL D 54 4.55 -31.60 -19.85
C VAL D 54 3.06 -31.79 -19.68
N TYR D 55 2.66 -32.96 -19.19
CA TYR D 55 1.24 -33.31 -19.04
C TYR D 55 0.93 -33.25 -17.59
N GLU D 56 0.07 -32.31 -17.21
CA GLU D 56 -0.11 -32.06 -15.80
C GLU D 56 -1.56 -32.23 -15.39
N ARG D 57 -1.78 -33.02 -14.33
CA ARG D 57 -3.11 -33.36 -13.77
C ARG D 57 -3.92 -32.11 -13.35
N ASP D 58 -3.28 -31.18 -12.67
CA ASP D 58 -3.94 -29.95 -12.19
C ASP D 58 -4.67 -29.24 -13.34
N ASN D 59 -5.78 -28.66 -12.97
CA ASN D 59 -6.72 -28.10 -13.88
C ASN D 59 -6.18 -26.89 -14.62
N ASP D 60 -5.41 -26.05 -13.93
CA ASP D 60 -4.86 -24.86 -14.53
C ASP D 60 -3.70 -24.37 -13.67
N ARG D 61 -2.89 -23.48 -14.21
CA ARG D 61 -1.68 -23.03 -13.54
C ARG D 61 -1.89 -22.36 -12.23
N GLU D 62 -3.12 -21.92 -11.92
CA GLU D 62 -3.38 -21.28 -10.63
C GLU D 62 -3.89 -22.22 -9.51
N ALA D 63 -3.98 -23.53 -9.77
CA ALA D 63 -4.39 -24.48 -8.70
C ALA D 63 -3.44 -24.29 -7.52
N ARG D 64 -3.93 -24.29 -6.28
CA ARG D 64 -3.05 -24.14 -5.11
C ARG D 64 -2.29 -25.46 -4.86
N ILE D 65 -1.02 -25.36 -4.52
CA ILE D 65 -0.16 -26.54 -4.22
C ILE D 65 -0.05 -26.63 -2.71
N PHE D 66 -0.69 -27.63 -2.13
CA PHE D 66 -0.62 -27.77 -0.68
C PHE D 66 0.76 -28.25 -0.28
N GLY D 67 1.23 -27.75 0.83
CA GLY D 67 2.55 -28.12 1.38
C GLY D 67 3.26 -26.89 1.92
N GLY D 68 4.35 -27.12 2.63
CA GLY D 68 5.22 -26.03 3.04
C GLY D 68 6.09 -25.43 1.91
N THR D 69 7.14 -24.72 2.33
CA THR D 69 8.11 -24.19 1.40
C THR D 69 9.17 -25.23 0.96
N LEU D 70 9.91 -24.94 -0.09
CA LEU D 70 11.04 -25.78 -0.53
C LEU D 70 12.28 -24.94 -0.38
N ASP D 71 13.40 -25.56 0.01
CA ASP D 71 14.66 -24.93 -0.13
C ASP D 71 15.59 -25.73 -1.02
N LEU D 72 16.22 -25.01 -1.90
CA LEU D 72 17.11 -25.49 -2.90
C LEU D 72 18.53 -25.27 -2.41
N HIS D 73 19.33 -26.33 -2.55
CA HIS D 73 20.64 -26.39 -1.95
C HIS D 73 21.68 -26.11 -2.97
N LYS D 74 22.74 -25.43 -2.55
CA LYS D 74 23.94 -25.23 -3.35
C LYS D 74 24.58 -26.57 -3.63
N GLY D 75 25.06 -26.73 -4.84
CA GLY D 75 25.58 -28.06 -5.27
C GLY D 75 24.53 -29.02 -5.77
N SER D 76 23.25 -28.73 -5.51
CA SER D 76 22.17 -29.61 -6.04
C SER D 76 20.98 -28.89 -6.71
N GLY D 77 19.93 -28.60 -5.93
CA GLY D 77 18.78 -27.83 -6.45
C GLY D 77 19.20 -26.54 -7.14
N GLN D 78 20.06 -25.75 -6.49
CA GLN D 78 20.48 -24.46 -7.10
C GLN D 78 21.24 -24.64 -8.44
N GLU D 79 21.98 -25.76 -8.58
CA GLU D 79 22.69 -26.03 -9.87
C GLU D 79 21.69 -26.19 -10.96
N ALA D 80 20.60 -26.87 -10.67
CA ALA D 80 19.56 -27.01 -11.68
C ALA D 80 19.02 -25.64 -12.09
N MET D 81 18.70 -24.82 -11.11
CA MET D 81 18.21 -23.46 -11.38
C MET D 81 19.25 -22.65 -12.16
N LYS D 82 20.50 -22.70 -11.74
CA LYS D 82 21.57 -22.02 -12.48
C LYS D 82 21.61 -22.46 -13.92
N LYS D 83 21.62 -23.77 -14.20
CA LYS D 83 21.62 -24.24 -15.59
C LYS D 83 20.42 -23.68 -16.38
N ALA D 84 19.28 -23.59 -15.70
CA ALA D 84 18.05 -23.11 -16.29
C ALA D 84 18.03 -21.58 -16.46
N GLY D 85 19.06 -20.89 -15.92
CA GLY D 85 19.10 -19.42 -15.92
C GLY D 85 18.08 -18.77 -14.98
N LEU D 86 17.65 -19.51 -13.95
CA LEU D 86 16.56 -19.14 -13.05
C LEU D 86 17.01 -18.90 -11.59
N LEU D 87 18.31 -19.00 -11.34
CA LEU D 87 18.80 -18.93 -9.96
C LEU D 87 18.49 -17.58 -9.31
N GLN D 88 18.76 -16.49 -10.03
CA GLN D 88 18.46 -15.16 -9.47
C GLN D 88 16.95 -14.97 -9.20
N THR D 89 16.11 -15.49 -10.09
CA THR D 89 14.69 -15.44 -9.86
C THR D 89 14.29 -16.26 -8.61
N TYR D 90 14.86 -17.46 -8.44
CA TYR D 90 14.65 -18.20 -7.19
C TYR D 90 15.03 -17.33 -5.99
N TYR D 91 16.18 -16.67 -6.06
CA TYR D 91 16.64 -15.87 -4.95
C TYR D 91 15.67 -14.68 -4.65
N ASP D 92 15.18 -13.99 -5.68
CA ASP D 92 14.26 -12.85 -5.53
C ASP D 92 12.98 -13.22 -4.82
N LEU D 93 12.51 -14.48 -5.01
CA LEU D 93 11.22 -14.88 -4.54
C LEU D 93 11.30 -15.65 -3.25
N ALA D 94 12.51 -16.11 -2.91
CA ALA D 94 12.70 -16.98 -1.77
C ALA D 94 12.98 -16.12 -0.56
N LEU D 95 12.89 -16.70 0.61
CA LEU D 95 13.07 -16.00 1.84
C LEU D 95 13.98 -16.86 2.75
N PRO D 96 15.14 -16.34 3.12
CA PRO D 96 15.97 -17.08 4.06
C PRO D 96 15.27 -17.07 5.42
N MET D 97 15.41 -18.13 6.20
CA MET D 97 14.71 -18.15 7.49
C MET D 97 15.58 -18.63 8.57
N GLY D 98 15.44 -18.04 9.75
CA GLY D 98 16.12 -18.49 10.94
C GLY D 98 15.39 -19.74 11.32
N VAL D 99 15.92 -20.46 12.29
CA VAL D 99 15.28 -21.62 12.91
C VAL D 99 15.36 -21.48 14.42
N ASN D 100 14.24 -21.72 15.10
CA ASN D 100 14.21 -21.72 16.52
C ASN D 100 13.92 -23.15 16.91
N ILE D 101 14.67 -23.67 17.87
CA ILE D 101 14.34 -24.94 18.48
C ILE D 101 13.69 -24.65 19.82
N ALA D 102 12.49 -25.19 20.05
CA ALA D 102 11.78 -24.97 21.33
C ALA D 102 11.44 -26.30 22.04
N ASP D 103 11.11 -26.25 23.33
CA ASP D 103 10.60 -27.43 24.01
C ASP D 103 9.08 -27.34 24.05
N GLU D 104 8.44 -28.38 24.58
CA GLU D 104 6.97 -28.46 24.67
C GLU D 104 6.39 -27.39 25.61
N LYS D 105 7.25 -26.77 26.39
CA LYS D 105 6.81 -25.69 27.30
C LYS D 105 6.90 -24.33 26.66
N GLY D 106 7.42 -24.26 25.42
CA GLY D 106 7.54 -22.95 24.78
C GLY D 106 8.81 -22.20 25.10
N ASN D 107 9.73 -22.85 25.80
CA ASN D 107 11.07 -22.28 25.98
C ASN D 107 11.77 -22.33 24.63
N ILE D 108 12.44 -21.24 24.26
CA ILE D 108 13.32 -21.30 23.13
C ILE D 108 14.65 -21.88 23.60
N LEU D 109 14.99 -23.09 23.14
CA LEU D 109 16.24 -23.75 23.48
C LEU D 109 17.42 -23.25 22.65
N SER D 110 17.14 -22.74 21.46
CA SER D 110 18.19 -22.40 20.53
C SER D 110 17.59 -21.64 19.37
N THR D 111 18.29 -20.61 18.93
CA THR D 111 17.85 -19.71 17.90
C THR D 111 19.01 -19.58 16.94
N LYS D 112 18.82 -19.94 15.69
CA LYS D 112 19.87 -19.78 14.71
C LYS D 112 19.36 -18.79 13.67
N ASN D 113 19.89 -17.59 13.63
CA ASN D 113 19.47 -16.66 12.61
C ASN D 113 20.26 -16.77 11.30
N VAL D 114 19.72 -16.24 10.21
CA VAL D 114 20.48 -16.28 8.98
C VAL D 114 21.55 -15.19 9.07
N LYS D 115 22.82 -15.59 8.90
CA LYS D 115 23.91 -14.62 8.80
C LYS D 115 23.93 -14.11 7.34
N PRO D 116 24.31 -12.83 7.13
CA PRO D 116 24.29 -12.25 5.78
C PRO D 116 25.00 -13.16 4.75
N GLU D 117 26.10 -13.76 5.16
CA GLU D 117 26.90 -14.64 4.31
C GLU D 117 26.23 -15.96 3.91
N ASN D 118 25.21 -16.36 4.66
CA ASN D 118 24.49 -17.62 4.41
C ASN D 118 23.14 -17.43 3.79
N ARG D 119 22.82 -16.21 3.40
CA ARG D 119 21.47 -15.85 2.97
C ARG D 119 21.04 -16.63 1.74
N PHE D 120 22.01 -17.07 0.94
CA PHE D 120 21.77 -17.65 -0.34
C PHE D 120 21.91 -19.16 -0.25
N ASP D 121 22.16 -19.68 0.94
CA ASP D 121 22.46 -21.11 1.07
C ASP D 121 21.27 -21.98 0.73
N ASN D 122 20.11 -21.62 1.28
CA ASN D 122 18.87 -22.37 1.04
C ASN D 122 17.63 -21.57 1.47
N PRO D 123 17.37 -20.46 0.77
CA PRO D 123 16.20 -19.69 1.13
C PRO D 123 14.89 -20.44 0.81
N GLU D 124 13.89 -20.32 1.69
CA GLU D 124 12.62 -21.03 1.52
C GLU D 124 11.77 -20.44 0.39
N ILE D 125 11.27 -21.29 -0.53
CA ILE D 125 10.35 -20.77 -1.55
C ILE D 125 9.01 -21.47 -1.53
N ASN D 126 7.98 -20.66 -1.65
CA ASN D 126 6.64 -21.17 -1.82
C ASN D 126 6.55 -22.00 -3.10
N ARG D 127 5.77 -23.07 -3.02
CA ARG D 127 5.68 -24.03 -4.08
C ARG D 127 5.00 -23.45 -5.28
N ASN D 128 4.01 -22.60 -5.04
CA ASN D 128 3.32 -21.94 -6.16
C ASN D 128 4.25 -20.95 -6.79
N ASP D 129 5.05 -20.27 -5.96
CA ASP D 129 6.08 -19.35 -6.47
C ASP D 129 7.08 -20.03 -7.40
N LEU D 130 7.56 -21.19 -6.96
CA LEU D 130 8.58 -21.91 -7.68
C LEU D 130 7.98 -22.38 -9.03
N ARG D 131 6.79 -22.98 -8.97
CA ARG D 131 6.04 -23.35 -10.17
C ARG D 131 5.90 -22.15 -11.12
N ALA D 132 5.50 -20.98 -10.58
CA ALA D 132 5.35 -19.83 -11.44
C ALA D 132 6.67 -19.45 -12.14
N ILE D 133 7.78 -19.44 -11.40
CA ILE D 133 9.13 -19.17 -12.02
C ILE D 133 9.44 -20.16 -13.17
N LEU D 134 9.17 -21.42 -12.95
CA LEU D 134 9.43 -22.46 -13.94
C LEU D 134 8.49 -22.37 -15.11
N LEU D 135 7.20 -22.14 -14.86
CA LEU D 135 6.25 -22.08 -15.96
C LEU D 135 6.60 -20.94 -16.87
N ASN D 136 6.93 -19.80 -16.27
CA ASN D 136 7.28 -18.57 -17.03
C ASN D 136 8.53 -18.83 -17.94
N SER D 137 9.44 -19.71 -17.53
CA SER D 137 10.70 -19.93 -18.27
C SER D 137 10.54 -20.76 -19.53
N LEU D 138 9.37 -21.41 -19.65
CA LEU D 138 9.04 -22.36 -20.73
C LEU D 138 8.33 -21.65 -21.88
N GLU D 139 8.43 -22.19 -23.08
CA GLU D 139 7.64 -21.65 -24.22
C GLU D 139 6.15 -21.85 -23.96
N ASN D 140 5.31 -21.07 -24.65
CA ASN D 140 3.86 -21.16 -24.45
C ASN D 140 3.41 -22.55 -24.81
N ASP D 141 2.45 -23.09 -24.08
CA ASP D 141 1.88 -24.40 -24.36
C ASP D 141 2.84 -25.58 -24.30
N THR D 142 3.90 -25.43 -23.53
CA THR D 142 4.75 -26.57 -23.18
C THR D 142 3.93 -27.45 -22.25
N VAL D 143 3.36 -26.84 -21.21
CA VAL D 143 2.53 -27.58 -20.25
C VAL D 143 1.11 -27.70 -20.77
N ILE D 144 0.59 -28.93 -20.83
CA ILE D 144 -0.83 -29.20 -21.13
C ILE D 144 -1.56 -29.58 -19.80
N TRP D 145 -2.49 -28.73 -19.43
CA TRP D 145 -3.12 -28.82 -18.12
C TRP D 145 -4.31 -29.74 -18.25
N ASP D 146 -4.86 -30.15 -17.11
CA ASP D 146 -6.00 -31.01 -17.03
C ASP D 146 -5.76 -32.29 -17.85
N ARG D 147 -4.55 -32.85 -17.72
CA ARG D 147 -4.16 -34.11 -18.37
C ARG D 147 -3.66 -35.09 -17.31
N LYS D 148 -4.56 -35.95 -16.85
CA LYS D 148 -4.26 -36.94 -15.85
C LYS D 148 -3.90 -38.25 -16.61
N LEU D 149 -2.60 -38.55 -16.73
CA LEU D 149 -2.17 -39.83 -17.34
C LEU D 149 -2.72 -40.99 -16.55
N VAL D 150 -3.51 -41.83 -17.20
CA VAL D 150 -4.00 -43.04 -16.54
C VAL D 150 -3.35 -44.33 -17.05
N MET D 151 -2.80 -44.27 -18.27
CA MET D 151 -2.28 -45.47 -18.96
C MET D 151 -1.23 -45.13 -20.01
N LEU D 152 -0.27 -46.04 -20.15
CA LEU D 152 0.85 -45.93 -21.08
C LEU D 152 0.84 -47.22 -21.88
N GLU D 153 1.23 -47.17 -23.15
CA GLU D 153 1.21 -48.39 -23.96
C GLU D 153 2.24 -48.27 -25.05
N PRO D 154 3.20 -49.22 -25.11
CA PRO D 154 4.26 -49.09 -26.12
C PRO D 154 3.78 -49.52 -27.50
N GLY D 155 3.97 -48.67 -28.50
CA GLY D 155 3.72 -49.07 -29.86
C GLY D 155 5.03 -49.51 -30.46
N LYS D 156 5.09 -49.42 -31.79
CA LYS D 156 6.24 -49.76 -32.64
C LYS D 156 7.45 -48.83 -32.41
N LYS D 157 7.21 -47.52 -32.49
CA LYS D 157 8.26 -46.51 -32.32
C LYS D 157 7.87 -45.49 -31.21
N LYS D 158 6.59 -45.40 -30.91
CA LYS D 158 6.06 -44.38 -30.08
C LYS D 158 5.22 -44.96 -28.96
N TRP D 159 5.32 -44.32 -27.80
CA TRP D 159 4.40 -44.57 -26.69
C TRP D 159 3.08 -43.95 -27.03
N THR D 160 2.01 -44.66 -26.72
CA THR D 160 0.72 -44.02 -26.67
C THR D 160 0.36 -43.72 -25.24
N LEU D 161 -0.11 -42.50 -25.04
CA LEU D 161 -0.44 -42.01 -23.71
C LEU D 161 -1.92 -41.71 -23.56
N THR D 162 -2.51 -42.29 -22.53
CA THR D 162 -3.95 -42.18 -22.30
C THR D 162 -4.20 -41.21 -21.17
N PHE D 163 -4.97 -40.16 -21.47
CA PHE D 163 -5.35 -39.17 -20.46
C PHE D 163 -6.85 -39.22 -20.18
N GLU D 164 -7.23 -39.11 -18.90
CA GLU D 164 -8.62 -39.24 -18.52
C GLU D 164 -9.49 -38.19 -19.20
N ASN D 165 -10.49 -38.68 -19.90
CA ASN D 165 -11.41 -37.87 -20.65
C ASN D 165 -10.73 -36.84 -21.56
N LYS D 166 -9.62 -37.18 -22.22
CA LYS D 166 -8.97 -36.25 -23.14
C LYS D 166 -8.30 -37.01 -24.24
N PRO D 167 -7.91 -36.30 -25.29
CA PRO D 167 -7.30 -37.03 -26.39
C PRO D 167 -6.04 -37.72 -26.01
N SER D 168 -5.81 -38.87 -26.62
CA SER D 168 -4.54 -39.54 -26.48
C SER D 168 -3.43 -38.79 -27.21
N GLU D 169 -2.19 -39.04 -26.79
CA GLU D 169 -1.02 -38.40 -27.40
C GLU D 169 0.02 -39.49 -27.54
N THR D 170 1.07 -39.21 -28.32
CA THR D 170 2.18 -40.13 -28.47
C THR D 170 3.50 -39.40 -28.14
N ALA D 171 4.56 -40.15 -27.80
CA ALA D 171 5.87 -39.57 -27.61
C ALA D 171 6.93 -40.64 -27.83
N ASP D 172 8.16 -40.22 -28.16
CA ASP D 172 9.30 -41.19 -28.35
C ASP D 172 9.92 -41.52 -27.02
N LEU D 173 9.82 -40.58 -26.06
CA LEU D 173 10.39 -40.81 -24.74
C LEU D 173 9.42 -40.29 -23.71
N VAL D 174 9.11 -41.14 -22.74
CA VAL D 174 8.29 -40.76 -21.61
C VAL D 174 9.21 -40.56 -20.42
N ILE D 175 9.08 -39.41 -19.76
CA ILE D 175 9.73 -39.24 -18.50
C ILE D 175 8.70 -39.15 -17.42
N LEU D 176 8.74 -40.05 -16.45
CA LEU D 176 7.72 -40.01 -15.40
C LEU D 176 8.21 -38.99 -14.33
N ALA D 177 7.46 -37.92 -14.08
CA ALA D 177 7.84 -36.94 -13.02
C ALA D 177 6.59 -36.68 -12.23
N ASN D 178 5.75 -37.73 -12.10
CA ASN D 178 4.42 -37.50 -11.56
C ASN D 178 4.28 -37.89 -10.07
N GLY D 179 5.39 -37.81 -9.33
CA GLY D 179 5.35 -37.88 -7.86
C GLY D 179 5.41 -39.26 -7.24
N GLY D 180 5.46 -39.30 -5.91
CA GLY D 180 5.69 -40.55 -5.16
C GLY D 180 4.71 -41.68 -5.35
N MET D 181 3.48 -41.32 -5.75
CA MET D 181 2.38 -42.31 -5.80
C MET D 181 2.07 -42.65 -7.22
N SER D 182 2.98 -42.33 -8.13
CA SER D 182 2.79 -42.65 -9.54
C SER D 182 2.29 -44.08 -9.72
N LYS D 183 1.24 -44.25 -10.53
CA LYS D 183 0.63 -45.59 -10.76
C LYS D 183 1.04 -46.16 -12.11
N VAL D 184 1.94 -45.51 -12.81
CA VAL D 184 2.27 -45.91 -14.14
C VAL D 184 3.77 -46.23 -14.23
N ARG D 185 4.33 -46.87 -13.19
CA ARG D 185 5.75 -47.18 -13.14
C ARG D 185 6.14 -48.52 -13.71
N LYS D 186 5.15 -49.38 -14.00
CA LYS D 186 5.42 -50.79 -14.20
C LYS D 186 6.41 -51.07 -15.35
N PHE D 187 6.43 -50.23 -16.39
CA PHE D 187 7.38 -50.44 -17.50
C PHE D 187 8.84 -50.27 -17.10
N VAL D 188 9.03 -49.55 -15.97
CA VAL D 188 10.37 -49.22 -15.46
C VAL D 188 10.77 -50.20 -14.37
N THR D 189 9.82 -50.58 -13.52
CA THR D 189 10.17 -51.34 -12.33
C THR D 189 8.88 -51.77 -11.63
N ASP D 190 9.01 -52.83 -10.85
CA ASP D 190 7.92 -53.48 -10.14
C ASP D 190 7.97 -53.09 -8.67
N THR D 191 9.05 -52.43 -8.27
CA THR D 191 9.20 -51.96 -6.90
C THR D 191 7.92 -51.19 -6.51
N GLU D 192 7.48 -51.34 -5.27
CA GLU D 192 6.33 -50.55 -4.81
C GLU D 192 6.71 -49.62 -3.67
N VAL D 193 5.90 -48.60 -3.49
CA VAL D 193 6.04 -47.68 -2.39
C VAL D 193 5.84 -48.49 -1.11
N GLU D 194 6.57 -48.11 -0.06
CA GLU D 194 6.41 -48.70 1.28
C GLU D 194 6.17 -47.60 2.31
N GLU D 195 5.48 -47.97 3.39
CA GLU D 195 5.24 -47.07 4.51
C GLU D 195 6.41 -47.27 5.43
N THR D 196 6.99 -46.20 5.96
CA THR D 196 8.23 -46.36 6.74
C THR D 196 7.93 -46.58 8.23
N GLY D 197 6.72 -46.25 8.66
CA GLY D 197 6.29 -46.32 10.04
C GLY D 197 6.09 -44.99 10.76
N THR D 198 6.36 -43.86 10.10
CA THR D 198 6.00 -42.57 10.71
C THR D 198 4.79 -41.97 10.03
N PHE D 199 4.19 -40.95 10.64
CA PHE D 199 2.94 -40.36 10.12
C PHE D 199 3.02 -38.83 10.31
N ASN D 200 2.56 -38.08 9.31
CA ASN D 200 2.58 -36.59 9.30
C ASN D 200 1.20 -35.98 9.16
N ILE D 201 0.91 -35.02 10.03
CA ILE D 201 -0.29 -34.23 9.90
C ILE D 201 0.19 -32.83 9.56
N GLN D 202 -0.30 -32.30 8.45
CA GLN D 202 0.11 -30.96 7.95
C GLN D 202 -1.12 -30.03 7.87
N ALA D 203 -0.95 -28.75 8.11
CA ALA D 203 -2.07 -27.81 7.96
C ALA D 203 -1.52 -26.40 7.82
N ASP D 204 -2.36 -25.51 7.30
CA ASP D 204 -2.04 -24.11 7.13
C ASP D 204 -2.91 -23.36 8.05
N ILE D 205 -2.42 -22.25 8.58
CA ILE D 205 -3.24 -21.29 9.27
C ILE D 205 -2.98 -19.96 8.58
N HIS D 206 -4.05 -19.38 8.05
CA HIS D 206 -4.06 -17.99 7.53
C HIS D 206 -4.17 -16.99 8.63
N GLN D 207 -3.65 -15.77 8.36
CA GLN D 207 -3.44 -14.72 9.38
C GLN D 207 -3.01 -15.29 10.74
N PRO D 208 -1.88 -16.00 10.74
CA PRO D 208 -1.46 -16.59 11.99
C PRO D 208 -1.26 -15.57 13.12
N GLU D 209 -0.81 -14.34 12.79
CA GLU D 209 -0.58 -13.32 13.79
C GLU D 209 -1.87 -13.01 14.57
N ILE D 210 -3.02 -13.26 13.94
CA ILE D 210 -4.35 -13.08 14.54
C ILE D 210 -4.85 -14.41 15.14
N ASN D 211 -4.66 -15.51 14.41
CA ASN D 211 -5.34 -16.77 14.70
C ASN D 211 -4.61 -17.72 15.65
N CYS D 212 -3.29 -17.69 15.63
CA CYS D 212 -2.47 -18.31 16.64
C CYS D 212 -1.35 -17.32 17.13
N PRO D 213 -1.75 -16.20 17.80
CA PRO D 213 -0.81 -15.13 18.13
C PRO D 213 0.35 -15.65 18.99
N GLY D 214 0.04 -16.44 20.04
CA GLY D 214 1.05 -16.99 20.93
C GLY D 214 2.07 -17.79 20.16
N PHE D 215 1.58 -18.72 19.34
CA PHE D 215 2.47 -19.54 18.56
C PHE D 215 3.28 -18.75 17.55
N PHE D 216 2.61 -17.85 16.85
CA PHE D 216 3.23 -16.97 15.86
C PHE D 216 4.40 -16.21 16.49
N GLN D 217 4.17 -15.67 17.70
CA GLN D 217 5.22 -14.89 18.42
C GLN D 217 6.37 -15.77 18.93
N LEU D 218 6.06 -17.01 19.27
CA LEU D 218 7.08 -17.97 19.65
C LEU D 218 8.05 -18.20 18.50
N CYS D 219 7.52 -18.29 17.26
CA CYS D 219 8.32 -18.43 16.00
C CYS D 219 9.17 -17.19 15.76
N ASN D 220 8.54 -16.05 16.05
CA ASN D 220 9.23 -14.78 15.97
C ASN D 220 9.97 -14.65 14.65
N GLY D 221 9.29 -14.96 13.54
CA GLY D 221 9.88 -14.79 12.19
C GLY D 221 10.76 -15.93 11.73
N ASN D 222 11.08 -16.85 12.64
CA ASN D 222 11.85 -18.04 12.29
C ASN D 222 10.95 -19.26 12.08
N ARG D 223 11.45 -20.24 11.34
CA ARG D 223 10.86 -21.56 11.40
C ARG D 223 10.99 -22.00 12.86
N LEU D 224 10.14 -22.92 13.31
CA LEU D 224 10.25 -23.48 14.65
C LEU D 224 10.16 -25.02 14.58
N MET D 225 10.94 -25.72 15.44
CA MET D 225 10.89 -27.18 15.61
C MET D 225 10.90 -27.55 17.08
N ALA D 226 10.02 -28.45 17.47
CA ALA D 226 9.96 -28.90 18.86
C ALA D 226 9.71 -30.39 18.90
N SER D 227 10.23 -31.02 19.93
CA SER D 227 10.22 -32.45 20.07
C SER D 227 9.85 -32.81 21.49
N HIS D 228 8.91 -33.72 21.69
CA HIS D 228 8.59 -34.19 23.05
C HIS D 228 7.86 -35.49 23.02
N GLN D 229 8.45 -36.49 23.65
CA GLN D 229 7.83 -37.80 23.90
C GLN D 229 7.30 -38.48 22.64
N GLY D 230 8.14 -38.46 21.60
CA GLY D 230 7.83 -39.11 20.33
C GLY D 230 7.01 -38.25 19.37
N ASN D 231 6.54 -37.07 19.81
CA ASN D 231 5.81 -36.14 18.93
C ASN D 231 6.70 -35.00 18.54
N LEU D 232 6.85 -34.85 17.22
CA LEU D 232 7.58 -33.74 16.63
C LEU D 232 6.62 -32.70 15.99
N LEU D 233 6.91 -31.42 16.21
CA LEU D 233 6.17 -30.30 15.63
C LEU D 233 7.16 -29.39 14.89
N PHE D 234 6.78 -29.00 13.67
CA PHE D 234 7.59 -28.17 12.78
C PHE D 234 6.67 -27.08 12.26
N ALA D 235 7.23 -25.88 12.09
CA ALA D 235 6.35 -24.84 11.56
C ALA D 235 7.11 -23.84 10.76
N ASN D 236 6.53 -23.38 9.67
CA ASN D 236 7.08 -22.23 9.02
C ASN D 236 6.03 -21.16 9.12
N PRO D 237 6.30 -20.07 9.89
CA PRO D 237 5.25 -19.08 10.15
C PRO D 237 5.02 -18.15 8.97
N ASN D 238 5.78 -18.30 7.88
CA ASN D 238 5.65 -17.27 6.82
C ASN D 238 5.83 -17.91 5.41
N ASN D 239 4.85 -18.75 5.04
CA ASN D 239 4.75 -19.22 3.67
C ASN D 239 3.83 -18.28 2.90
N ASN D 240 4.39 -17.22 2.31
CA ASN D 240 3.55 -16.16 1.69
C ASN D 240 2.44 -15.77 2.69
N GLY D 241 2.82 -15.61 3.97
CA GLY D 241 1.90 -15.04 4.93
C GLY D 241 1.03 -16.05 5.66
N ALA D 242 1.16 -17.32 5.29
CA ALA D 242 0.42 -18.37 5.97
C ALA D 242 1.33 -19.13 6.86
N LEU D 243 0.80 -19.63 7.94
CA LEU D 243 1.62 -20.56 8.75
C LEU D 243 1.38 -22.03 8.33
N HIS D 244 2.46 -22.74 8.01
CA HIS D 244 2.33 -24.13 7.69
C HIS D 244 2.99 -24.95 8.77
N PHE D 245 2.23 -25.81 9.46
CA PHE D 245 2.87 -26.67 10.47
C PHE D 245 2.72 -28.14 10.14
N GLY D 246 3.55 -28.95 10.79
CA GLY D 246 3.64 -30.37 10.54
C GLY D 246 3.82 -31.01 11.90
N ILE D 247 3.02 -32.03 12.18
CA ILE D 247 3.21 -32.87 13.36
C ILE D 247 3.47 -34.29 12.92
N SER D 248 4.53 -34.86 13.43
CA SER D 248 5.03 -36.15 12.96
C SER D 248 5.25 -37.03 14.17
N PHE D 249 4.93 -38.32 14.05
CA PHE D 249 5.01 -39.26 15.17
C PHE D 249 5.05 -40.63 14.52
N LYS D 250 5.47 -41.65 15.29
CA LYS D 250 5.42 -43.07 14.86
C LYS D 250 3.96 -43.46 14.67
N THR D 251 3.62 -44.14 13.58
CA THR D 251 2.22 -44.49 13.31
C THR D 251 1.71 -45.34 14.49
N PRO D 252 0.58 -44.95 15.12
CA PRO D 252 0.06 -45.73 16.27
C PRO D 252 -0.36 -47.12 15.88
N ASP D 253 -0.07 -48.08 16.75
CA ASP D 253 -0.46 -49.48 16.51
C ASP D 253 -1.95 -49.66 16.17
N GLU D 254 -2.82 -48.92 16.86
CA GLU D 254 -4.27 -48.95 16.62
C GLU D 254 -4.75 -48.55 15.20
N TRP D 255 -3.83 -48.12 14.33
CA TRP D 255 -4.17 -47.69 12.97
C TRP D 255 -3.79 -48.73 11.97
N GLN D 260 -8.01 -44.92 12.78
CA GLN D 260 -9.02 -44.64 13.82
C GLN D 260 -9.30 -43.13 13.96
N VAL D 261 -8.59 -42.33 13.17
CA VAL D 261 -8.81 -40.88 13.02
C VAL D 261 -9.24 -40.61 11.57
N ASP D 262 -10.31 -39.86 11.39
CA ASP D 262 -10.81 -39.54 10.06
C ASP D 262 -10.40 -38.12 9.68
N PHE D 263 -9.60 -38.00 8.63
CA PHE D 263 -9.00 -36.70 8.25
C PHE D 263 -9.96 -35.73 7.60
N GLN D 264 -11.10 -36.25 7.14
CA GLN D 264 -12.26 -35.45 6.70
C GLN D 264 -13.05 -34.82 7.85
N ASN D 265 -12.89 -35.37 9.04
CA ASN D 265 -13.57 -34.88 10.25
C ASN D 265 -12.59 -34.13 11.17
N ARG D 266 -12.60 -32.81 11.13
CA ARG D 266 -11.63 -32.05 11.92
C ARG D 266 -11.73 -32.38 13.42
N ASN D 267 -12.96 -32.64 13.90
CA ASN D 267 -13.18 -33.06 15.29
C ASN D 267 -12.35 -34.28 15.70
N SER D 268 -12.29 -35.31 14.87
CA SER D 268 -11.53 -36.48 15.32
C SER D 268 -10.01 -36.27 15.30
N VAL D 269 -9.52 -35.40 14.38
CA VAL D 269 -8.10 -35.05 14.33
C VAL D 269 -7.78 -34.20 15.56
N VAL D 270 -8.58 -33.18 15.82
CA VAL D 270 -8.40 -32.30 16.97
C VAL D 270 -8.38 -33.12 18.27
N ASP D 271 -9.34 -34.04 18.44
CA ASP D 271 -9.38 -34.94 19.61
C ASP D 271 -8.08 -35.69 19.80
N PHE D 272 -7.65 -36.38 18.75
CA PHE D 272 -6.39 -37.11 18.76
C PHE D 272 -5.16 -36.25 19.10
N LEU D 273 -5.04 -35.10 18.44
CA LEU D 273 -3.89 -34.21 18.63
C LEU D 273 -3.87 -33.60 20.03
N LEU D 274 -5.00 -33.10 20.52
CA LEU D 274 -5.14 -32.62 21.89
C LEU D 274 -4.76 -33.66 22.95
N LYS D 275 -5.15 -34.93 22.75
CA LYS D 275 -4.65 -36.02 23.63
C LYS D 275 -3.12 -36.15 23.50
N GLU D 276 -2.58 -36.26 22.27
CA GLU D 276 -1.12 -36.39 22.09
C GLU D 276 -0.34 -35.22 22.70
N PHE D 277 -0.89 -34.01 22.52
CA PHE D 277 -0.28 -32.75 22.93
C PHE D 277 -0.77 -32.19 24.28
N SER D 278 -1.42 -33.02 25.11
CA SER D 278 -2.03 -32.56 26.38
C SER D 278 -0.96 -31.95 27.28
N ASP D 279 0.24 -32.49 27.09
CA ASP D 279 1.43 -32.10 27.78
C ASP D 279 2.01 -30.73 27.38
N TRP D 280 1.66 -30.28 26.17
CA TRP D 280 2.29 -29.09 25.58
C TRP D 280 1.70 -27.80 26.04
N ASP D 281 2.51 -26.74 26.01
CA ASP D 281 2.04 -25.38 26.28
C ASP D 281 0.81 -25.03 25.45
N GLU D 282 -0.06 -24.23 26.08
CA GLU D 282 -1.30 -23.75 25.50
C GLU D 282 -1.14 -23.11 24.10
N ARG D 283 0.01 -22.49 23.80
CA ARG D 283 0.20 -21.91 22.44
C ARG D 283 0.28 -22.92 21.33
N TYR D 284 0.78 -24.12 21.64
CA TYR D 284 0.76 -25.19 20.64
C TYR D 284 -0.64 -25.75 20.46
N LYS D 285 -1.43 -25.78 21.55
CA LYS D 285 -2.80 -26.25 21.52
C LYS D 285 -3.69 -25.29 20.74
N GLU D 286 -3.40 -24.01 20.86
CA GLU D 286 -4.19 -22.99 20.20
C GLU D 286 -3.98 -23.22 18.71
N LEU D 287 -2.79 -23.67 18.37
CA LEU D 287 -2.48 -24.03 17.02
C LEU D 287 -3.42 -25.13 16.50
N ILE D 288 -3.56 -26.19 17.25
CA ILE D 288 -4.45 -27.29 16.88
C ILE D 288 -5.91 -26.91 16.88
N HIS D 289 -6.35 -26.17 17.90
CA HIS D 289 -7.72 -25.68 17.97
C HIS D 289 -8.13 -24.83 16.81
N THR D 290 -7.22 -23.95 16.37
CA THR D 290 -7.55 -22.92 15.38
C THR D 290 -7.57 -23.43 13.91
N THR D 291 -6.96 -24.59 13.65
CA THR D 291 -6.80 -25.12 12.31
C THR D 291 -8.13 -25.57 11.73
N LEU D 292 -8.40 -25.18 10.50
CA LEU D 292 -9.68 -25.50 9.90
C LEU D 292 -9.64 -26.92 9.39
N SER D 293 -8.56 -27.30 8.69
CA SER D 293 -8.46 -28.64 8.15
C SER D 293 -7.03 -29.20 8.10
N PHE D 294 -6.93 -30.51 8.31
CA PHE D 294 -5.65 -31.21 8.44
C PHE D 294 -5.53 -32.23 7.33
N VAL D 295 -4.33 -32.40 6.84
CA VAL D 295 -4.02 -33.44 5.86
C VAL D 295 -3.20 -34.47 6.60
N GLY D 296 -3.63 -35.73 6.57
CA GLY D 296 -2.88 -36.77 7.23
C GLY D 296 -2.15 -37.61 6.18
N LEU D 297 -0.83 -37.77 6.31
CA LEU D 297 -0.18 -38.73 5.44
C LEU D 297 0.95 -39.58 6.00
N ALA D 298 0.83 -40.89 5.77
CA ALA D 298 1.84 -41.86 6.19
C ALA D 298 3.12 -41.55 5.43
N THR D 299 4.24 -41.54 6.14
CA THR D 299 5.51 -41.37 5.47
C THR D 299 5.79 -42.60 4.62
N ARG D 300 6.32 -42.37 3.42
CA ARG D 300 6.52 -43.37 2.42
C ARG D 300 7.88 -43.27 1.75
N ILE D 301 8.31 -44.34 1.14
CA ILE D 301 9.60 -44.41 0.48
C ILE D 301 9.43 -45.32 -0.75
N PHE D 302 10.02 -44.90 -1.85
CA PHE D 302 10.04 -45.71 -3.04
C PHE D 302 11.49 -46.17 -3.14
N PRO D 303 11.80 -47.34 -2.51
CA PRO D 303 13.20 -47.67 -2.22
C PRO D 303 14.01 -47.98 -3.48
N LEU D 304 15.21 -47.44 -3.57
CA LEU D 304 16.11 -47.74 -4.66
C LEU D 304 16.85 -49.01 -4.25
N GLU D 305 16.08 -50.09 -4.09
CA GLU D 305 16.55 -51.34 -3.51
C GLU D 305 17.16 -52.17 -4.61
N LYS D 306 16.36 -52.58 -5.59
CA LYS D 306 16.83 -53.44 -6.67
C LYS D 306 16.92 -52.65 -7.97
N PRO D 307 17.79 -53.08 -8.92
CA PRO D 307 17.91 -52.37 -10.20
C PRO D 307 16.55 -52.30 -10.91
N TRP D 308 16.39 -51.32 -11.79
CA TRP D 308 15.16 -51.25 -12.60
C TRP D 308 15.25 -52.20 -13.78
N LYS D 309 14.13 -52.38 -14.50
CA LYS D 309 14.06 -53.35 -15.55
C LYS D 309 15.01 -52.92 -16.63
N SER D 310 15.84 -53.84 -17.07
CA SER D 310 16.81 -53.51 -18.11
C SER D 310 16.21 -53.75 -19.49
N LYS D 311 15.16 -54.58 -19.58
CA LYS D 311 14.46 -54.75 -20.84
C LYS D 311 13.21 -53.88 -20.79
N ARG D 312 13.16 -52.87 -21.65
CA ARG D 312 12.04 -51.93 -21.75
C ARG D 312 11.62 -51.78 -23.22
N PRO D 313 10.30 -51.88 -23.50
CA PRO D 313 9.88 -51.98 -24.90
C PRO D 313 10.19 -50.70 -25.70
N LEU D 314 10.09 -49.54 -25.05
CA LEU D 314 10.49 -48.25 -25.64
C LEU D 314 11.20 -47.41 -24.56
N PRO D 315 11.89 -46.30 -24.96
CA PRO D 315 12.64 -45.53 -23.95
C PRO D 315 11.70 -44.85 -22.94
N ILE D 316 11.91 -45.14 -21.66
CA ILE D 316 11.13 -44.56 -20.54
C ILE D 316 12.00 -44.50 -19.28
N THR D 317 11.85 -43.44 -18.47
CA THR D 317 12.58 -43.34 -17.21
C THR D 317 11.76 -42.50 -16.20
N MET D 318 12.30 -42.30 -15.00
CA MET D 318 11.60 -41.59 -13.91
C MET D 318 12.61 -40.69 -13.20
N ILE D 319 12.11 -39.54 -12.72
CA ILE D 319 12.90 -38.57 -12.02
C ILE D 319 12.05 -38.10 -10.84
N GLY D 320 12.72 -37.51 -9.84
CA GLY D 320 12.02 -36.87 -8.75
C GLY D 320 11.42 -37.89 -7.84
N ASP D 321 10.31 -37.55 -7.22
CA ASP D 321 9.67 -38.47 -6.28
C ASP D 321 9.18 -39.80 -6.95
N ALA D 322 8.90 -39.77 -8.25
CA ALA D 322 8.48 -41.01 -8.98
C ALA D 322 9.66 -41.99 -8.96
N ALA D 323 10.89 -41.49 -8.96
CA ALA D 323 12.07 -42.36 -8.96
C ALA D 323 12.52 -42.79 -7.57
N HIS D 324 12.41 -41.89 -6.57
CA HIS D 324 13.08 -42.21 -5.31
C HIS D 324 12.44 -41.49 -4.15
N LEU D 325 11.11 -41.37 -4.15
CA LEU D 325 10.32 -40.81 -3.01
C LEU D 325 10.96 -41.21 -1.71
N MET D 326 11.19 -40.23 -0.83
CA MET D 326 11.86 -40.51 0.44
C MET D 326 11.22 -39.76 1.62
N PRO D 327 11.45 -40.23 2.88
CA PRO D 327 10.87 -39.49 4.00
C PRO D 327 11.31 -38.00 4.01
N PRO D 328 10.36 -37.06 4.28
CA PRO D 328 10.65 -35.62 4.21
C PRO D 328 11.36 -35.09 5.48
N PHE D 329 12.50 -35.71 5.83
CA PHE D 329 13.19 -35.44 7.12
C PHE D 329 14.66 -35.00 6.92
N ALA D 330 15.06 -34.68 5.69
CA ALA D 330 16.44 -34.26 5.43
C ALA D 330 16.55 -33.22 4.32
N GLY D 331 15.43 -32.69 3.86
CA GLY D 331 15.43 -31.69 2.77
C GLY D 331 16.03 -32.16 1.47
N GLN D 332 16.12 -33.46 1.29
CA GLN D 332 16.73 -34.04 0.09
C GLN D 332 15.73 -34.29 -1.04
N GLY D 333 14.42 -34.16 -0.77
CA GLY D 333 13.43 -34.56 -1.76
C GLY D 333 13.53 -33.77 -3.07
N VAL D 334 13.22 -32.48 -3.03
CA VAL D 334 13.25 -31.69 -4.23
C VAL D 334 14.66 -31.53 -4.83
N ASN D 335 15.68 -31.52 -3.97
CA ASN D 335 17.06 -31.29 -4.43
C ASN D 335 17.60 -32.46 -5.28
N SER D 336 17.43 -33.71 -4.80
CA SER D 336 17.86 -34.86 -5.61
C SER D 336 17.03 -34.92 -6.86
N GLY D 337 15.76 -34.58 -6.74
CA GLY D 337 14.87 -34.56 -7.93
C GLY D 337 15.38 -33.57 -8.98
N LEU D 338 15.89 -32.42 -8.54
CA LEU D 338 16.35 -31.43 -9.48
C LEU D 338 17.66 -31.84 -10.11
N VAL D 339 18.53 -32.48 -9.32
CA VAL D 339 19.72 -33.10 -9.86
C VAL D 339 19.38 -34.13 -10.96
N ASP D 340 18.39 -35.01 -10.74
CA ASP D 340 17.96 -35.99 -11.77
C ASP D 340 17.68 -35.26 -13.05
N ALA D 341 16.85 -34.25 -12.95
CA ALA D 341 16.55 -33.39 -14.11
C ALA D 341 17.85 -32.94 -14.83
N LEU D 342 18.84 -32.45 -14.04
CA LEU D 342 20.07 -31.92 -14.57
C LEU D 342 20.90 -33.00 -15.31
N ILE D 343 21.08 -34.14 -14.66
CA ILE D 343 21.83 -35.26 -15.21
C ILE D 343 21.15 -35.90 -16.40
N LEU D 344 19.84 -36.15 -16.30
CA LEU D 344 19.08 -36.58 -17.46
C LEU D 344 19.13 -35.64 -18.67
N SER D 345 18.83 -34.36 -18.49
CA SER D 345 18.86 -33.49 -19.65
C SER D 345 20.24 -33.37 -20.26
N ASP D 346 21.29 -33.30 -19.44
CA ASP D 346 22.65 -33.26 -19.93
C ASP D 346 22.91 -34.50 -20.82
N ASN D 347 22.59 -35.67 -20.29
CA ASN D 347 22.71 -36.88 -21.03
C ASN D 347 21.95 -36.85 -22.32
N LEU D 348 20.75 -36.28 -22.31
CA LEU D 348 19.88 -36.32 -23.52
C LEU D 348 20.26 -35.24 -24.56
N ALA D 349 21.06 -34.25 -24.15
CA ALA D 349 21.40 -33.13 -25.04
C ALA D 349 22.66 -33.39 -25.83
N ASP D 350 23.54 -34.22 -25.27
CA ASP D 350 24.86 -34.47 -25.83
C ASP D 350 24.94 -35.76 -26.61
N GLY D 351 25.41 -35.62 -27.85
CA GLY D 351 25.71 -36.76 -28.73
C GLY D 351 26.82 -37.60 -28.11
N LYS D 352 26.82 -37.63 -26.78
CA LYS D 352 27.79 -38.34 -25.95
C LYS D 352 27.50 -39.87 -25.87
N PHE D 353 26.27 -40.28 -26.24
CA PHE D 353 25.77 -41.68 -26.18
C PHE D 353 25.27 -42.13 -27.55
N ASN D 354 25.18 -43.43 -27.74
CA ASN D 354 24.68 -43.96 -29.01
C ASN D 354 23.17 -44.01 -29.16
N SER D 355 22.45 -44.07 -28.05
CA SER D 355 21.01 -44.18 -28.11
C SER D 355 20.33 -43.53 -26.89
N ILE D 356 19.04 -43.23 -27.00
CA ILE D 356 18.32 -42.66 -25.90
C ILE D 356 18.41 -43.61 -24.73
N GLU D 357 18.35 -44.89 -25.03
CA GLU D 357 18.46 -45.97 -24.04
C GLU D 357 19.73 -45.88 -23.19
N GLU D 358 20.87 -45.63 -23.84
CA GLU D 358 22.15 -45.42 -23.15
C GLU D 358 22.18 -44.10 -22.34
N ALA D 359 21.69 -43.02 -22.92
CA ALA D 359 21.57 -41.78 -22.19
C ALA D 359 20.75 -42.00 -20.86
N VAL D 360 19.60 -42.66 -20.98
CA VAL D 360 18.69 -42.97 -19.87
C VAL D 360 19.43 -43.87 -18.86
N LYS D 361 20.13 -44.90 -19.34
CA LYS D 361 20.72 -45.88 -18.44
C LYS D 361 21.83 -45.21 -17.62
N ASN D 362 22.63 -44.40 -18.28
CA ASN D 362 23.75 -43.74 -17.63
C ASN D 362 23.23 -42.79 -16.54
N TYR D 363 22.17 -42.07 -16.88
CA TYR D 363 21.48 -41.26 -15.89
C TYR D 363 21.08 -42.09 -14.70
N GLU D 364 20.41 -43.22 -14.95
CA GLU D 364 19.88 -44.05 -13.85
C GLU D 364 20.95 -44.63 -12.95
N GLN D 365 22.07 -45.04 -13.56
CA GLN D 365 23.24 -45.44 -12.80
C GLN D 365 23.77 -44.40 -11.86
N GLN D 366 23.84 -43.14 -12.30
CA GLN D 366 24.28 -42.08 -11.36
C GLN D 366 23.26 -41.88 -10.25
N MET D 367 21.99 -41.76 -10.64
CA MET D 367 20.86 -41.49 -9.74
C MET D 367 20.73 -42.56 -8.63
N PHE D 368 20.98 -43.81 -8.96
CA PHE D 368 20.93 -44.85 -7.95
C PHE D 368 21.90 -44.60 -6.77
N ILE D 369 23.08 -44.09 -7.07
CA ILE D 369 24.07 -43.83 -6.05
C ILE D 369 23.73 -42.61 -5.23
N TYR D 370 23.57 -41.43 -5.84
CA TYR D 370 23.24 -40.25 -4.99
C TYR D 370 21.85 -40.33 -4.38
N GLY D 371 20.89 -40.83 -5.16
CA GLY D 371 19.57 -41.14 -4.71
C GLY D 371 19.53 -41.97 -3.44
N LYS D 372 20.21 -43.10 -3.49
CA LYS D 372 20.31 -43.98 -2.35
C LYS D 372 20.96 -43.30 -1.14
N GLU D 373 22.01 -42.53 -1.36
CA GLU D 373 22.60 -41.71 -0.27
C GLU D 373 21.58 -40.70 0.32
N ALA D 374 20.81 -40.04 -0.52
CA ALA D 374 19.76 -39.15 -0.03
C ALA D 374 18.68 -39.93 0.74
N GLN D 375 18.28 -41.10 0.25
CA GLN D 375 17.34 -41.96 0.98
C GLN D 375 17.86 -42.39 2.34
N GLU D 376 19.12 -42.80 2.40
CA GLU D 376 19.70 -43.29 3.67
C GLU D 376 19.72 -42.16 4.66
N GLU D 377 20.02 -40.96 4.21
CA GLU D 377 20.03 -39.83 5.12
C GLU D 377 18.63 -39.49 5.67
N SER D 378 17.63 -39.42 4.79
CA SER D 378 16.25 -39.28 5.19
C SER D 378 15.73 -40.29 6.20
N THR D 379 15.94 -41.57 5.91
CA THR D 379 15.61 -42.71 6.79
C THR D 379 16.36 -42.64 8.14
N GLN D 380 17.62 -42.24 8.07
CA GLN D 380 18.44 -42.29 9.27
C GLN D 380 17.98 -41.16 10.16
N ASN D 381 17.65 -40.03 9.55
CA ASN D 381 17.13 -38.93 10.29
C ASN D 381 15.79 -39.27 10.91
N GLU D 382 14.95 -39.96 10.11
CA GLU D 382 13.67 -40.40 10.52
C GLU D 382 13.78 -41.29 11.77
N ILE D 383 14.69 -42.24 11.77
CA ILE D 383 14.90 -43.14 12.90
C ILE D 383 15.40 -42.38 14.12
N GLU D 384 16.34 -41.48 13.87
CA GLU D 384 17.05 -40.73 14.92
C GLU D 384 16.08 -39.83 15.66
N MET D 385 15.21 -39.16 14.88
CA MET D 385 14.26 -38.22 15.38
C MET D 385 13.18 -38.84 16.25
N PHE D 386 12.91 -40.13 16.03
CA PHE D 386 11.81 -40.79 16.69
C PHE D 386 12.21 -41.70 17.81
N LYS D 387 13.46 -41.56 18.24
CA LYS D 387 13.99 -42.38 19.33
C LYS D 387 13.71 -41.57 20.59
N PRO D 388 13.52 -42.28 21.74
CA PRO D 388 13.19 -41.77 23.08
C PRO D 388 13.80 -40.40 23.45
N ASP D 389 15.13 -40.28 23.43
CA ASP D 389 15.79 -39.00 23.70
C ASP D 389 16.32 -38.34 22.43
N PHE D 390 15.43 -37.76 21.63
CA PHE D 390 15.89 -36.90 20.56
C PHE D 390 15.97 -35.43 20.98
N THR D 391 17.05 -34.77 20.52
CA THR D 391 17.38 -33.36 20.76
C THR D 391 17.95 -32.81 19.45
N PHE D 392 17.25 -31.85 18.85
CA PHE D 392 17.50 -31.47 17.45
C PHE D 392 18.97 -31.21 17.05
PA FAD E . -20.55 -7.53 1.23
O1A FAD E . -19.10 -7.24 1.36
O2A FAD E . -21.01 -7.72 -0.17
O5B FAD E . -20.97 -8.82 2.07
C5B FAD E . -22.22 -9.43 2.09
C4B FAD E . -21.96 -10.75 2.76
O4B FAD E . -23.17 -11.43 2.79
C3B FAD E . -21.01 -11.64 1.91
O3B FAD E . -20.14 -12.33 2.80
C2B FAD E . -21.93 -12.64 1.28
O2B FAD E . -21.32 -13.89 1.17
C1B FAD E . -23.01 -12.72 2.32
N9A FAD E . -24.28 -13.07 1.68
C8A FAD E . -24.74 -12.72 0.41
N7A FAD E . -25.93 -13.32 0.25
C5A FAD E . -26.24 -14.00 1.39
C6A FAD E . -27.35 -14.73 1.80
N6A FAD E . -28.45 -14.78 1.01
N1A FAD E . -27.35 -15.31 3.06
C2A FAD E . -26.29 -15.19 3.91
N3A FAD E . -25.22 -14.46 3.51
C4A FAD E . -25.21 -13.87 2.28
N1 FAD E . -15.77 -0.32 -1.12
C2 FAD E . -14.78 0.41 -0.52
O2 FAD E . -15.04 0.95 0.53
N3 FAD E . -13.54 0.54 -1.07
C4 FAD E . -13.24 -0.07 -2.29
O4 FAD E . -12.12 0.02 -2.82
C4X FAD E . -14.21 -0.82 -2.92
N5 FAD E . -13.93 -1.44 -4.13
C5X FAD E . -14.94 -2.15 -4.74
C6 FAD E . -14.72 -2.80 -5.96
C7 FAD E . -15.73 -3.53 -6.58
C7M FAD E . -15.47 -4.20 -7.93
C8 FAD E . -16.98 -3.62 -5.96
C8M FAD E . -18.12 -4.38 -6.55
C9 FAD E . -17.19 -2.99 -4.75
C9A FAD E . -16.20 -2.28 -4.13
N10 FAD E . -16.48 -1.65 -2.91
C10 FAD E . -15.49 -0.91 -2.32
C1' FAD E . -17.69 -2.02 -2.09
C2' FAD E . -17.22 -2.83 -0.88
O2' FAD E . -16.48 -3.94 -1.31
C3' FAD E . -18.39 -3.20 0.01
O3' FAD E . -19.02 -1.97 0.36
C4' FAD E . -17.91 -3.93 1.28
O4' FAD E . -17.43 -5.25 1.07
C5' FAD E . -18.97 -3.85 2.35
O5' FAD E . -20.10 -4.48 2.08
P FAD E . -21.07 -5.31 2.95
O1P FAD E . -20.49 -6.00 4.20
O2P FAD E . -22.26 -4.41 3.27
O3P FAD E . -21.50 -6.35 1.87
O8 MIY F . -7.76 -2.50 -8.36
C21 MIY F . -7.89 -1.47 -7.66
N2 MIY F . -6.84 -1.19 -6.91
C2 MIY F . -9.13 -0.60 -7.71
C1 MIY F . -9.28 0.41 -6.70
O1 MIY F . -8.28 0.94 -6.23
C3 MIY F . -10.18 -0.73 -8.56
O2 MIY F . -10.26 -1.77 -9.38
C4 MIY F . -11.24 0.33 -8.80
N1 MIY F . -12.47 -0.41 -9.25
C20 MIY F . -13.40 0.66 -9.74
C19 MIY F . -13.08 -1.23 -8.17
C5 MIY F . -11.41 1.34 -7.68
C18 MIY F . -10.68 0.86 -6.37
O7 MIY F . -11.36 -0.18 -5.72
C17 MIY F . -10.60 1.98 -5.38
O6 MIY F . -10.21 1.64 -4.14
C16 MIY F . -10.87 3.25 -5.70
C7 MIY F . -11.31 3.63 -7.08
C6 MIY F . -10.68 2.58 -8.00
C15 MIY F . -10.72 4.27 -4.66
O5 MIY F . -10.38 3.90 -3.51
C14 MIY F . -10.87 5.73 -5.04
C9 MIY F . -10.90 6.09 -6.40
C8 MIY F . -10.78 5.03 -7.49
C13 MIY F . -11.02 6.72 -4.04
O4 MIY F . -10.98 6.36 -2.76
C12 MIY F . -11.19 8.08 -4.38
C11 MIY F . -11.23 8.43 -5.75
C10 MIY F . -11.07 7.45 -6.76
N7 MIY F . -11.12 7.76 -8.16
CN7 MIY F . -9.81 8.04 -8.70
C71 MIY F . -12.00 8.89 -8.44
O8 MIY G . -7.34 5.34 19.48
C21 MIY G . -6.32 5.46 18.80
N2 MIY G . -6.34 6.40 17.84
C2 MIY G . -5.17 4.60 19.13
C1 MIY G . -4.08 4.56 18.17
O1 MIY G . -4.04 5.34 17.21
C3 MIY G . -5.17 3.64 20.12
O2 MIY G . -6.25 2.93 20.42
C4 MIY G . -3.92 3.25 20.88
N1 MIY G . -4.20 1.90 21.47
C20 MIY G . -3.15 1.72 22.51
C19 MIY G . -4.24 0.72 20.56
C5 MIY G . -2.72 3.57 19.96
C18 MIY G . -3.03 3.49 18.42
O7 MIY G . -3.55 2.22 17.94
C17 MIY G . -1.84 3.89 17.57
O6 MIY G . -1.85 3.61 16.27
C16 MIY G . -0.82 4.60 18.12
C7 MIY G . -0.78 4.95 19.61
C6 MIY G . -2.22 5.02 20.18
C15 MIY G . 0.27 5.03 17.24
O5 MIY G . 0.25 4.68 16.01
C14 MIY G . 1.39 5.90 17.79
C9 MIY G . 1.29 6.43 19.08
C8 MIY G . 0.06 6.20 19.95
C13 MIY G . 2.51 6.17 17.02
O4 MIY G . 2.60 5.68 15.78
C12 MIY G . 3.56 6.95 17.50
C11 MIY G . 3.46 7.47 18.77
C10 MIY G . 2.34 7.22 19.55
N7 MIY G . 2.27 7.77 20.85
CN7 MIY G . 1.67 9.09 20.83
C71 MIY G . 3.57 7.72 21.47
S SO4 H . -24.55 -27.71 9.40
O1 SO4 H . -24.35 -26.63 8.39
O2 SO4 H . -23.24 -28.36 9.60
O3 SO4 H . -25.57 -28.69 8.94
O4 SO4 H . -24.99 -27.12 10.69
PA FAD I . -0.07 33.44 -26.21
O1A FAD I . -1.02 32.97 -27.31
O2A FAD I . 1.33 33.35 -26.61
O5B FAD I . -0.45 34.87 -25.60
C5B FAD I . 0.32 35.53 -24.63
C4B FAD I . -0.17 36.94 -24.76
O4B FAD I . 0.55 37.72 -23.85
C3B FAD I . 0.05 37.56 -26.17
O3B FAD I . -1.13 38.30 -26.48
C2B FAD I . 1.24 38.51 -25.96
O2B FAD I . 1.06 39.72 -26.66
C1B FAD I . 1.04 38.85 -24.52
N9A FAD I . 2.32 39.23 -23.94
C8A FAD I . 3.58 38.71 -24.22
N7A FAD I . 4.46 39.37 -23.42
C5A FAD I . 3.78 40.27 -22.66
C6A FAD I . 4.19 41.20 -21.69
N6A FAD I . 5.43 41.19 -21.18
N1A FAD I . 3.23 41.97 -21.08
C2A FAD I . 1.89 41.89 -21.43
N3A FAD I . 1.53 40.99 -22.37
C4A FAD I . 2.44 40.19 -22.97
N1 FAD I . -1.77 25.50 -30.09
C2 FAD I . -2.90 24.78 -30.38
O2 FAD I . -3.61 24.46 -29.43
N3 FAD I . -3.18 24.44 -31.69
C4 FAD I . -2.31 24.75 -32.73
O4 FAD I . -2.46 24.48 -33.92
C4X FAD I . -1.18 25.48 -32.46
N5 FAD I . -0.35 25.85 -33.52
C5X FAD I . 0.83 26.56 -33.19
C6 FAD I . 1.73 26.94 -34.17
C7 FAD I . 2.88 27.67 -33.85
C7M FAD I . 3.80 28.05 -34.98
C8 FAD I . 3.12 28.03 -32.53
C8M FAD I . 4.32 28.79 -32.08
C9 FAD I . 2.22 27.65 -31.54
C9A FAD I . 1.09 26.93 -31.86
N10 FAD I . 0.23 26.56 -30.85
C10 FAD I . -0.93 25.84 -31.13
C1' FAD I . 0.37 27.13 -29.48
C2' FAD I . -0.84 28.07 -29.31
O2' FAD I . -0.85 29.05 -30.31
C3' FAD I . -0.80 28.64 -27.92
O3' FAD I . -0.77 27.51 -27.01
C4' FAD I . -1.95 29.61 -27.57
O4' FAD I . -2.05 30.79 -28.48
C5' FAD I . -1.21 29.95 -26.31
O5' FAD I . -1.91 30.57 -25.40
P FAD I . -1.34 31.63 -24.34
O1P FAD I . -2.64 32.40 -24.24
O2P FAD I . -0.94 30.89 -23.10
O3P FAD I . -0.12 32.39 -24.96
O8 MIY J . -0.54 25.67 -40.98
C21 MIY J . -1.15 24.75 -40.35
N2 MIY J . -2.42 24.54 -40.70
C2 MIY J . -0.46 23.94 -39.28
C1 MIY J . -1.26 23.16 -38.40
O1 MIY J . -2.30 22.63 -38.77
C3 MIY J . 0.88 24.00 -38.97
O2 MIY J . 1.65 24.90 -39.52
C4 MIY J . 1.61 23.05 -38.07
N1 MIY J . 2.79 23.72 -37.43
C20 MIY J . 3.52 22.61 -36.74
C19 MIY J . 2.37 24.80 -36.51
C5 MIY J . 0.72 22.32 -37.09
C18 MIY J . -0.69 22.94 -37.01
O7 MIY J . -0.73 24.19 -36.34
C17 MIY J . -1.64 22.00 -36.29
O6 MIY J . -2.81 22.48 -35.94
C16 MIY J . -1.36 20.72 -36.03
C7 MIY J . -0.03 20.13 -36.44
C6 MIY J . 0.39 20.96 -37.64
C15 MIY J . -2.37 19.88 -35.37
O5 MIY J . -3.46 20.42 -35.02
C14 MIY J . -2.11 18.41 -35.17
C9 MIY J . -1.02 17.82 -35.87
C8 MIY J . -0.17 18.66 -36.83
C13 MIY J . -2.90 17.63 -34.28
O4 MIY J . -3.91 18.21 -33.64
C12 MIY J . -2.61 16.27 -34.09
C11 MIY J . -1.54 15.67 -34.79
C10 MIY J . -0.74 16.44 -35.67
N7 MIY J . 0.36 15.88 -36.40
CN7 MIY J . -0.02 15.39 -37.73
C71 MIY J . 0.95 14.76 -35.68
S SO4 K . -1.33 45.45 -37.09
O1 SO4 K . -2.52 45.19 -37.94
O2 SO4 K . -1.47 46.77 -36.41
O3 SO4 K . -0.17 45.49 -38.02
O4 SO4 K . -1.17 44.39 -36.05
S SO4 L . -2.38 55.04 -21.72
O1 SO4 L . -3.29 55.72 -22.66
O2 SO4 L . -1.91 53.79 -22.37
O3 SO4 L . -3.08 54.77 -20.43
O4 SO4 L . -1.21 55.93 -21.47
S SO4 M . 7.60 35.90 -28.50
O1 SO4 M . 7.34 35.65 -29.94
O2 SO4 M . 9.07 35.92 -28.26
O3 SO4 M . 6.95 34.79 -27.74
O4 SO4 M . 7.00 37.18 -28.07
PA FAD N . 15.27 7.86 31.84
O1A FAD N . 14.30 6.69 32.20
O2A FAD N . 15.06 8.97 32.89
O5B FAD N . 16.75 7.39 31.64
C5B FAD N . 17.84 8.27 31.52
C4B FAD N . 19.01 7.37 31.83
O4B FAD N . 20.19 8.14 31.62
C3B FAD N . 18.97 6.87 33.30
O3B FAD N . 19.47 5.53 33.21
C2B FAD N . 20.02 7.77 33.95
O2B FAD N . 20.83 7.05 34.85
C1B FAD N . 20.96 8.08 32.78
N9A FAD N . 21.66 9.36 32.96
C8A FAD N . 21.14 10.53 33.53
N7A FAD N . 22.13 11.45 33.46
C5A FAD N . 23.23 10.86 32.85
C6A FAD N . 24.50 11.34 32.53
N6A FAD N . 24.82 12.61 32.77
N1A FAD N . 25.37 10.49 31.89
C2A FAD N . 25.06 9.15 31.58
N3A FAD N . 23.82 8.68 31.92
C4A FAD N . 22.93 9.53 32.55
N1 FAD N . 6.33 6.92 31.71
C2 FAD N . 5.47 5.93 31.27
O2 FAD N . 5.43 5.64 30.09
N3 FAD N . 4.62 5.24 32.16
C4 FAD N . 4.61 5.55 33.51
O4 FAD N . 3.84 4.95 34.25
C4X FAD N . 5.47 6.54 34.01
N5 FAD N . 5.49 6.86 35.37
C5X FAD N . 6.33 7.86 35.83
C6 FAD N . 6.35 8.19 37.18
C7 FAD N . 7.19 9.21 37.64
C7M FAD N . 7.15 9.52 39.10
C8 FAD N . 8.05 9.88 36.73
C8M FAD N . 9.02 10.97 37.10
C9 FAD N . 8.03 9.51 35.39
C9A FAD N . 7.17 8.53 34.92
N10 FAD N . 7.17 8.21 33.56
C10 FAD N . 6.32 7.23 33.08
C1' FAD N . 8.32 8.60 32.71
C2' FAD N . 9.06 7.34 32.39
O2' FAD N . 9.55 6.77 33.55
C3' FAD N . 10.14 7.68 31.38
O3' FAD N . 9.53 8.22 30.19
C4' FAD N . 11.04 6.55 30.92
O4' FAD N . 11.77 5.84 31.95
C5' FAD N . 11.95 7.60 30.36
O5' FAD N . 12.79 7.13 29.47
P FAD N . 14.16 7.78 29.16
O1P FAD N . 14.94 6.56 28.79
O2P FAD N . 14.14 8.77 27.99
O3P FAD N . 14.81 8.53 30.44
O8 MIY O . 2.02 4.30 41.77
C21 MIY O . 1.56 4.14 40.59
N2 MIY O . 1.29 2.88 40.26
C2 MIY O . 1.42 5.30 39.63
C1 MIY O . 0.96 5.04 38.30
O1 MIY O . 0.29 4.06 38.05
C3 MIY O . 1.67 6.61 39.91
O2 MIY O . 2.28 7.02 41.03
C4 MIY O . 1.14 7.81 39.09
N1 MIY O . 2.11 8.91 39.36
C20 MIY O . 1.41 10.07 38.67
C19 MIY O . 3.41 8.60 38.72
C5 MIY O . 0.83 7.48 37.65
C18 MIY O . 1.33 6.09 37.23
O7 MIY O . 2.73 6.05 37.03
C17 MIY O . 0.69 5.68 35.90
O6 MIY O . 1.22 4.66 35.29
C16 MIY O . -0.37 6.30 35.37
C7 MIY O . -0.98 7.47 36.07
C6 MIY O . -0.66 7.25 37.51
C15 MIY O . -0.93 5.83 34.11
O5 MIY O . -0.41 4.86 33.49
C14 MIY O . -2.16 6.47 33.58
C9 MIY O . -2.91 7.31 34.41
C8 MIY O . -2.47 7.57 35.85
C13 MIY O . -2.53 6.19 32.26
O4 MIY O . -1.74 5.32 31.52
C12 MIY O . -3.69 6.79 31.76
C11 MIY O . -4.47 7.66 32.56
C10 MIY O . -4.07 7.94 33.90
N7 MIY O . -4.82 8.79 34.73
CN7 MIY O . -5.86 8.03 35.45
C71 MIY O . -5.44 9.93 34.06
O8 MIY P . -2.59 9.63 20.67
C21 MIY P . -1.63 10.01 19.99
N2 MIY P . -0.69 10.76 20.63
C2 MIY P . -1.57 9.65 18.54
C1 MIY P . -0.72 10.45 17.65
O1 MIY P . 0.23 11.12 18.08
C3 MIY P . -2.32 8.66 17.97
O2 MIY P . -3.44 8.27 18.63
C4 MIY P . -2.02 8.02 16.59
N1 MIY P . -3.40 7.73 16.07
C20 MIY P . -3.04 7.00 14.84
C19 MIY P . -4.44 8.82 15.81
C5 MIY P . -1.07 8.92 15.70
C18 MIY P . -1.08 10.40 16.16
O7 MIY P . -2.38 11.03 16.05
C17 MIY P . 0.00 11.26 15.47
O6 MIY P . 0.02 12.58 15.58
C16 MIY P . 0.99 10.76 14.78
C7 MIY P . 1.08 9.26 14.56
C6 MIY P . 0.40 8.58 15.77
C15 MIY P . 1.93 11.67 14.16
O5 MIY P . 1.84 12.94 14.34
C14 MIY P . 3.09 11.10 13.40
C9 MIY P . 3.36 9.73 13.54
C8 MIY P . 2.52 8.79 14.42
C13 MIY P . 3.88 11.91 12.59
O4 MIY P . 3.62 13.21 12.43
C12 MIY P . 4.95 11.37 11.90
C11 MIY P . 5.23 10.00 12.03
C10 MIY P . 4.43 9.20 12.86
N7 MIY P . 4.68 7.83 13.02
CN7 MIY P . 5.54 7.65 14.18
C71 MIY P . 5.23 7.22 11.80
S SO4 Q . 21.55 -0.18 44.83
O1 SO4 Q . 21.91 0.94 43.88
O2 SO4 Q . 22.68 -0.51 45.74
O3 SO4 Q . 21.18 -1.38 44.04
O4 SO4 Q . 20.39 0.23 45.66
S SO4 R . 36.37 1.61 34.24
O1 SO4 R . 35.11 2.35 34.53
O2 SO4 R . 36.99 2.09 32.99
O3 SO4 R . 36.10 0.16 34.11
O4 SO4 R . 37.30 1.90 35.37
S SO4 S . 24.30 14.34 39.03
O1 SO4 S . 23.52 14.24 40.28
O2 SO4 S . 23.80 15.46 38.22
O3 SO4 S . 24.17 13.07 38.25
O4 SO4 S . 25.73 14.61 39.34
PA FAD T . 5.51 -33.78 -7.08
O1A FAD T . 5.89 -32.49 -6.40
O2A FAD T . 4.76 -34.70 -6.17
O5B FAD T . 4.80 -33.48 -8.47
C5B FAD T . 4.14 -34.46 -9.23
C4B FAD T . 3.28 -33.62 -10.17
O4B FAD T . 2.68 -34.51 -11.08
C3B FAD T . 2.17 -32.88 -9.42
O3B FAD T . 2.00 -31.63 -10.09
C2B FAD T . 0.96 -33.75 -9.68
O2B FAD T . -0.16 -32.97 -9.92
C1B FAD T . 1.29 -34.32 -11.05
N9A FAD T . 0.65 -35.63 -11.26
C8A FAD T . 0.42 -36.65 -10.33
N7A FAD T . -0.19 -37.66 -10.98
C5A FAD T . -0.34 -37.27 -12.31
C6A FAD T . -0.87 -37.88 -13.45
N6A FAD T . -1.32 -39.14 -13.42
N1A FAD T . -0.80 -37.25 -14.68
C2A FAD T . -0.27 -35.97 -14.83
N3A FAD T . 0.22 -35.37 -13.69
C4A FAD T . 0.17 -36.00 -12.48
N1 FAD T . 11.11 -32.11 -0.25
C2 FAD T . 12.07 -31.14 0.01
O2 FAD T . 13.04 -31.10 -0.71
N3 FAD T . 11.95 -30.25 1.10
C4 FAD T . 10.84 -30.31 1.94
O4 FAD T . 10.71 -29.53 2.88
C4X FAD T . 9.84 -31.26 1.71
N5 FAD T . 8.73 -31.33 2.55
C5X FAD T . 7.79 -32.30 2.31
C6 FAD T . 6.68 -32.41 3.12
C7 FAD T . 5.72 -33.38 2.90
C7M FAD T . 4.56 -33.39 3.86
C8 FAD T . 5.86 -34.28 1.82
C8M FAD T . 4.86 -35.37 1.48
C9 FAD T . 6.98 -34.16 0.99
C9A FAD T . 7.94 -33.19 1.22
N10 FAD T . 9.06 -33.13 0.40
C10 FAD T . 10.01 -32.16 0.63
C1' FAD T . 9.04 -33.78 -0.95
C2' FAD T . 8.98 -32.66 -1.97
O2' FAD T . 7.83 -31.89 -1.78
C3' FAD T . 9.09 -33.26 -3.35
O3' FAD T . 10.34 -33.97 -3.47
C4' FAD T . 9.01 -32.31 -4.54
O4' FAD T . 7.77 -31.54 -4.62
C5' FAD T . 8.79 -33.53 -5.38
O5' FAD T . 8.99 -33.31 -6.65
P FAD T . 8.27 -34.05 -7.80
O1P FAD T . 8.27 -32.99 -8.88
O2P FAD T . 9.09 -35.28 -8.26
O3P FAD T . 6.82 -34.62 -7.46
O8 MIY U . 6.07 -27.41 8.56
C21 MIY U . 7.26 -27.41 8.19
N2 MIY U . 7.78 -26.20 8.06
C2 MIY U . 7.98 -28.70 7.91
C1 MIY U . 9.35 -28.65 7.43
O1 MIY U . 10.02 -27.65 7.58
C3 MIY U . 7.53 -29.94 8.23
O2 MIY U . 6.25 -30.18 8.35
C4 MIY U . 8.37 -31.22 8.29
N1 MIY U . 7.49 -32.32 7.85
C20 MIY U . 8.27 -33.51 8.30
C19 MIY U . 7.14 -32.38 6.40
C5 MIY U . 9.75 -31.16 7.64
C18 MIY U . 9.90 -29.90 6.73
O7 MIY U . 9.23 -30.03 5.51
C17 MIY U . 11.36 -29.68 6.38
O6 MIY U . 11.60 -28.82 5.40
C16 MIY U . 12.37 -30.26 7.04
C7 MIY U . 12.08 -31.23 8.14
C6 MIY U . 10.74 -30.81 8.70
C15 MIY U . 13.75 -29.96 6.69
O5 MIY U . 14.03 -29.18 5.73
C14 MIY U . 14.84 -30.56 7.50
C9 MIY U . 14.56 -31.19 8.71
C8 MIY U . 13.14 -31.22 9.23
C13 MIY U . 16.16 -30.49 7.00
O4 MIY U . 16.36 -29.88 5.83
C12 MIY U . 17.20 -31.05 7.74
C11 MIY U . 16.92 -31.69 8.97
C10 MIY U . 15.61 -31.76 9.46
N7 MIY U . 15.32 -32.40 10.67
CN7 MIY U . 15.42 -31.46 11.79
C71 MIY U . 16.16 -33.58 10.90
O8 MIY V . 29.22 -31.60 3.18
C21 MIY V . 29.09 -31.85 1.99
N2 MIY V . 29.87 -32.89 1.57
C2 MIY V . 28.16 -31.07 1.11
C1 MIY V . 28.35 -31.28 -0.33
O1 MIY V . 29.01 -32.22 -0.84
C3 MIY V . 27.34 -30.02 1.53
O2 MIY V . 27.86 -29.08 2.34
C4 MIY V . 26.08 -29.50 0.77
N1 MIY V . 25.63 -28.13 1.19
C20 MIY V . 24.16 -28.12 0.85
C19 MIY V . 25.76 -27.91 2.67
C5 MIY V . 26.23 -30.11 -0.64
C18 MIY V . 27.64 -30.30 -1.23
O7 MIY V . 28.51 -29.12 -1.26
C17 MIY V . 27.50 -30.98 -2.57
O6 MIY V . 28.57 -30.92 -3.37
C16 MIY V . 26.38 -31.68 -2.95
C7 MIY V . 25.10 -31.74 -2.12
C6 MIY V . 25.43 -31.42 -0.65
C15 MIY V . 26.36 -32.34 -4.24
O5 MIY V . 27.35 -32.18 -5.02
C14 MIY V . 25.18 -33.21 -4.64
C9 MIY V . 24.19 -33.53 -3.73
C8 MIY V . 24.29 -33.06 -2.29
C13 MIY V . 25.11 -33.65 -5.93
O4 MIY V . 26.08 -33.30 -6.76
C12 MIY V . 24.07 -34.45 -6.39
C11 MIY V . 23.06 -34.74 -5.49
C10 MIY V . 23.13 -34.29 -4.18
N7 MIY V . 22.09 -34.61 -3.30
CN7 MIY V . 22.11 -35.96 -2.81
C71 MIY V . 20.87 -34.33 -4.06
O8 MIY W . 24.80 -35.53 0.58
C21 MIY W . 24.90 -36.41 -0.26
N2 MIY W . 23.90 -37.32 -0.29
C2 MIY W . 26.07 -36.43 -1.19
C1 MIY W . 26.15 -37.40 -2.29
O1 MIY W . 25.13 -38.01 -2.72
C3 MIY W . 27.13 -35.56 -1.14
O2 MIY W . 27.43 -34.97 0.04
C4 MIY W . 28.05 -35.21 -2.33
N1 MIY W . 29.35 -34.83 -1.66
C20 MIY W . 30.24 -34.43 -2.75
C19 MIY W . 30.02 -35.79 -0.73
C5 MIY W . 28.13 -36.29 -3.41
C18 MIY W . 27.58 -37.62 -2.85
O7 MIY W . 28.40 -38.13 -1.81
C17 MIY W . 27.45 -38.67 -3.92
O6 MIY W . 27.27 -39.94 -3.47
C16 MIY W . 27.44 -38.37 -5.23
C7 MIY W . 27.65 -36.96 -5.76
C6 MIY W . 27.23 -36.02 -4.62
C15 MIY W . 27.31 -39.48 -6.16
O5 MIY W . 27.13 -40.65 -5.67
C14 MIY W . 27.23 -39.18 -7.63
C9 MIY W . 27.07 -37.84 -8.13
C8 MIY W . 26.98 -36.68 -7.13
C13 MIY W . 27.33 -40.29 -8.47
O4 MIY W . 27.50 -41.55 -7.96
C12 MIY W . 27.25 -40.08 -9.83
C11 MIY W . 27.07 -38.79 -10.32
C10 MIY W . 27.00 -37.65 -9.52
N7 MIY W . 26.78 -36.43 -10.27
CN7 MIY W . 27.88 -35.57 -10.64
C71 MIY W . 25.72 -35.63 -9.65
S SO4 X . -7.81 -24.36 -6.17
O1 SO4 X . -8.29 -23.67 -7.40
O2 SO4 X . -7.15 -25.65 -6.59
O3 SO4 X . -8.98 -24.59 -5.27
O4 SO4 X . -6.85 -23.49 -5.45
S SO4 Y . -8.60 -29.16 -23.24
O1 SO4 Y . -8.65 -27.71 -23.52
O2 SO4 Y . -7.46 -29.68 -24.02
O3 SO4 Y . -9.88 -29.80 -23.70
O4 SO4 Y . -8.41 -29.44 -21.79
S SO4 Z . -2.01 -37.75 -4.44
O1 SO4 Z . -1.39 -36.65 -5.24
O2 SO4 Z . -2.83 -38.61 -5.31
O3 SO4 Z . -2.84 -37.16 -3.35
O4 SO4 Z . -0.93 -38.62 -3.87
#